data_2HXY
#
_entry.id   2HXY
#
_cell.length_a   150.220
_cell.length_b   238.050
_cell.length_c   79.520
_cell.angle_alpha   90.00
_cell.angle_beta   90.00
_cell.angle_gamma   90.00
#
_symmetry.space_group_name_H-M   'P 21 21 2'
#
_entity_poly.entity_id   1
_entity_poly.type   'polypeptide(L)'
_entity_poly.pdbx_seq_one_letter_code
;MTKVEFETSEEVDVTPTFDTMGLREDLLRGIYAYGFEKPSAIQQRAIKQIIKGRDVIAQSQSGTGKTATFSISVLQCLDI
QVRETQALILAPTRELAVQIQKGLLALGDYMNVQCHACIGGTNVGEDIRKLDYGQHVVAGTPGRVFDMIRRRSLRTRAIK
MLVLDEADEMLNKGFKEQIYDVYRYLPPATQVVLISATLPHEILEMTNKFMTDPIRILVKRDELTLEGIKQFFVAVEREE
WKFDTLCDLYDTLTITQAVIFCNTKRKVDWLTEKMREANFTVSSMHGDMPQKERESIMKEFRSGASRVLISTDVWARGLD
VPQVSLIINYDLPNNRELYIHRIGRSGRYGRKGVAINFVKNDDIRILRDIEQYYSTQIDEMPMNVADLILE
;
_entity_poly.pdbx_strand_id   A,B,C,D
#
# COMPACT_ATOMS: atom_id res chain seq x y z
N PRO A 16 41.17 41.82 39.97
CA PRO A 16 40.53 40.56 39.53
C PRO A 16 40.24 40.63 38.04
N THR A 17 40.96 39.83 37.25
CA THR A 17 40.76 39.82 35.82
C THR A 17 40.61 38.42 35.24
N PHE A 18 40.45 38.35 33.92
CA PHE A 18 40.32 37.10 33.24
C PHE A 18 41.68 36.48 33.00
N ASP A 19 42.71 37.30 33.11
CA ASP A 19 44.06 36.83 32.90
C ASP A 19 44.47 35.71 33.86
N THR A 20 44.18 35.92 35.14
CA THR A 20 44.55 34.93 36.16
C THR A 20 43.67 33.69 36.25
N MET A 21 42.73 33.54 35.31
CA MET A 21 41.83 32.38 35.37
C MET A 21 42.29 31.22 34.52
N GLY A 22 43.44 31.40 33.86
CA GLY A 22 43.98 30.36 33.02
C GLY A 22 43.00 29.87 31.96
N LEU A 23 42.38 30.81 31.27
CA LEU A 23 41.43 30.47 30.23
C LEU A 23 42.27 30.41 28.98
N ARG A 24 41.90 29.57 28.03
CA ARG A 24 42.64 29.44 26.77
C ARG A 24 42.75 30.78 26.04
N GLU A 25 43.82 30.94 25.27
CA GLU A 25 44.07 32.19 24.55
C GLU A 25 42.98 32.65 23.59
N ASP A 26 42.73 31.84 22.56
CA ASP A 26 41.74 32.18 21.56
C ASP A 26 40.41 32.62 22.14
N LEU A 27 40.18 32.31 23.41
CA LEU A 27 38.94 32.72 24.04
C LEU A 27 39.13 34.06 24.71
N LEU A 28 40.19 34.16 25.48
CA LEU A 28 40.50 35.39 26.17
C LEU A 28 40.52 36.52 25.16
N ARG A 29 40.93 36.21 23.93
CA ARG A 29 41.00 37.22 22.87
C ARG A 29 39.55 37.62 22.59
N GLY A 30 38.71 36.63 22.35
CA GLY A 30 37.31 36.89 22.08
C GLY A 30 36.67 37.68 23.19
N ILE A 31 36.99 37.32 24.42
CA ILE A 31 36.45 38.02 25.58
C ILE A 31 36.75 39.50 25.49
N TYR A 32 38.01 39.84 25.37
CA TYR A 32 38.39 41.23 25.31
C TYR A 32 37.84 41.90 24.05
N ALA A 33 37.79 41.15 22.95
CA ALA A 33 37.30 41.71 21.69
C ALA A 33 35.82 41.96 21.78
N TYR A 34 35.15 41.11 22.53
CA TYR A 34 33.72 41.25 22.73
C TYR A 34 33.55 42.51 23.56
N GLY A 35 34.62 42.96 24.19
CA GLY A 35 34.56 44.17 25.00
C GLY A 35 34.49 43.94 26.49
N PHE A 36 34.19 42.73 26.91
CA PHE A 36 34.09 42.40 28.33
C PHE A 36 35.51 42.48 28.88
N GLU A 37 35.88 43.60 29.52
CA GLU A 37 37.25 43.75 30.04
C GLU A 37 37.56 43.37 31.48
N LYS A 38 36.56 43.32 32.34
CA LYS A 38 36.83 42.95 33.71
C LYS A 38 35.61 42.27 34.31
N PRO A 39 35.81 41.08 34.87
CA PRO A 39 34.74 40.29 35.49
C PRO A 39 34.41 40.75 36.91
N SER A 40 33.14 40.59 37.28
CA SER A 40 32.67 40.97 38.61
C SER A 40 33.42 40.15 39.64
N ALA A 41 33.19 40.45 40.91
CA ALA A 41 33.86 39.71 41.97
C ALA A 41 33.23 38.32 42.06
N ILE A 42 31.89 38.32 42.09
CA ILE A 42 31.11 37.10 42.19
C ILE A 42 31.22 36.32 40.88
N GLN A 43 31.08 37.01 39.75
CA GLN A 43 31.16 36.37 38.46
C GLN A 43 32.43 35.58 38.31
N GLN A 44 33.52 36.11 38.86
CA GLN A 44 34.77 35.39 38.76
C GLN A 44 34.56 34.02 39.40
N ARG A 45 33.94 33.99 40.56
CA ARG A 45 33.68 32.73 41.25
C ARG A 45 32.86 31.81 40.33
N ALA A 46 31.71 32.31 39.88
CA ALA A 46 30.87 31.51 39.00
C ALA A 46 31.72 30.86 37.94
N ILE A 47 32.45 31.68 37.20
CA ILE A 47 33.29 31.15 36.14
C ILE A 47 34.27 30.15 36.70
N LYS A 48 35.14 30.61 37.59
CA LYS A 48 36.16 29.77 38.18
C LYS A 48 35.58 28.42 38.57
N GLN A 49 34.44 28.46 39.25
CA GLN A 49 33.78 27.25 39.73
C GLN A 49 33.14 26.36 38.68
N ILE A 50 32.52 26.94 37.66
CA ILE A 50 31.91 26.13 36.62
C ILE A 50 33.01 25.39 35.90
N ILE A 51 34.14 26.04 35.69
CA ILE A 51 35.25 25.41 35.02
C ILE A 51 35.75 24.23 35.83
N LYS A 52 35.87 24.39 37.14
CA LYS A 52 36.33 23.30 38.00
C LYS A 52 35.45 22.08 37.75
N GLY A 53 34.22 22.33 37.32
CA GLY A 53 33.28 21.27 37.04
C GLY A 53 32.14 21.20 38.02
N ARG A 54 32.26 21.92 39.12
CA ARG A 54 31.21 21.91 40.13
C ARG A 54 29.82 22.29 39.61
N ASP A 55 28.77 21.72 40.20
CA ASP A 55 27.42 22.08 39.82
C ASP A 55 27.23 23.44 40.46
N VAL A 56 26.67 24.38 39.72
CA VAL A 56 26.50 25.72 40.25
C VAL A 56 25.09 26.29 40.24
N ILE A 57 24.80 27.08 41.27
CA ILE A 57 23.50 27.73 41.36
C ILE A 57 23.82 29.19 41.48
N ALA A 58 23.86 29.89 40.36
CA ALA A 58 24.18 31.31 40.40
C ALA A 58 22.93 32.14 40.28
N GLN A 59 22.75 33.04 41.23
CA GLN A 59 21.60 33.91 41.22
C GLN A 59 21.93 35.11 40.34
N SER A 60 21.12 35.30 39.31
CA SER A 60 21.29 36.38 38.38
C SER A 60 20.96 37.70 39.03
N GLN A 61 21.67 38.75 38.63
CA GLN A 61 21.41 40.09 39.15
C GLN A 61 21.53 41.09 38.01
N SER A 62 20.53 41.98 37.89
CA SER A 62 20.53 42.99 36.85
C SER A 62 21.90 43.64 36.79
N GLY A 63 22.63 43.35 35.71
CA GLY A 63 23.96 43.90 35.58
C GLY A 63 24.53 43.66 34.20
N THR A 64 25.85 43.58 34.13
CA THR A 64 26.57 43.40 32.87
C THR A 64 26.80 41.95 32.44
N GLY A 65 26.44 41.67 31.18
CA GLY A 65 26.61 40.35 30.62
C GLY A 65 26.43 39.17 31.56
N LYS A 66 25.21 38.98 32.07
CA LYS A 66 24.98 37.84 32.95
C LYS A 66 24.93 36.62 32.06
N THR A 67 25.01 36.89 30.75
CA THR A 67 25.04 35.88 29.70
C THR A 67 26.48 35.41 29.56
N ALA A 68 27.35 36.33 29.19
CA ALA A 68 28.77 36.04 29.02
C ALA A 68 29.36 35.24 30.16
N THR A 69 29.14 35.68 31.40
CA THR A 69 29.70 34.96 32.52
C THR A 69 29.63 33.44 32.35
N PHE A 70 28.46 32.89 32.10
CA PHE A 70 28.41 31.46 31.94
C PHE A 70 28.86 31.02 30.55
N SER A 71 28.62 31.86 29.55
CA SER A 71 29.04 31.55 28.19
C SER A 71 30.54 31.36 28.18
N ILE A 72 31.25 32.29 28.82
CA ILE A 72 32.70 32.20 28.90
C ILE A 72 33.03 30.84 29.49
N SER A 73 32.25 30.44 30.51
CA SER A 73 32.45 29.17 31.16
C SER A 73 32.28 28.06 30.17
N VAL A 74 31.08 27.98 29.59
CA VAL A 74 30.79 26.95 28.60
C VAL A 74 31.89 26.83 27.58
N LEU A 75 32.18 27.91 26.89
CA LEU A 75 33.23 27.90 25.88
C LEU A 75 34.53 27.30 26.35
N GLN A 76 35.06 27.79 27.47
CA GLN A 76 36.33 27.29 28.00
C GLN A 76 36.36 25.76 28.06
N CYS A 77 35.31 25.19 28.64
CA CYS A 77 35.24 23.75 28.79
C CYS A 77 34.71 23.03 27.54
N LEU A 78 35.49 23.09 26.46
CA LEU A 78 35.11 22.45 25.20
C LEU A 78 36.28 21.72 24.54
N ASP A 79 35.97 20.82 23.62
CA ASP A 79 37.00 20.08 22.89
C ASP A 79 36.73 20.33 21.41
N ILE A 80 37.23 21.45 20.92
CA ILE A 80 37.02 21.84 19.53
C ILE A 80 37.12 20.69 18.55
N GLN A 81 38.30 20.08 18.50
CA GLN A 81 38.62 18.98 17.61
C GLN A 81 37.56 17.87 17.56
N VAL A 82 36.62 17.87 18.50
CA VAL A 82 35.56 16.87 18.53
C VAL A 82 34.23 17.52 18.25
N ARG A 83 33.89 17.65 16.97
CA ARG A 83 32.64 18.30 16.59
C ARG A 83 31.38 17.50 16.91
N GLU A 84 30.84 17.74 18.09
CA GLU A 84 29.61 17.12 18.53
C GLU A 84 29.13 17.87 19.77
N THR A 85 27.82 18.02 19.92
CA THR A 85 27.23 18.73 21.04
C THR A 85 27.78 18.35 22.41
N GLN A 86 28.52 19.28 23.02
CA GLN A 86 29.16 19.08 24.34
C GLN A 86 28.51 19.89 25.45
N ALA A 87 27.80 20.94 25.10
CA ALA A 87 27.14 21.75 26.11
C ALA A 87 25.75 22.14 25.61
N LEU A 88 24.76 22.02 26.48
CA LEU A 88 23.38 22.33 26.11
C LEU A 88 22.79 23.39 27.03
N ILE A 89 22.27 24.46 26.43
CA ILE A 89 21.69 25.56 27.18
C ILE A 89 20.20 25.70 26.92
N LEU A 90 19.39 25.80 27.97
CA LEU A 90 17.97 25.97 27.79
C LEU A 90 17.57 27.33 28.26
N ALA A 91 16.69 27.99 27.51
CA ALA A 91 16.22 29.32 27.89
C ALA A 91 14.72 29.40 27.74
N PRO A 92 14.09 30.36 28.41
CA PRO A 92 12.65 30.52 28.35
C PRO A 92 12.03 31.04 27.05
N THR A 93 12.85 31.62 26.18
CA THR A 93 12.30 32.16 24.94
C THR A 93 13.19 32.01 23.72
N ARG A 94 12.56 31.86 22.57
CA ARG A 94 13.26 31.71 21.31
C ARG A 94 14.23 32.88 21.17
N GLU A 95 13.69 34.08 21.25
CA GLU A 95 14.50 35.29 21.16
C GLU A 95 15.77 35.16 21.99
N LEU A 96 15.58 34.94 23.28
CA LEU A 96 16.71 34.81 24.19
C LEU A 96 17.66 33.65 23.84
N ALA A 97 17.09 32.53 23.41
CA ALA A 97 17.88 31.36 23.04
C ALA A 97 18.90 31.78 22.01
N VAL A 98 18.42 32.56 21.05
CA VAL A 98 19.24 33.08 19.98
C VAL A 98 20.33 34.00 20.52
N GLN A 99 19.93 34.99 21.31
CA GLN A 99 20.87 35.93 21.90
C GLN A 99 22.06 35.13 22.40
N ILE A 100 21.78 34.17 23.26
CA ILE A 100 22.80 33.31 23.84
C ILE A 100 23.74 32.79 22.77
N GLN A 101 23.18 32.43 21.62
CA GLN A 101 23.98 31.94 20.51
C GLN A 101 24.82 33.07 19.95
N LYS A 102 24.15 34.11 19.45
CA LYS A 102 24.86 35.24 18.87
C LYS A 102 26.01 35.67 19.77
N GLY A 103 25.77 35.55 21.07
CA GLY A 103 26.78 35.92 22.06
C GLY A 103 27.89 34.88 22.12
N LEU A 104 27.53 33.63 22.23
CA LEU A 104 28.54 32.58 22.28
C LEU A 104 29.47 32.68 21.08
N LEU A 105 28.87 32.87 19.91
CA LEU A 105 29.61 32.96 18.67
C LEU A 105 30.52 34.16 18.69
N ALA A 106 30.01 35.26 19.20
CA ALA A 106 30.78 36.47 19.28
C ALA A 106 31.95 36.31 20.26
N LEU A 107 31.76 35.49 21.28
CA LEU A 107 32.82 35.31 22.27
C LEU A 107 33.91 34.36 21.82
N GLY A 108 33.54 33.38 20.99
CA GLY A 108 34.52 32.42 20.53
C GLY A 108 34.87 32.60 19.07
N ASP A 109 34.55 33.78 18.53
CA ASP A 109 34.81 34.06 17.13
C ASP A 109 36.21 33.55 16.77
N TYR A 110 37.12 33.60 17.72
CA TYR A 110 38.49 33.16 17.48
C TYR A 110 38.77 31.70 17.83
N MET A 111 37.70 30.95 18.07
CA MET A 111 37.83 29.55 18.39
C MET A 111 37.21 28.71 17.28
N ASN A 112 36.72 29.38 16.23
CA ASN A 112 36.11 28.66 15.12
C ASN A 112 35.21 27.59 15.74
N VAL A 113 34.27 28.05 16.56
CA VAL A 113 33.33 27.17 17.25
C VAL A 113 31.98 27.17 16.52
N GLN A 114 31.32 26.01 16.52
CA GLN A 114 30.01 25.87 15.89
C GLN A 114 28.96 25.87 17.00
N CYS A 115 27.98 26.76 16.92
CA CYS A 115 26.97 26.86 17.94
C CYS A 115 25.60 27.19 17.33
N HIS A 116 24.56 26.47 17.72
CA HIS A 116 23.25 26.70 17.14
C HIS A 116 22.12 26.82 18.16
N ALA A 117 21.08 27.56 17.76
CA ALA A 117 19.90 27.74 18.57
C ALA A 117 18.74 27.05 17.87
N CYS A 118 17.99 26.23 18.59
CA CYS A 118 16.90 25.53 17.94
C CYS A 118 15.55 26.23 18.13
N ILE A 119 14.74 26.14 17.10
CA ILE A 119 13.39 26.68 17.02
C ILE A 119 13.06 27.21 15.64
N GLY A 120 11.77 27.49 15.46
CA GLY A 120 11.23 28.04 14.25
C GLY A 120 10.02 27.22 13.89
N GLY A 121 10.27 26.06 13.29
CA GLY A 121 9.24 25.15 12.84
C GLY A 121 9.31 25.24 11.33
N THR A 122 9.34 26.47 10.82
CA THR A 122 9.47 26.70 9.38
C THR A 122 10.92 26.39 9.11
N ASN A 123 11.67 26.24 10.20
CA ASN A 123 13.09 25.98 10.12
C ASN A 123 13.56 24.59 10.56
N VAL A 124 12.66 23.80 11.15
CA VAL A 124 13.01 22.45 11.63
C VAL A 124 13.95 21.68 10.71
N GLY A 125 13.89 21.93 9.40
CA GLY A 125 14.75 21.24 8.46
C GLY A 125 16.17 21.76 8.58
N GLU A 126 16.29 23.07 8.62
CA GLU A 126 17.60 23.72 8.77
C GLU A 126 18.07 23.37 10.18
N ASP A 127 17.13 23.29 11.11
CA ASP A 127 17.43 22.93 12.50
C ASP A 127 18.21 21.61 12.52
N ILE A 128 17.57 20.55 12.01
CA ILE A 128 18.18 19.24 11.97
C ILE A 128 19.39 19.22 11.07
N ARG A 129 19.34 19.98 9.99
CA ARG A 129 20.44 20.06 9.05
C ARG A 129 21.73 20.39 9.80
N LYS A 130 21.69 21.44 10.61
CA LYS A 130 22.87 21.85 11.36
C LYS A 130 23.25 20.91 12.50
N LEU A 131 22.27 20.45 13.26
CA LEU A 131 22.57 19.55 14.36
C LEU A 131 23.48 18.42 13.92
N ASP A 132 23.37 18.02 12.65
CA ASP A 132 24.21 16.95 12.10
C ASP A 132 25.60 17.41 11.71
N TYR A 133 25.73 18.64 11.23
CA TYR A 133 27.04 19.15 10.86
C TYR A 133 27.88 19.11 12.12
N GLY A 134 27.20 19.00 13.26
CA GLY A 134 27.87 18.92 14.54
C GLY A 134 27.96 20.24 15.27
N GLN A 135 26.97 20.52 16.12
CA GLN A 135 26.94 21.77 16.86
C GLN A 135 27.58 21.63 18.24
N HIS A 136 28.73 22.27 18.44
CA HIS A 136 29.44 22.22 19.71
C HIS A 136 28.60 22.61 20.90
N VAL A 137 27.65 23.51 20.68
CA VAL A 137 26.80 23.97 21.77
C VAL A 137 25.41 24.24 21.23
N VAL A 138 24.38 23.84 21.95
CA VAL A 138 23.04 24.08 21.46
C VAL A 138 22.24 24.80 22.51
N ALA A 139 21.37 25.69 22.06
CA ALA A 139 20.51 26.44 22.94
C ALA A 139 19.13 26.38 22.34
N GLY A 140 18.10 26.48 23.17
CA GLY A 140 16.75 26.44 22.66
C GLY A 140 15.79 26.32 23.83
N THR A 141 14.51 26.54 23.61
CA THR A 141 13.56 26.41 24.70
C THR A 141 13.54 24.95 25.06
N PRO A 142 13.20 24.62 26.31
CA PRO A 142 13.14 23.22 26.76
C PRO A 142 12.29 22.34 25.84
N GLY A 143 11.19 22.92 25.34
CA GLY A 143 10.34 22.16 24.45
C GLY A 143 11.11 21.74 23.22
N ARG A 144 11.44 22.71 22.40
CA ARG A 144 12.16 22.43 21.17
C ARG A 144 13.37 21.56 21.39
N VAL A 145 14.19 21.88 22.38
CA VAL A 145 15.38 21.07 22.61
C VAL A 145 15.04 19.60 22.84
N PHE A 146 13.98 19.35 23.59
CA PHE A 146 13.57 17.99 23.88
C PHE A 146 13.18 17.29 22.62
N ASP A 147 12.46 18.01 21.75
CA ASP A 147 12.02 17.47 20.48
C ASP A 147 13.23 16.94 19.71
N MET A 148 14.18 17.82 19.43
CA MET A 148 15.37 17.39 18.72
C MET A 148 16.09 16.19 19.37
N ILE A 149 15.86 15.97 20.66
CA ILE A 149 16.50 14.85 21.35
C ILE A 149 15.68 13.61 21.10
N ARG A 150 14.36 13.79 21.14
CA ARG A 150 13.41 12.71 20.90
C ARG A 150 13.54 12.24 19.47
N ARG A 151 13.60 13.18 18.53
CA ARG A 151 13.74 12.86 17.11
C ARG A 151 15.12 12.26 16.80
N ARG A 152 15.88 11.95 17.84
CA ARG A 152 17.18 11.36 17.62
C ARG A 152 18.09 12.24 16.77
N SER A 153 17.76 13.52 16.65
CA SER A 153 18.54 14.47 15.87
C SER A 153 19.68 15.09 16.66
N LEU A 154 19.43 15.34 17.94
CA LEU A 154 20.40 15.94 18.86
C LEU A 154 21.13 14.84 19.63
N ARG A 155 22.46 14.81 19.48
CA ARG A 155 23.29 13.79 20.14
C ARG A 155 23.78 14.11 21.56
N THR A 156 23.09 13.57 22.56
CA THR A 156 23.45 13.79 23.95
C THR A 156 24.73 13.07 24.32
N ARG A 157 24.89 11.85 23.85
CA ARG A 157 26.09 11.05 24.12
C ARG A 157 27.27 11.81 24.70
N ALA A 158 27.79 12.78 23.96
CA ALA A 158 28.96 13.52 24.39
C ALA A 158 28.71 14.83 25.12
N ILE A 159 27.49 15.07 25.56
CA ILE A 159 27.16 16.29 26.28
C ILE A 159 27.75 16.19 27.69
N LYS A 160 28.43 17.23 28.13
CA LYS A 160 29.01 17.20 29.46
C LYS A 160 28.61 18.41 30.31
N MET A 161 27.63 19.19 29.86
CA MET A 161 27.21 20.36 30.62
C MET A 161 25.85 20.87 30.23
N LEU A 162 24.96 20.97 31.21
CA LEU A 162 23.61 21.46 30.96
C LEU A 162 23.48 22.79 31.69
N VAL A 163 23.09 23.84 30.97
CA VAL A 163 22.95 25.15 31.59
C VAL A 163 21.50 25.55 31.49
N LEU A 164 20.88 25.86 32.62
CA LEU A 164 19.48 26.29 32.62
C LEU A 164 19.37 27.79 32.94
N ASP A 165 19.49 28.62 31.90
CA ASP A 165 19.44 30.08 32.04
C ASP A 165 18.04 30.58 32.40
N GLU A 166 17.96 31.68 33.15
CA GLU A 166 16.68 32.26 33.56
C GLU A 166 15.69 31.17 33.90
N ALA A 167 16.13 30.18 34.68
CA ALA A 167 15.29 29.06 35.08
C ALA A 167 14.01 29.51 35.77
N ASP A 168 14.12 30.39 36.77
CA ASP A 168 12.91 30.82 37.44
C ASP A 168 11.86 31.14 36.39
N GLU A 169 12.26 31.79 35.30
CA GLU A 169 11.31 32.15 34.25
C GLU A 169 10.83 30.90 33.54
N MET A 170 11.75 30.02 33.16
CA MET A 170 11.37 28.79 32.48
C MET A 170 10.16 28.16 33.14
N LEU A 171 10.09 28.26 34.45
CA LEU A 171 8.97 27.69 35.19
C LEU A 171 7.69 28.50 35.08
N ASN A 172 7.80 29.82 35.18
CA ASN A 172 6.63 30.68 35.07
C ASN A 172 5.96 30.41 33.72
N LYS A 173 6.75 29.91 32.77
CA LYS A 173 6.24 29.59 31.43
C LYS A 173 5.94 28.10 31.32
N GLY A 174 5.90 27.46 32.49
CA GLY A 174 5.59 26.03 32.59
C GLY A 174 6.34 25.06 31.71
N PHE A 175 7.66 24.96 31.91
CA PHE A 175 8.47 24.03 31.14
C PHE A 175 8.96 22.94 32.09
N LYS A 176 8.45 23.00 33.32
CA LYS A 176 8.85 22.05 34.35
C LYS A 176 9.18 20.68 33.78
N GLU A 177 8.17 19.96 33.31
CA GLU A 177 8.37 18.63 32.78
C GLU A 177 9.42 18.53 31.68
N GLN A 178 9.29 19.33 30.64
CA GLN A 178 10.27 19.27 29.55
C GLN A 178 11.72 19.29 30.04
N ILE A 179 11.99 20.19 30.98
CA ILE A 179 13.33 20.29 31.54
C ILE A 179 13.69 18.90 32.07
N TYR A 180 12.89 18.42 33.02
CA TYR A 180 13.13 17.12 33.63
C TYR A 180 13.42 16.06 32.59
N ASP A 181 12.56 15.99 31.56
CA ASP A 181 12.71 15.02 30.48
C ASP A 181 14.09 15.13 29.84
N VAL A 182 14.51 16.36 29.55
CA VAL A 182 15.81 16.58 28.92
C VAL A 182 16.99 16.12 29.75
N TYR A 183 16.87 16.26 31.08
CA TYR A 183 17.93 15.82 31.96
C TYR A 183 18.11 14.32 31.74
N ARG A 184 16.97 13.61 31.74
CA ARG A 184 16.97 12.18 31.57
C ARG A 184 17.80 11.75 30.35
N TYR A 185 17.61 12.38 29.19
CA TYR A 185 18.38 11.96 28.02
C TYR A 185 19.88 12.25 28.15
N LEU A 186 20.17 13.18 29.06
CA LEU A 186 21.56 13.46 29.27
C LEU A 186 22.19 12.35 30.03
N PRO A 187 23.52 12.15 29.80
CA PRO A 187 24.34 11.09 30.46
C PRO A 187 24.26 11.09 32.01
N PRO A 188 24.69 10.00 32.69
CA PRO A 188 24.61 9.94 34.16
C PRO A 188 25.28 11.11 34.87
N ALA A 189 26.61 11.25 34.94
CA ALA A 189 27.16 12.42 35.63
C ALA A 189 27.23 13.63 34.67
N THR A 190 26.24 14.51 34.76
CA THR A 190 26.31 15.70 33.92
C THR A 190 26.36 16.93 34.77
N GLN A 191 27.27 17.85 34.40
CA GLN A 191 27.46 19.10 35.11
C GLN A 191 26.28 19.96 34.79
N VAL A 192 25.65 20.51 35.81
CA VAL A 192 24.48 21.36 35.60
C VAL A 192 24.59 22.73 36.27
N VAL A 193 24.63 23.79 35.48
CA VAL A 193 24.75 25.13 36.00
C VAL A 193 23.40 25.80 35.95
N LEU A 194 22.76 26.11 37.07
CA LEU A 194 21.47 26.77 36.92
C LEU A 194 21.58 28.25 37.18
N ILE A 195 21.10 29.06 36.25
CA ILE A 195 21.14 30.51 36.41
C ILE A 195 19.76 31.01 36.68
N SER A 196 19.61 31.89 37.65
CA SER A 196 18.28 32.41 37.93
C SER A 196 18.15 33.58 38.85
N ALA A 197 17.36 34.56 38.42
CA ALA A 197 17.13 35.75 39.21
C ALA A 197 16.50 35.47 40.57
N THR A 198 15.53 34.55 40.63
CA THR A 198 14.87 34.20 41.90
C THR A 198 15.03 32.74 42.24
N LEU A 199 14.81 32.37 43.49
CA LEU A 199 14.98 30.96 43.84
C LEU A 199 13.84 30.47 44.69
N PRO A 200 12.76 30.03 44.04
CA PRO A 200 11.53 29.50 44.62
C PRO A 200 11.71 28.16 45.31
N HIS A 201 10.74 27.82 46.16
CA HIS A 201 10.77 26.55 46.90
C HIS A 201 10.62 25.35 45.97
N GLU A 202 10.63 25.62 44.67
CA GLU A 202 10.47 24.58 43.67
C GLU A 202 11.65 24.50 42.69
N ILE A 203 12.46 25.56 42.64
CA ILE A 203 13.66 25.57 41.79
C ILE A 203 14.66 24.77 42.59
N LEU A 204 14.45 24.77 43.90
CA LEU A 204 15.32 24.05 44.79
C LEU A 204 14.94 22.62 44.60
N GLU A 205 13.65 22.36 44.52
CA GLU A 205 13.15 20.99 44.32
C GLU A 205 13.79 20.38 43.09
N MET A 206 14.20 21.25 42.17
CA MET A 206 14.84 20.84 40.94
C MET A 206 16.36 20.77 41.11
N THR A 207 16.95 21.77 41.75
CA THR A 207 18.40 21.79 41.94
C THR A 207 18.90 20.56 42.64
N ASN A 208 18.41 20.33 43.85
CA ASN A 208 18.86 19.16 44.57
C ASN A 208 18.39 17.87 43.89
N LYS A 209 17.43 17.96 42.96
CA LYS A 209 16.98 16.74 42.26
C LYS A 209 17.96 16.22 41.21
N PHE A 210 18.87 17.07 40.73
CA PHE A 210 19.91 16.63 39.77
C PHE A 210 21.19 17.46 39.78
N MET A 211 21.72 17.65 40.99
CA MET A 211 22.90 18.46 41.21
C MET A 211 23.46 17.95 42.51
N THR A 212 24.62 17.34 42.47
CA THR A 212 25.20 16.83 43.71
C THR A 212 26.15 17.88 44.27
N ASP A 213 26.05 18.14 45.59
CA ASP A 213 26.92 19.13 46.27
C ASP A 213 27.23 20.26 45.31
N PRO A 214 26.27 21.15 45.12
CA PRO A 214 26.36 22.30 44.23
C PRO A 214 27.00 23.44 44.93
N ILE A 215 27.55 24.37 44.17
CA ILE A 215 28.13 25.57 44.73
C ILE A 215 27.00 26.56 44.66
N ARG A 216 26.66 27.21 45.75
CA ARG A 216 25.61 28.20 45.62
C ARG A 216 26.25 29.59 45.64
N ILE A 217 25.89 30.43 44.68
CA ILE A 217 26.39 31.80 44.61
C ILE A 217 25.19 32.70 44.68
N LEU A 218 24.87 33.19 45.87
CA LEU A 218 23.69 34.01 46.03
C LEU A 218 23.92 35.47 46.16
N VAL A 219 22.81 36.16 46.34
CA VAL A 219 22.84 37.59 46.49
C VAL A 219 22.77 37.99 47.93
N LYS A 220 21.89 37.34 48.70
CA LYS A 220 21.76 37.64 50.13
C LYS A 220 22.63 36.71 50.98
N ARG A 221 23.16 37.21 52.06
CA ARG A 221 24.01 36.41 52.87
C ARG A 221 23.28 35.19 53.36
N ASP A 222 23.84 34.06 53.04
CA ASP A 222 23.29 32.83 53.58
C ASP A 222 24.30 32.32 54.58
N GLU A 223 23.84 32.00 55.77
CA GLU A 223 24.83 31.57 56.76
C GLU A 223 24.57 30.27 57.50
N LEU A 224 25.69 29.63 57.80
CA LEU A 224 25.71 28.37 58.52
C LEU A 224 24.98 28.48 59.83
N THR A 225 24.25 27.46 60.17
CA THR A 225 23.56 27.39 61.45
C THR A 225 23.30 25.92 61.58
N LEU A 226 23.56 25.29 62.72
CA LEU A 226 23.33 23.82 62.80
C LEU A 226 21.92 23.32 63.15
N GLU A 227 20.89 24.11 62.91
CA GLU A 227 19.48 23.70 63.08
C GLU A 227 19.19 22.56 62.11
N GLY A 228 18.49 21.51 62.54
CA GLY A 228 18.21 20.37 61.69
C GLY A 228 19.26 19.28 61.92
N ILE A 229 20.38 19.62 62.58
CA ILE A 229 21.38 18.60 62.75
C ILE A 229 21.37 17.90 64.06
N LYS A 230 21.35 16.59 63.90
CA LYS A 230 21.44 15.73 65.02
C LYS A 230 22.93 15.62 65.39
N GLN A 231 23.24 16.03 66.61
CA GLN A 231 24.60 15.97 67.06
C GLN A 231 24.77 14.95 68.17
N PHE A 232 25.79 14.13 68.07
CA PHE A 232 26.01 13.14 69.10
C PHE A 232 27.49 13.04 69.39
N PHE A 233 27.76 12.32 70.45
CA PHE A 233 29.13 12.07 70.84
C PHE A 233 29.15 10.65 71.36
N VAL A 234 30.24 9.99 71.07
CA VAL A 234 30.42 8.62 71.50
C VAL A 234 31.51 8.74 72.52
N ALA A 235 31.15 8.44 73.74
CA ALA A 235 32.07 8.55 74.86
C ALA A 235 33.13 7.47 74.82
N VAL A 236 34.12 7.66 73.96
CA VAL A 236 35.23 6.74 73.89
C VAL A 236 36.01 7.04 75.14
N GLU A 237 37.18 6.49 75.36
CA GLU A 237 37.81 6.91 76.60
C GLU A 237 39.18 7.53 76.36
N ARG A 238 40.03 6.84 75.57
CA ARG A 238 41.35 7.29 75.16
C ARG A 238 41.47 7.05 73.61
N GLU A 239 42.44 7.67 72.94
CA GLU A 239 42.67 7.56 71.47
C GLU A 239 42.80 6.19 70.83
N GLU A 240 43.54 5.25 71.44
CA GLU A 240 43.72 4.00 70.73
C GLU A 240 42.39 3.28 70.64
N TRP A 241 41.45 3.74 71.46
CA TRP A 241 40.15 3.12 71.46
C TRP A 241 39.24 3.73 70.41
N LYS A 242 39.61 4.89 69.89
CA LYS A 242 38.81 5.57 68.86
C LYS A 242 38.63 4.67 67.63
N PHE A 243 39.75 4.22 67.07
CA PHE A 243 39.72 3.37 65.89
C PHE A 243 38.64 2.29 65.98
N ASP A 244 38.75 1.38 66.92
CA ASP A 244 37.73 0.35 67.03
C ASP A 244 36.33 0.96 66.99
N THR A 245 36.10 2.01 67.77
CA THR A 245 34.79 2.66 67.81
C THR A 245 34.32 3.12 66.45
N LEU A 246 35.27 3.48 65.60
CA LEU A 246 34.95 3.93 64.26
C LEU A 246 34.48 2.75 63.44
N CYS A 247 35.34 1.73 63.38
CA CYS A 247 34.99 0.54 62.63
C CYS A 247 33.59 0.08 63.05
N ASP A 248 33.40 -0.22 64.34
CA ASP A 248 32.10 -0.67 64.83
C ASP A 248 30.96 0.10 64.16
N LEU A 249 31.15 1.37 63.97
CA LEU A 249 30.21 2.24 63.27
C LEU A 249 30.23 2.16 61.74
N TYR A 250 31.42 2.03 61.18
CA TYR A 250 31.67 2.05 59.74
C TYR A 250 30.83 1.19 58.84
N ASP A 251 30.54 -0.05 59.19
CA ASP A 251 29.74 -0.85 58.27
C ASP A 251 28.32 -0.19 58.11
N THR A 252 27.85 0.62 59.09
CA THR A 252 26.51 1.29 58.99
C THR A 252 26.61 2.71 58.39
N LEU A 253 27.86 3.14 58.30
CA LEU A 253 28.39 4.43 57.84
C LEU A 253 28.31 4.58 56.33
N THR A 254 29.03 3.71 55.63
CA THR A 254 29.08 3.70 54.16
C THR A 254 27.66 3.71 53.61
N ILE A 255 26.68 3.46 54.50
CA ILE A 255 25.24 3.49 54.16
C ILE A 255 25.14 4.74 53.27
N THR A 256 25.96 5.71 53.64
CA THR A 256 26.09 6.95 52.92
C THR A 256 27.58 7.17 52.94
N GLN A 257 27.99 8.24 52.30
CA GLN A 257 29.37 8.57 52.34
C GLN A 257 29.52 9.17 53.71
N ALA A 258 30.69 9.71 54.01
CA ALA A 258 30.87 10.31 55.29
C ALA A 258 32.16 11.01 55.21
N VAL A 259 32.24 12.12 55.92
CA VAL A 259 33.47 12.88 55.97
C VAL A 259 33.90 12.78 57.41
N ILE A 260 35.11 12.37 57.58
CA ILE A 260 35.65 12.27 58.89
C ILE A 260 36.73 13.28 59.06
N PHE A 261 36.58 14.14 60.05
CA PHE A 261 37.60 15.12 60.21
C PHE A 261 38.73 14.63 61.03
N CYS A 262 39.66 15.51 61.28
CA CYS A 262 40.83 15.26 62.09
C CYS A 262 41.52 16.59 62.30
N ASN A 263 42.43 16.65 63.29
CA ASN A 263 43.08 17.91 63.55
C ASN A 263 44.49 18.06 62.98
N THR A 264 45.16 16.95 62.65
CA THR A 264 46.53 17.01 62.10
C THR A 264 46.87 16.13 60.89
N LYS A 265 47.87 16.54 60.12
CA LYS A 265 48.32 15.77 58.95
C LYS A 265 48.62 14.34 59.42
N ARG A 266 49.65 14.19 60.27
CA ARG A 266 50.03 12.86 60.73
C ARG A 266 48.82 12.03 61.18
N LYS A 267 47.76 12.67 61.66
CA LYS A 267 46.60 11.92 62.13
C LYS A 267 45.63 11.46 61.06
N VAL A 268 45.65 12.11 59.92
CA VAL A 268 44.80 11.68 58.82
C VAL A 268 45.56 10.54 58.21
N ASP A 269 46.79 10.85 57.79
CA ASP A 269 47.67 9.88 57.21
C ASP A 269 47.55 8.61 58.05
N TRP A 270 47.73 8.72 59.36
CA TRP A 270 47.62 7.52 60.18
C TRP A 270 46.28 6.85 59.96
N LEU A 271 45.19 7.55 60.27
CA LEU A 271 43.86 6.97 60.13
C LEU A 271 43.62 6.32 58.77
N THR A 272 44.07 6.99 57.70
CA THR A 272 43.91 6.44 56.36
C THR A 272 44.61 5.09 56.29
N GLU A 273 45.95 5.09 56.39
CA GLU A 273 46.73 3.86 56.35
C GLU A 273 46.10 2.79 57.24
N LYS A 274 45.79 3.16 58.49
CA LYS A 274 45.20 2.21 59.43
C LYS A 274 43.83 1.69 59.00
N MET A 275 43.13 2.40 58.13
CA MET A 275 41.83 1.92 57.67
C MET A 275 41.97 1.12 56.38
N ARG A 276 42.99 1.47 55.61
CA ARG A 276 43.25 0.77 54.37
C ARG A 276 43.95 -0.56 54.62
N GLU A 277 44.77 -0.70 55.70
CA GLU A 277 45.45 -2.01 55.93
C GLU A 277 44.44 -3.00 56.51
N ALA A 278 43.24 -2.43 56.70
CA ALA A 278 42.10 -3.13 57.23
C ALA A 278 40.97 -3.22 56.20
N ASN A 279 41.32 -2.99 54.94
CA ASN A 279 40.35 -3.07 53.85
C ASN A 279 39.17 -2.12 54.11
N PHE A 280 39.34 -0.85 53.74
CA PHE A 280 38.30 0.14 53.93
C PHE A 280 38.44 1.19 52.84
N THR A 281 37.44 1.36 51.98
CA THR A 281 37.59 2.38 50.94
C THR A 281 37.63 3.77 51.58
N VAL A 282 38.78 4.41 51.53
CA VAL A 282 38.91 5.72 52.14
C VAL A 282 39.80 6.67 51.36
N SER A 283 39.32 7.90 51.22
CA SER A 283 40.04 8.96 50.54
C SER A 283 40.56 9.84 51.66
N SER A 284 41.64 10.57 51.42
CA SER A 284 42.18 11.42 52.46
C SER A 284 42.96 12.58 51.90
N MET A 285 42.62 13.79 52.36
CA MET A 285 43.31 14.99 51.92
C MET A 285 43.64 15.96 53.04
N HIS A 286 44.74 16.70 52.88
CA HIS A 286 45.18 17.67 53.87
C HIS A 286 45.71 18.96 53.23
N GLY A 287 46.47 19.73 54.00
CA GLY A 287 46.99 20.99 53.49
C GLY A 287 48.22 20.93 52.59
N ASP A 288 49.08 19.95 52.80
CA ASP A 288 50.30 19.84 52.00
C ASP A 288 50.05 19.32 50.58
N MET A 289 48.85 19.52 50.05
CA MET A 289 48.58 19.02 48.70
C MET A 289 48.15 20.09 47.68
N PRO A 290 48.25 19.77 46.38
CA PRO A 290 47.94 20.56 45.17
C PRO A 290 46.52 20.96 44.83
N GLN A 291 46.34 22.25 44.57
CA GLN A 291 45.07 22.85 44.21
C GLN A 291 44.37 22.15 43.05
N LYS A 292 44.97 21.09 42.51
CA LYS A 292 44.35 20.37 41.40
C LYS A 292 44.21 18.88 41.71
N GLU A 293 44.94 18.40 42.71
CA GLU A 293 44.84 17.00 43.11
C GLU A 293 43.83 16.94 44.25
N ARG A 294 43.81 18.00 45.06
CA ARG A 294 42.89 18.10 46.20
C ARG A 294 41.47 17.99 45.65
N GLU A 295 41.11 18.92 44.78
CA GLU A 295 39.79 18.95 44.16
C GLU A 295 39.62 17.72 43.29
N SER A 296 40.73 17.06 42.98
CA SER A 296 40.65 15.86 42.16
C SER A 296 40.09 14.72 42.98
N ILE A 297 40.43 14.71 44.28
CA ILE A 297 39.95 13.68 45.21
C ILE A 297 38.47 13.90 45.38
N MET A 298 38.13 15.15 45.66
CA MET A 298 36.75 15.57 45.83
C MET A 298 35.91 15.01 44.69
N LYS A 299 36.35 15.27 43.46
CA LYS A 299 35.65 14.79 42.28
C LYS A 299 35.16 13.38 42.60
N GLU A 300 36.11 12.50 42.92
CA GLU A 300 35.80 11.12 43.27
C GLU A 300 34.72 11.10 44.35
N PHE A 301 35.05 11.71 45.49
CA PHE A 301 34.17 11.76 46.63
C PHE A 301 32.77 12.29 46.39
N ARG A 302 32.61 13.48 45.79
CA ARG A 302 31.25 13.98 45.60
C ARG A 302 30.55 13.09 44.60
N SER A 303 31.35 12.41 43.79
CA SER A 303 30.85 11.51 42.77
C SER A 303 30.06 10.28 43.30
N GLY A 304 30.56 9.64 44.36
CA GLY A 304 29.93 8.45 44.89
C GLY A 304 30.96 7.37 44.59
N ALA A 305 32.16 7.84 44.25
CA ALA A 305 33.29 6.98 43.90
C ALA A 305 34.10 6.60 45.12
N SER A 306 33.82 7.28 46.24
CA SER A 306 34.47 7.00 47.51
C SER A 306 33.50 7.39 48.61
N ARG A 307 33.18 6.41 49.44
CA ARG A 307 32.24 6.54 50.54
C ARG A 307 32.69 7.29 51.82
N VAL A 308 33.94 7.11 52.20
CA VAL A 308 34.44 7.76 53.40
C VAL A 308 35.68 8.56 53.11
N LEU A 309 35.58 9.86 53.36
CA LEU A 309 36.71 10.76 53.15
C LEU A 309 37.17 11.28 54.51
N ILE A 310 38.45 11.12 54.77
CA ILE A 310 39.06 11.54 56.03
C ILE A 310 39.93 12.73 55.75
N SER A 311 39.64 13.89 56.32
CA SER A 311 40.51 15.04 56.05
C SER A 311 40.67 15.96 57.23
N THR A 312 41.53 16.96 57.08
CA THR A 312 41.75 17.95 58.11
C THR A 312 40.84 19.05 57.62
N ASP A 313 40.68 20.11 58.41
CA ASP A 313 39.83 21.19 57.95
C ASP A 313 40.66 22.03 56.99
N VAL A 314 40.46 21.82 55.70
CA VAL A 314 41.21 22.56 54.72
C VAL A 314 40.39 23.70 54.13
N TRP A 315 39.10 23.47 53.98
CA TRP A 315 38.23 24.49 53.43
C TRP A 315 38.31 25.78 54.25
N ALA A 316 38.52 26.88 53.54
CA ALA A 316 38.63 28.20 54.15
C ALA A 316 37.25 28.74 54.49
N ARG A 317 36.37 28.82 53.51
CA ARG A 317 35.03 29.32 53.77
C ARG A 317 34.31 28.34 54.68
N GLY A 318 33.17 28.74 55.22
CA GLY A 318 32.41 27.86 56.07
C GLY A 318 31.61 26.87 55.23
N LEU A 319 30.65 27.38 54.48
CA LEU A 319 29.78 26.57 53.64
C LEU A 319 30.47 25.69 52.61
N ASP A 320 31.66 26.08 52.18
CA ASP A 320 32.37 25.30 51.18
C ASP A 320 32.81 23.89 51.57
N VAL A 321 32.10 23.25 52.49
CA VAL A 321 32.47 21.89 52.88
C VAL A 321 31.44 20.90 52.32
N PRO A 322 31.90 19.72 51.87
CA PRO A 322 30.96 18.74 51.33
C PRO A 322 29.68 18.63 52.15
N GLN A 323 28.55 18.77 51.46
CA GLN A 323 27.25 18.72 52.09
C GLN A 323 26.88 17.30 52.44
N VAL A 324 27.86 16.46 52.69
CA VAL A 324 27.56 15.08 53.05
C VAL A 324 26.56 15.06 54.21
N SER A 325 25.83 13.95 54.36
CA SER A 325 24.82 13.83 55.42
C SER A 325 25.34 13.31 56.76
N LEU A 326 26.56 12.84 56.79
CA LEU A 326 27.10 12.37 58.04
C LEU A 326 28.52 12.86 58.20
N ILE A 327 28.79 13.54 59.31
CA ILE A 327 30.11 14.07 59.57
C ILE A 327 30.61 13.52 60.88
N ILE A 328 31.81 12.98 60.88
CA ILE A 328 32.37 12.45 62.12
C ILE A 328 33.57 13.26 62.56
N ASN A 329 33.40 14.03 63.61
CA ASN A 329 34.52 14.78 64.14
C ASN A 329 35.30 13.71 64.86
N TYR A 330 36.37 13.22 64.25
CA TYR A 330 37.20 12.18 64.88
C TYR A 330 37.94 12.82 66.03
N ASP A 331 38.07 14.15 65.94
CA ASP A 331 38.73 14.94 66.95
C ASP A 331 37.89 16.17 67.17
N LEU A 332 37.63 16.51 68.41
CA LEU A 332 36.86 17.71 68.63
C LEU A 332 37.85 18.78 68.27
N PRO A 333 37.38 19.88 67.72
CA PRO A 333 38.23 20.99 67.33
C PRO A 333 38.55 21.85 68.56
N ASN A 334 39.75 22.42 68.61
CA ASN A 334 40.14 23.24 69.73
C ASN A 334 39.97 24.74 69.65
N ASN A 335 38.75 25.13 69.37
CA ASN A 335 38.34 26.53 69.32
C ASN A 335 36.95 26.49 68.75
N ARG A 336 36.03 26.63 69.68
CA ARG A 336 34.63 26.54 69.43
C ARG A 336 34.07 27.56 68.49
N GLU A 337 34.53 27.61 67.25
CA GLU A 337 33.93 28.56 66.31
C GLU A 337 34.14 27.92 64.98
N LEU A 338 34.64 26.70 65.00
CA LEU A 338 34.82 26.00 63.76
C LEU A 338 34.24 24.60 63.86
N TYR A 339 33.67 24.31 65.03
CA TYR A 339 33.02 23.04 65.23
C TYR A 339 31.78 23.17 64.37
N ILE A 340 31.27 24.39 64.29
CA ILE A 340 30.09 24.72 63.49
C ILE A 340 30.53 24.86 62.06
N HIS A 341 31.70 25.39 61.86
CA HIS A 341 32.27 25.57 60.54
C HIS A 341 32.27 24.20 59.87
N ARG A 342 32.56 23.17 60.65
CA ARG A 342 32.59 21.81 60.13
C ARG A 342 31.24 21.16 59.87
N ILE A 343 30.41 21.06 60.89
CA ILE A 343 29.10 20.41 60.77
C ILE A 343 27.91 21.28 60.38
N GLY A 344 28.00 22.58 60.57
CA GLY A 344 26.86 23.44 60.24
C GLY A 344 26.40 23.35 58.81
N ARG A 345 25.11 23.60 58.59
CA ARG A 345 24.53 23.55 57.26
C ARG A 345 24.16 24.93 56.76
N SER A 346 23.40 24.98 55.66
CA SER A 346 23.00 26.23 55.01
C SER A 346 21.73 26.90 55.51
N GLY A 347 20.90 26.14 56.19
CA GLY A 347 19.67 26.75 56.63
C GLY A 347 18.79 26.91 55.41
N ARG A 348 18.64 28.13 54.92
CA ARG A 348 17.75 28.34 53.78
C ARG A 348 17.84 27.31 52.64
N TYR A 349 19.03 26.80 52.36
CA TYR A 349 19.15 25.82 51.27
C TYR A 349 19.90 24.57 51.67
N GLY A 350 19.95 24.27 52.94
CA GLY A 350 20.71 23.09 53.33
C GLY A 350 19.94 21.82 53.57
N ARG A 351 20.66 20.70 53.46
CA ARG A 351 20.08 19.39 53.71
C ARG A 351 20.29 19.14 55.19
N LYS A 352 19.25 18.63 55.87
CA LYS A 352 19.32 18.31 57.29
C LYS A 352 20.42 17.25 57.41
N GLY A 353 20.76 16.82 58.62
CA GLY A 353 21.81 15.81 58.69
C GLY A 353 22.28 15.27 60.03
N VAL A 354 23.50 14.72 60.02
CA VAL A 354 24.07 14.14 61.23
C VAL A 354 25.56 14.36 61.41
N ALA A 355 25.99 14.34 62.67
CA ALA A 355 27.39 14.48 63.03
C ALA A 355 27.64 13.78 64.38
N ILE A 356 28.51 12.78 64.35
CA ILE A 356 28.86 12.05 65.53
C ILE A 356 30.18 12.62 66.00
N ASN A 357 30.30 12.92 67.28
CA ASN A 357 31.56 13.45 67.81
C ASN A 357 32.25 12.38 68.69
N PHE A 358 33.58 12.30 68.60
CA PHE A 358 34.36 11.35 69.41
C PHE A 358 35.07 12.10 70.56
N VAL A 359 34.39 12.25 71.69
CA VAL A 359 35.01 12.97 72.79
C VAL A 359 35.57 12.07 73.87
N LYS A 360 36.89 12.15 74.09
CA LYS A 360 37.49 11.37 75.14
C LYS A 360 37.46 12.14 76.45
N ASN A 361 37.73 11.45 77.55
CA ASN A 361 37.69 12.10 78.85
C ASN A 361 38.36 13.46 78.90
N ASP A 362 39.51 13.60 78.27
CA ASP A 362 40.18 14.89 78.29
C ASP A 362 39.41 15.95 77.53
N ASP A 363 38.42 15.52 76.75
CA ASP A 363 37.62 16.43 75.95
C ASP A 363 36.17 16.47 76.33
N ILE A 364 35.76 15.61 77.24
CA ILE A 364 34.37 15.62 77.63
C ILE A 364 34.11 17.09 77.99
N ARG A 365 35.18 17.78 78.37
CA ARG A 365 35.03 19.19 78.68
C ARG A 365 34.83 20.07 77.45
N ILE A 366 35.79 20.09 76.52
CA ILE A 366 35.71 20.91 75.30
C ILE A 366 34.37 20.69 74.69
N LEU A 367 33.82 19.51 74.94
CA LEU A 367 32.51 19.19 74.42
C LEU A 367 31.46 20.10 75.05
N ARG A 368 31.52 20.26 76.38
CA ARG A 368 30.57 21.13 77.04
C ARG A 368 30.68 22.56 76.50
N ASP A 369 31.91 23.06 76.39
CA ASP A 369 32.09 24.41 75.89
C ASP A 369 31.43 24.61 74.53
N ILE A 370 31.47 23.59 73.68
CA ILE A 370 30.88 23.70 72.35
C ILE A 370 29.38 23.70 72.45
N GLU A 371 28.87 22.82 73.29
CA GLU A 371 27.44 22.68 73.50
C GLU A 371 26.94 24.02 74.01
N GLN A 372 27.68 24.59 74.95
CA GLN A 372 27.30 25.86 75.55
C GLN A 372 27.45 27.04 74.59
N TYR A 373 28.44 26.94 73.71
CA TYR A 373 28.71 28.01 72.76
C TYR A 373 27.58 28.22 71.77
N TYR A 374 27.21 27.16 71.06
CA TYR A 374 26.16 27.28 70.06
C TYR A 374 24.79 27.15 70.67
N SER A 375 24.76 27.05 71.99
CA SER A 375 23.50 26.91 72.67
C SER A 375 22.72 25.81 71.94
N THR A 376 23.37 24.65 71.78
CA THR A 376 22.73 23.50 71.13
C THR A 376 22.84 22.28 72.04
N GLN A 377 22.28 21.15 71.62
CA GLN A 377 22.40 19.97 72.45
C GLN A 377 23.10 18.85 71.71
N ILE A 378 24.08 18.25 72.35
CA ILE A 378 24.83 17.15 71.75
C ILE A 378 24.65 15.93 72.64
N ASP A 379 23.85 14.96 72.18
CA ASP A 379 23.55 13.73 72.91
C ASP A 379 24.55 12.58 72.66
N GLU A 380 24.42 11.51 73.44
CA GLU A 380 25.28 10.35 73.28
C GLU A 380 24.63 9.42 72.26
N MET A 381 25.45 8.75 71.47
CA MET A 381 24.95 7.85 70.44
C MET A 381 24.04 6.76 70.96
N PRO A 382 22.84 6.67 70.38
CA PRO A 382 21.88 5.64 70.79
C PRO A 382 22.16 4.39 69.95
N MET A 383 21.74 3.21 70.40
CA MET A 383 21.96 1.99 69.63
C MET A 383 21.41 2.33 68.26
N ASN A 384 20.28 3.02 68.29
CA ASN A 384 19.54 3.46 67.12
C ASN A 384 20.36 4.16 66.01
N VAL A 385 20.91 3.38 65.09
CA VAL A 385 21.65 3.93 63.96
C VAL A 385 20.59 3.99 62.85
N ALA A 386 19.45 3.37 63.14
CA ALA A 386 18.30 3.31 62.25
C ALA A 386 17.67 4.69 62.16
N ASP A 387 18.33 5.66 62.79
CA ASP A 387 17.88 7.04 62.77
C ASP A 387 18.67 7.74 61.68
N LEU A 388 19.50 6.96 61.01
CA LEU A 388 20.33 7.46 59.93
C LEU A 388 19.54 7.19 58.63
N ILE A 389 18.25 6.90 58.82
CA ILE A 389 17.30 6.64 57.74
C ILE A 389 17.12 7.84 56.80
N LEU A 390 17.07 9.03 57.37
CA LEU A 390 16.88 10.24 56.59
C LEU A 390 17.66 10.36 55.29
N GLU A 391 16.91 10.58 54.21
CA GLU A 391 17.42 10.75 52.85
C GLU A 391 18.88 10.35 52.65
N PRO B 16 20.08 -17.77 1.72
CA PRO B 16 19.34 -18.99 1.34
C PRO B 16 18.99 -18.96 -0.14
N THR B 17 19.62 -19.84 -0.91
CA THR B 17 19.37 -19.89 -2.34
C THR B 17 19.10 -21.30 -2.85
N PHE B 18 18.89 -21.41 -4.15
CA PHE B 18 18.63 -22.68 -4.78
C PHE B 18 19.93 -23.41 -5.02
N ASP B 19 21.01 -22.64 -5.00
CA ASP B 19 22.32 -23.23 -5.24
C ASP B 19 22.68 -24.33 -4.25
N THR B 20 22.47 -24.08 -2.97
CA THR B 20 22.80 -25.04 -1.93
C THR B 20 21.82 -26.20 -1.77
N MET B 21 20.85 -26.33 -2.66
CA MET B 21 19.86 -27.40 -2.53
C MET B 21 20.21 -28.63 -3.33
N GLY B 22 21.33 -28.55 -4.05
CA GLY B 22 21.77 -29.67 -4.85
C GLY B 22 20.72 -30.12 -5.84
N LEU B 23 20.14 -29.15 -6.55
CA LEU B 23 19.14 -29.47 -7.55
C LEU B 23 19.93 -29.63 -8.82
N ARG B 24 19.45 -30.47 -9.74
CA ARG B 24 20.13 -30.70 -11.00
C ARG B 24 20.32 -29.42 -11.80
N GLU B 25 21.36 -29.37 -12.61
CA GLU B 25 21.66 -28.17 -13.39
C GLU B 25 20.56 -27.67 -14.32
N ASP B 26 20.23 -28.47 -15.33
CA ASP B 26 19.23 -28.09 -16.32
C ASP B 26 17.94 -27.54 -15.70
N LEU B 27 17.73 -27.81 -14.42
CA LEU B 27 16.55 -27.29 -13.74
C LEU B 27 16.86 -25.94 -13.13
N LEU B 28 17.98 -25.88 -12.43
CA LEU B 28 18.41 -24.65 -11.79
C LEU B 28 18.49 -23.57 -12.85
N ARG B 29 18.81 -23.96 -14.07
CA ARG B 29 18.90 -23.00 -15.16
C ARG B 29 17.49 -22.48 -15.42
N GLY B 30 16.56 -23.41 -15.58
CA GLY B 30 15.19 -23.04 -15.80
C GLY B 30 14.63 -22.16 -14.70
N ILE B 31 14.97 -22.51 -13.47
CA ILE B 31 14.52 -21.75 -12.33
C ILE B 31 14.93 -20.30 -12.49
N TYR B 32 16.22 -20.06 -12.64
CA TYR B 32 16.71 -18.70 -12.79
C TYR B 32 16.18 -18.05 -14.05
N ALA B 33 16.03 -18.83 -15.12
CA ALA B 33 15.51 -18.30 -16.40
C ALA B 33 14.05 -17.92 -16.26
N TYR B 34 13.34 -18.69 -15.45
CA TYR B 34 11.94 -18.44 -15.19
C TYR B 34 11.88 -17.12 -14.41
N GLY B 35 13.01 -16.73 -13.81
CA GLY B 35 13.04 -15.49 -13.08
C GLY B 35 13.00 -15.65 -11.57
N PHE B 36 12.65 -16.84 -11.09
CA PHE B 36 12.60 -17.11 -9.66
C PHE B 36 14.05 -17.12 -9.16
N GLU B 37 14.54 -16.01 -8.59
CA GLU B 37 15.93 -15.96 -8.14
C GLU B 37 16.27 -16.31 -6.70
N LYS B 38 15.29 -16.24 -5.81
CA LYS B 38 15.58 -16.56 -4.42
C LYS B 38 14.34 -17.11 -3.76
N PRO B 39 14.46 -18.31 -3.16
CA PRO B 39 13.36 -18.99 -2.47
C PRO B 39 13.11 -18.47 -1.07
N SER B 40 11.84 -18.53 -0.65
CA SER B 40 11.44 -18.09 0.68
C SER B 40 12.19 -18.92 1.71
N ALA B 41 12.06 -18.55 2.98
CA ALA B 41 12.71 -19.28 4.06
C ALA B 41 11.98 -20.61 4.25
N ILE B 42 10.65 -20.51 4.29
CA ILE B 42 9.78 -21.66 4.49
C ILE B 42 9.78 -22.49 3.21
N GLN B 43 9.64 -21.83 2.06
CA GLN B 43 9.62 -22.53 0.80
C GLN B 43 10.84 -23.39 0.64
N GLN B 44 11.99 -22.94 1.12
CA GLN B 44 13.17 -23.76 1.00
C GLN B 44 12.89 -25.09 1.70
N ARG B 45 12.30 -25.03 2.90
CA ARG B 45 11.99 -26.23 3.64
C ARG B 45 11.07 -27.12 2.82
N ALA B 46 9.95 -26.57 2.35
CA ALA B 46 9.02 -27.34 1.54
C ALA B 46 9.78 -28.09 0.48
N ILE B 47 10.50 -27.36 -0.37
CA ILE B 47 11.28 -27.99 -1.42
C ILE B 47 12.23 -29.02 -0.83
N LYS B 48 13.16 -28.59 0.00
CA LYS B 48 14.13 -29.49 0.60
C LYS B 48 13.46 -30.78 1.04
N GLN B 49 12.37 -30.63 1.79
CA GLN B 49 11.61 -31.77 2.33
C GLN B 49 10.85 -32.65 1.35
N ILE B 50 10.26 -32.06 0.33
CA ILE B 50 9.55 -32.84 -0.66
C ILE B 50 10.56 -33.69 -1.41
N ILE B 51 11.74 -33.13 -1.65
CA ILE B 51 12.78 -33.86 -2.34
C ILE B 51 13.21 -35.06 -1.52
N LYS B 52 13.38 -34.85 -0.21
CA LYS B 52 13.78 -35.94 0.68
C LYS B 52 12.82 -37.10 0.52
N GLY B 53 11.59 -36.79 0.14
CA GLY B 53 10.59 -37.82 -0.07
C GLY B 53 9.47 -37.76 0.96
N ARG B 54 9.69 -37.02 2.03
CA ARG B 54 8.68 -36.91 3.06
C ARG B 54 7.33 -36.43 2.57
N ASP B 55 6.25 -36.87 3.20
CA ASP B 55 4.91 -36.42 2.83
C ASP B 55 4.86 -35.03 3.43
N VAL B 56 4.33 -34.08 2.67
CA VAL B 56 4.28 -32.71 3.15
C VAL B 56 2.91 -32.04 3.17
N ILE B 57 2.72 -31.20 4.19
CA ILE B 57 1.49 -30.44 4.33
C ILE B 57 1.95 -28.99 4.40
N ALA B 58 2.01 -28.34 3.23
CA ALA B 58 2.42 -26.96 3.20
C ALA B 58 1.21 -26.04 3.07
N GLN B 59 1.12 -25.10 4.01
CA GLN B 59 0.03 -24.15 4.00
C GLN B 59 0.40 -23.00 3.06
N SER B 60 -0.42 -22.81 2.04
CA SER B 60 -0.19 -21.76 1.05
C SER B 60 -0.41 -20.40 1.66
N GLN B 61 0.37 -19.43 1.21
CA GLN B 61 0.24 -18.06 1.68
C GLN B 61 0.37 -17.11 0.49
N SER B 62 -0.54 -16.15 0.39
CA SER B 62 -0.51 -15.18 -0.71
C SER B 62 0.88 -14.62 -0.84
N GLY B 63 1.54 -15.00 -1.93
CA GLY B 63 2.90 -14.55 -2.15
C GLY B 63 3.41 -14.89 -3.53
N THR B 64 4.72 -15.10 -3.64
CA THR B 64 5.35 -15.39 -4.91
C THR B 64 5.47 -16.86 -5.30
N GLY B 65 5.06 -17.15 -6.54
CA GLY B 65 5.11 -18.51 -7.05
C GLY B 65 4.87 -19.63 -6.04
N LYS B 66 3.67 -19.72 -5.49
CA LYS B 66 3.40 -20.79 -4.54
C LYS B 66 3.22 -22.03 -5.39
N THR B 67 3.28 -21.81 -6.71
CA THR B 67 3.18 -22.84 -7.72
C THR B 67 4.57 -23.43 -7.89
N ALA B 68 5.49 -22.60 -8.34
CA ALA B 68 6.86 -23.01 -8.54
C ALA B 68 7.45 -23.82 -7.38
N THR B 69 7.30 -23.33 -6.16
CA THR B 69 7.85 -24.04 -5.02
C THR B 69 7.66 -25.54 -5.12
N PHE B 70 6.44 -26.02 -5.32
CA PHE B 70 6.29 -27.45 -5.41
C PHE B 70 6.64 -27.97 -6.80
N SER B 71 6.43 -27.15 -7.83
CA SER B 71 6.76 -27.55 -9.21
C SER B 71 8.25 -27.86 -9.27
N ILE B 72 9.05 -26.96 -8.68
CA ILE B 72 10.49 -27.15 -8.62
C ILE B 72 10.75 -28.50 -7.98
N SER B 73 10.00 -28.80 -6.93
CA SER B 73 10.13 -30.07 -6.23
C SER B 73 9.85 -31.20 -7.19
N VAL B 74 8.63 -31.23 -7.71
CA VAL B 74 8.21 -32.24 -8.64
C VAL B 74 9.26 -32.47 -9.69
N LEU B 75 9.59 -31.43 -10.44
CA LEU B 75 10.59 -31.55 -11.48
C LEU B 75 11.86 -32.24 -11.04
N GLN B 76 12.47 -31.77 -9.96
CA GLN B 76 13.71 -32.36 -9.47
C GLN B 76 13.63 -33.87 -9.34
N CYS B 77 12.59 -34.34 -8.69
CA CYS B 77 12.41 -35.78 -8.48
C CYS B 77 11.79 -36.50 -9.68
N LEU B 78 12.52 -36.54 -10.80
CA LEU B 78 12.05 -37.21 -12.01
C LEU B 78 13.13 -38.03 -12.68
N ASP B 79 12.71 -38.93 -13.56
CA ASP B 79 13.66 -39.76 -14.31
C ASP B 79 13.34 -39.54 -15.78
N ILE B 80 13.91 -38.48 -16.34
CA ILE B 80 13.68 -38.14 -17.74
C ILE B 80 13.65 -39.33 -18.70
N GLN B 81 14.79 -40.03 -18.74
CA GLN B 81 14.99 -41.18 -19.62
C GLN B 81 13.85 -42.21 -19.58
N VAL B 82 12.95 -42.10 -18.61
CA VAL B 82 11.83 -43.03 -18.50
C VAL B 82 10.54 -42.29 -18.74
N ARG B 83 10.17 -42.18 -20.01
CA ARG B 83 8.96 -41.47 -20.37
C ARG B 83 7.65 -42.14 -19.97
N GLU B 84 7.17 -41.80 -18.79
CA GLU B 84 5.91 -42.31 -18.28
C GLU B 84 5.55 -41.48 -17.04
N THR B 85 4.25 -41.23 -16.86
CA THR B 85 3.76 -40.44 -15.74
C THR B 85 4.33 -40.80 -14.39
N GLN B 86 5.17 -39.92 -13.85
CA GLN B 86 5.82 -40.12 -12.56
C GLN B 86 5.27 -39.24 -11.44
N ALA B 87 4.65 -38.14 -11.79
CA ALA B 87 4.07 -37.25 -10.79
C ALA B 87 2.71 -36.78 -11.29
N LEU B 88 1.73 -36.80 -10.39
CA LEU B 88 0.37 -36.40 -10.74
C LEU B 88 -0.11 -35.26 -9.85
N ILE B 89 -0.57 -34.19 -10.47
CA ILE B 89 -1.03 -33.01 -9.73
C ILE B 89 -2.52 -32.73 -9.92
N LEU B 90 -3.26 -32.57 -8.84
CA LEU B 90 -4.69 -32.28 -8.99
C LEU B 90 -4.96 -30.87 -8.54
N ALA B 91 -5.81 -30.18 -9.29
CA ALA B 91 -6.17 -28.81 -8.96
C ALA B 91 -7.69 -28.63 -9.04
N PRO B 92 -8.22 -27.62 -8.37
CA PRO B 92 -9.66 -27.34 -8.38
C PRO B 92 -10.25 -26.81 -9.69
N THR B 93 -9.42 -26.34 -10.61
CA THR B 93 -9.96 -25.80 -11.86
C THR B 93 -9.14 -26.06 -13.11
N ARG B 94 -9.84 -26.22 -14.23
CA ARG B 94 -9.21 -26.46 -15.52
C ARG B 94 -8.16 -25.39 -15.72
N GLU B 95 -8.60 -24.14 -15.67
CA GLU B 95 -7.71 -23.00 -15.84
C GLU B 95 -6.42 -23.20 -15.05
N LEU B 96 -6.57 -23.34 -13.74
CA LEU B 96 -5.42 -23.53 -12.87
C LEU B 96 -4.59 -24.76 -13.21
N ALA B 97 -5.26 -25.85 -13.56
CA ALA B 97 -4.57 -27.09 -13.93
C ALA B 97 -3.56 -26.77 -15.01
N VAL B 98 -4.02 -25.99 -15.97
CA VAL B 98 -3.20 -25.56 -17.09
C VAL B 98 -2.04 -24.72 -16.62
N GLN B 99 -2.33 -23.69 -15.86
CA GLN B 99 -1.30 -22.81 -15.36
C GLN B 99 -0.13 -23.65 -14.87
N ILE B 100 -0.45 -24.60 -14.00
CA ILE B 100 0.52 -25.50 -13.40
C ILE B 100 1.39 -26.11 -14.48
N GLN B 101 0.76 -26.50 -15.57
CA GLN B 101 1.48 -27.08 -16.69
C GLN B 101 2.39 -26.02 -17.33
N LYS B 102 1.78 -24.96 -17.86
CA LYS B 102 2.54 -23.89 -18.52
C LYS B 102 3.74 -23.52 -17.68
N GLY B 103 3.54 -23.55 -16.36
CA GLY B 103 4.60 -23.25 -15.43
C GLY B 103 5.65 -24.34 -15.36
N LEU B 104 5.20 -25.57 -15.19
CA LEU B 104 6.12 -26.70 -15.13
C LEU B 104 7.00 -26.72 -16.35
N LEU B 105 6.37 -26.57 -17.52
CA LEU B 105 7.08 -26.56 -18.78
C LEU B 105 8.09 -25.43 -18.84
N ALA B 106 7.67 -24.26 -18.37
CA ALA B 106 8.54 -23.12 -18.36
C ALA B 106 9.72 -23.34 -17.41
N LEU B 107 9.50 -24.10 -16.34
CA LEU B 107 10.59 -24.32 -15.40
C LEU B 107 11.59 -25.37 -15.85
N GLY B 108 11.10 -26.34 -16.61
CA GLY B 108 11.97 -27.39 -17.08
C GLY B 108 12.28 -27.27 -18.55
N ASP B 109 12.02 -26.10 -19.12
CA ASP B 109 12.27 -25.88 -20.54
C ASP B 109 13.61 -26.50 -20.92
N TYR B 110 14.57 -26.48 -19.99
CA TYR B 110 15.90 -27.04 -20.26
C TYR B 110 16.08 -28.50 -19.86
N MET B 111 14.97 -29.16 -19.56
CA MET B 111 14.99 -30.55 -19.19
C MET B 111 14.27 -31.38 -20.24
N ASN B 112 13.82 -30.74 -21.31
CA ASN B 112 13.11 -31.45 -22.37
C ASN B 112 12.17 -32.42 -21.67
N VAL B 113 11.28 -31.86 -20.85
CA VAL B 113 10.30 -32.63 -20.10
C VAL B 113 8.93 -32.56 -20.77
N GLN B 114 8.18 -33.66 -20.70
CA GLN B 114 6.85 -33.71 -21.30
C GLN B 114 5.87 -33.60 -20.14
N CYS B 115 4.95 -32.65 -20.23
CA CYS B 115 3.97 -32.44 -19.16
C CYS B 115 2.61 -32.04 -19.73
N HIS B 116 1.54 -32.67 -19.27
CA HIS B 116 0.22 -32.38 -19.81
C HIS B 116 -0.84 -32.12 -18.78
N ALA B 117 -1.85 -31.36 -19.18
CA ALA B 117 -2.97 -31.04 -18.33
C ALA B 117 -4.21 -31.67 -18.95
N CYS B 118 -4.99 -32.36 -18.14
CA CYS B 118 -6.16 -32.99 -18.70
C CYS B 118 -7.43 -32.19 -18.49
N ILE B 119 -8.28 -32.29 -19.50
CA ILE B 119 -9.59 -31.66 -19.62
C ILE B 119 -9.95 -31.10 -21.04
N GLY B 120 -11.21 -30.73 -21.17
CA GLY B 120 -11.77 -30.21 -22.39
C GLY B 120 -13.04 -30.97 -22.66
N GLY B 121 -12.90 -32.18 -23.19
CA GLY B 121 -14.02 -33.03 -23.55
C GLY B 121 -13.99 -33.01 -25.08
N THR B 122 -13.90 -31.81 -25.66
CA THR B 122 -13.81 -31.65 -27.10
C THR B 122 -12.39 -32.08 -27.42
N ASN B 123 -11.62 -32.23 -26.35
CA ASN B 123 -10.22 -32.58 -26.46
C ASN B 123 -9.85 -34.00 -25.98
N VAL B 124 -10.78 -34.70 -25.33
CA VAL B 124 -10.50 -36.06 -24.82
C VAL B 124 -9.66 -36.93 -25.73
N GLY B 125 -9.77 -36.73 -27.03
CA GLY B 125 -8.99 -37.52 -27.96
C GLY B 125 -7.53 -37.10 -27.92
N GLU B 126 -7.31 -35.79 -27.95
CA GLU B 126 -5.97 -35.24 -27.88
C GLU B 126 -5.48 -35.56 -26.47
N ASP B 127 -6.39 -35.57 -25.50
CA ASP B 127 -6.06 -35.89 -24.11
C ASP B 127 -5.40 -37.25 -24.06
N ILE B 128 -6.12 -38.27 -24.51
CA ILE B 128 -5.58 -39.62 -24.52
C ILE B 128 -4.41 -39.76 -25.46
N ARG B 129 -4.45 -39.05 -26.58
CA ARG B 129 -3.37 -39.09 -27.56
C ARG B 129 -2.03 -38.82 -26.86
N LYS B 130 -1.96 -37.73 -26.09
CA LYS B 130 -0.73 -37.38 -25.41
C LYS B 130 -0.36 -38.31 -24.26
N LEU B 131 -1.34 -38.65 -23.43
CA LEU B 131 -1.07 -39.53 -22.30
C LEU B 131 -0.24 -40.73 -22.72
N ASP B 132 -0.45 -41.18 -23.97
CA ASP B 132 0.28 -42.33 -24.49
C ASP B 132 1.69 -41.99 -24.95
N TYR B 133 1.87 -40.78 -25.47
CA TYR B 133 3.19 -40.38 -25.93
C TYR B 133 4.08 -40.42 -24.72
N GLY B 134 3.43 -40.46 -23.56
CA GLY B 134 4.15 -40.52 -22.30
C GLY B 134 4.36 -39.17 -21.63
N GLN B 135 3.44 -38.82 -20.74
CA GLN B 135 3.53 -37.55 -20.03
C GLN B 135 4.21 -37.69 -18.67
N HIS B 136 5.40 -37.14 -18.55
CA HIS B 136 6.17 -37.18 -17.30
C HIS B 136 5.38 -36.68 -16.10
N VAL B 137 4.50 -35.71 -16.31
CA VAL B 137 3.73 -35.15 -15.22
C VAL B 137 2.35 -34.79 -15.73
N VAL B 138 1.33 -35.11 -14.95
CA VAL B 138 -0.01 -34.79 -15.40
C VAL B 138 -0.73 -33.98 -14.35
N ALA B 139 -1.54 -33.04 -14.81
CA ALA B 139 -2.30 -32.19 -13.92
C ALA B 139 -3.69 -32.15 -14.48
N GLY B 140 -4.67 -31.95 -13.60
CA GLY B 140 -6.06 -31.89 -14.06
C GLY B 140 -6.95 -31.91 -12.85
N THR B 141 -8.23 -31.62 -13.03
CA THR B 141 -9.14 -31.64 -11.91
C THR B 141 -9.25 -33.08 -11.50
N PRO B 142 -9.62 -33.35 -10.23
CA PRO B 142 -9.76 -34.71 -9.72
C PRO B 142 -10.70 -35.55 -10.58
N GLY B 143 -11.77 -34.93 -11.04
CA GLY B 143 -12.71 -35.64 -11.88
C GLY B 143 -12.03 -36.17 -13.12
N ARG B 144 -11.67 -35.25 -14.01
CA ARG B 144 -11.01 -35.66 -15.24
C ARG B 144 -9.83 -36.61 -15.03
N VAL B 145 -8.95 -36.31 -14.08
CA VAL B 145 -7.81 -37.17 -13.86
C VAL B 145 -8.24 -38.60 -13.56
N PHE B 146 -9.29 -38.76 -12.76
CA PHE B 146 -9.80 -40.08 -12.40
C PHE B 146 -10.30 -40.81 -13.62
N ASP B 147 -11.01 -40.08 -14.47
CA ASP B 147 -11.54 -40.64 -15.70
C ASP B 147 -10.38 -41.25 -16.47
N MET B 148 -9.39 -40.47 -16.84
CA MET B 148 -8.24 -40.99 -17.59
C MET B 148 -7.59 -42.20 -16.94
N ILE B 149 -7.78 -42.36 -15.63
CA ILE B 149 -7.20 -43.49 -14.93
C ILE B 149 -8.12 -44.68 -15.08
N ARG B 150 -9.43 -44.41 -14.99
CA ARG B 150 -10.44 -45.44 -15.15
C ARG B 150 -10.39 -45.97 -16.59
N ARG B 151 -10.32 -45.08 -17.57
CA ARG B 151 -10.26 -45.47 -18.97
C ARG B 151 -8.93 -46.14 -19.29
N ARG B 152 -8.18 -46.51 -18.27
CA ARG B 152 -6.91 -47.18 -18.48
C ARG B 152 -5.97 -46.39 -19.40
N SER B 153 -6.24 -45.09 -19.58
CA SER B 153 -5.42 -44.22 -20.44
C SER B 153 -4.19 -43.65 -19.71
N LEU B 154 -4.36 -43.33 -18.43
CA LEU B 154 -3.31 -42.78 -17.59
C LEU B 154 -2.63 -43.90 -16.79
N ARG B 155 -1.33 -44.06 -16.99
CA ARG B 155 -0.56 -45.11 -16.33
C ARG B 155 -0.02 -44.77 -14.94
N THR B 156 -0.72 -45.25 -13.91
CA THR B 156 -0.28 -44.99 -12.53
C THR B 156 0.99 -45.77 -12.18
N ARG B 157 1.05 -47.01 -12.63
CA ARG B 157 2.18 -47.90 -12.38
C ARG B 157 3.43 -47.23 -11.85
N ALA B 158 4.00 -46.32 -12.65
CA ALA B 158 5.23 -45.63 -12.28
C ALA B 158 5.11 -44.27 -11.60
N ILE B 159 3.92 -43.91 -11.13
CA ILE B 159 3.71 -42.65 -10.45
C ILE B 159 4.35 -42.75 -9.07
N LYS B 160 5.11 -41.74 -8.68
CA LYS B 160 5.75 -41.78 -7.37
C LYS B 160 5.48 -40.52 -6.54
N MET B 161 4.52 -39.70 -6.96
CA MET B 161 4.22 -38.47 -6.24
C MET B 161 2.87 -37.88 -6.63
N LEU B 162 2.02 -37.70 -5.63
CA LEU B 162 0.70 -37.10 -5.85
C LEU B 162 0.68 -35.74 -5.15
N VAL B 163 0.39 -34.68 -5.91
CA VAL B 163 0.35 -33.33 -5.34
C VAL B 163 -1.07 -32.80 -5.41
N LEU B 164 -1.61 -32.41 -4.26
CA LEU B 164 -2.96 -31.90 -4.22
C LEU B 164 -2.93 -30.40 -3.95
N ASP B 165 -2.82 -29.63 -5.02
CA ASP B 165 -2.75 -28.15 -4.94
C ASP B 165 -4.10 -27.54 -4.57
N GLU B 166 -4.06 -26.41 -3.85
CA GLU B 166 -5.28 -25.74 -3.43
C GLU B 166 -6.35 -26.73 -2.98
N ALA B 167 -5.93 -27.71 -2.19
CA ALA B 167 -6.83 -28.73 -1.70
C ALA B 167 -8.06 -28.15 -0.99
N ASP B 168 -7.85 -27.24 -0.06
CA ASP B 168 -9.00 -26.68 0.64
C ASP B 168 -10.07 -26.31 -0.38
N GLU B 169 -9.65 -25.77 -1.52
CA GLU B 169 -10.61 -25.39 -2.53
C GLU B 169 -11.22 -26.63 -3.17
N MET B 170 -10.38 -27.58 -3.57
CA MET B 170 -10.86 -28.81 -4.20
C MET B 170 -12.10 -29.31 -3.46
N LEU B 171 -12.11 -29.16 -2.14
CA LEU B 171 -13.22 -29.62 -1.33
C LEU B 171 -14.44 -28.73 -1.43
N ASN B 172 -14.25 -27.41 -1.40
CA ASN B 172 -15.34 -26.48 -1.50
C ASN B 172 -16.09 -26.74 -2.82
N LYS B 173 -15.39 -27.34 -3.78
CA LYS B 173 -15.97 -27.67 -5.07
C LYS B 173 -16.40 -29.15 -5.10
N GLY B 174 -16.42 -29.75 -3.91
CA GLY B 174 -16.83 -31.13 -3.76
C GLY B 174 -16.18 -32.18 -4.63
N PHE B 175 -14.87 -32.37 -4.47
CA PHE B 175 -14.17 -33.38 -5.23
C PHE B 175 -13.73 -34.46 -4.25
N LYS B 176 -14.19 -34.32 -3.00
CA LYS B 176 -13.82 -35.26 -1.96
C LYS B 176 -13.61 -36.69 -2.47
N GLU B 177 -14.69 -37.33 -2.90
CA GLU B 177 -14.59 -38.71 -3.37
C GLU B 177 -13.59 -38.91 -4.49
N GLN B 178 -13.72 -38.14 -5.56
CA GLN B 178 -12.79 -38.32 -6.68
C GLN B 178 -11.34 -38.39 -6.24
N ILE B 179 -10.95 -37.48 -5.34
CA ILE B 179 -9.59 -37.46 -4.84
C ILE B 179 -9.32 -38.86 -4.27
N TYR B 180 -10.11 -39.24 -3.27
CA TYR B 180 -9.96 -40.53 -2.61
C TYR B 180 -9.78 -41.65 -3.63
N ASP B 181 -10.67 -41.68 -4.62
CA ASP B 181 -10.65 -42.69 -5.66
C ASP B 181 -9.29 -42.71 -6.35
N VAL B 182 -8.78 -41.53 -6.71
CA VAL B 182 -7.50 -41.44 -7.39
C VAL B 182 -6.33 -41.96 -6.58
N TYR B 183 -6.39 -41.77 -5.26
CA TYR B 183 -5.32 -42.24 -4.40
C TYR B 183 -5.28 -43.77 -4.55
N ARG B 184 -6.45 -44.39 -4.48
CA ARG B 184 -6.57 -45.83 -4.61
C ARG B 184 -5.81 -46.36 -5.84
N TYR B 185 -6.00 -45.76 -7.00
CA TYR B 185 -5.32 -46.30 -8.18
C TYR B 185 -3.81 -46.10 -8.16
N LEU B 186 -3.42 -45.24 -7.28
CA LEU B 186 -2.01 -45.06 -7.28
C LEU B 186 -1.34 -46.26 -6.65
N PRO B 187 -0.02 -46.25 -6.42
CA PRO B 187 0.61 -47.45 -5.85
C PRO B 187 0.90 -47.32 -4.35
N PRO B 188 1.17 -48.52 -3.74
CA PRO B 188 1.52 -48.55 -2.32
C PRO B 188 2.76 -47.73 -2.08
N ALA B 189 2.71 -46.88 -1.08
CA ALA B 189 3.83 -46.08 -0.61
C ALA B 189 3.98 -44.71 -1.31
N THR B 190 3.06 -44.27 -2.13
CA THR B 190 3.13 -42.93 -2.82
C THR B 190 3.29 -41.70 -1.96
N GLN B 191 4.22 -40.85 -2.36
CA GLN B 191 4.54 -39.59 -1.72
C GLN B 191 3.42 -38.66 -2.03
N VAL B 192 2.86 -38.02 -1.01
CA VAL B 192 1.76 -37.09 -1.22
C VAL B 192 2.00 -35.71 -0.61
N VAL B 193 2.09 -34.69 -1.44
CA VAL B 193 2.31 -33.34 -0.98
C VAL B 193 1.02 -32.57 -1.01
N LEU B 194 0.45 -32.18 0.12
CA LEU B 194 -0.80 -31.42 -0.01
C LEU B 194 -0.56 -29.95 0.19
N ILE B 195 -1.02 -29.13 -0.75
CA ILE B 195 -0.86 -27.69 -0.66
C ILE B 195 -2.19 -27.07 -0.37
N SER B 196 -2.24 -26.15 0.58
CA SER B 196 -3.51 -25.53 0.87
C SER B 196 -3.51 -24.30 1.75
N ALA B 197 -4.25 -23.28 1.31
CA ALA B 197 -4.35 -22.04 2.06
C ALA B 197 -4.96 -22.24 3.45
N THR B 198 -5.98 -23.07 3.58
CA THR B 198 -6.62 -23.32 4.88
C THR B 198 -6.55 -24.78 5.27
N LEU B 199 -6.76 -25.08 6.54
CA LEU B 199 -6.69 -26.49 6.94
C LEU B 199 -7.83 -26.85 7.86
N PRO B 200 -8.96 -27.24 7.27
CA PRO B 200 -10.21 -27.65 7.91
C PRO B 200 -10.10 -28.97 8.65
N HIS B 201 -11.05 -29.21 9.54
CA HIS B 201 -11.10 -30.45 10.33
C HIS B 201 -11.36 -31.67 9.46
N GLU B 202 -11.39 -31.44 8.15
CA GLU B 202 -11.65 -32.50 7.19
C GLU B 202 -10.53 -32.71 6.18
N ILE B 203 -9.64 -31.73 6.06
CA ILE B 203 -8.48 -31.83 5.17
C ILE B 203 -7.51 -32.68 5.97
N LEU B 204 -7.68 -32.62 7.28
CA LEU B 204 -6.83 -33.36 8.17
C LEU B 204 -7.31 -34.77 8.05
N GLU B 205 -8.63 -34.93 8.02
CA GLU B 205 -9.23 -36.26 7.90
C GLU B 205 -8.70 -36.97 6.67
N MET B 206 -8.26 -36.17 5.71
CA MET B 206 -7.69 -36.67 4.48
C MET B 206 -6.18 -36.85 4.59
N THR B 207 -5.49 -35.87 5.17
CA THR B 207 -4.03 -35.96 5.32
C THR B 207 -3.60 -37.19 6.04
N ASN B 208 -4.06 -37.34 7.28
CA ASN B 208 -3.67 -38.51 8.03
C ASN B 208 -4.26 -39.80 7.42
N LYS B 209 -5.24 -39.67 6.52
CA LYS B 209 -5.81 -40.87 5.89
C LYS B 209 -4.92 -41.50 4.82
N PHE B 210 -3.97 -40.74 4.27
CA PHE B 210 -3.00 -41.30 3.30
C PHE B 210 -1.66 -40.56 3.24
N MET B 211 -1.08 -40.37 4.41
CA MET B 211 0.17 -39.65 4.57
C MET B 211 0.74 -40.15 5.87
N THR B 212 1.85 -40.85 5.82
CA THR B 212 2.44 -41.34 7.05
C THR B 212 3.48 -40.35 7.54
N ASP B 213 3.45 -40.03 8.84
CA ASP B 213 4.41 -39.10 9.45
C ASP B 213 4.78 -38.03 8.43
N PRO B 214 3.87 -37.08 8.23
CA PRO B 214 4.02 -35.97 7.29
C PRO B 214 4.77 -34.85 7.93
N ILE B 215 5.36 -34.00 7.11
CA ILE B 215 6.06 -32.82 7.60
C ILE B 215 4.99 -31.76 7.53
N ARG B 216 4.74 -31.04 8.60
CA ARG B 216 3.77 -29.97 8.48
C ARG B 216 4.51 -28.64 8.41
N ILE B 217 4.18 -27.82 7.43
CA ILE B 217 4.78 -26.49 7.30
C ILE B 217 3.65 -25.50 7.37
N LEU B 218 3.42 -24.94 8.55
CA LEU B 218 2.30 -24.03 8.70
C LEU B 218 2.65 -22.59 8.78
N VAL B 219 1.60 -21.81 8.96
CA VAL B 219 1.74 -20.39 9.04
C VAL B 219 1.76 -19.91 10.47
N LYS B 220 0.87 -20.46 11.30
CA LYS B 220 0.82 -20.11 12.72
C LYS B 220 1.65 -21.07 13.57
N ARG B 221 2.32 -20.50 14.56
CA ARG B 221 3.07 -21.36 15.44
C ARG B 221 2.13 -22.42 15.92
N ASP B 222 2.69 -23.53 16.28
CA ASP B 222 1.97 -24.67 16.79
C ASP B 222 2.89 -25.27 17.83
N GLU B 223 2.38 -25.55 19.00
CA GLU B 223 3.27 -26.06 20.03
C GLU B 223 2.84 -27.33 20.75
N LEU B 224 3.86 -28.10 21.09
CA LEU B 224 3.73 -29.35 21.81
C LEU B 224 2.97 -29.15 23.08
N THR B 225 2.13 -30.09 23.41
CA THR B 225 1.38 -30.08 24.67
C THR B 225 0.95 -31.51 24.79
N LEU B 226 1.11 -32.15 25.93
CA LEU B 226 0.71 -33.59 26.00
C LEU B 226 -0.75 -33.93 26.31
N GLU B 227 -1.68 -33.04 26.03
CA GLU B 227 -3.13 -33.29 26.16
C GLU B 227 -3.52 -34.39 25.18
N GLY B 228 -4.34 -35.37 25.59
CA GLY B 228 -4.71 -36.46 24.73
C GLY B 228 -3.79 -37.66 24.98
N ILE B 229 -2.67 -37.44 25.68
CA ILE B 229 -1.79 -38.57 25.88
C ILE B 229 -1.92 -39.26 27.20
N LYS B 230 -2.08 -40.55 27.03
CA LYS B 230 -2.12 -41.43 28.15
C LYS B 230 -0.67 -41.70 28.56
N GLN B 231 -0.35 -41.33 29.79
CA GLN B 231 0.98 -41.54 30.31
C GLN B 231 1.00 -42.55 31.41
N PHE B 232 1.92 -43.48 31.34
CA PHE B 232 2.00 -44.48 32.37
C PHE B 232 3.44 -44.74 32.72
N PHE B 233 3.60 -45.50 33.79
CA PHE B 233 4.92 -45.89 34.22
C PHE B 233 4.78 -47.30 34.74
N VAL B 234 5.79 -48.08 34.48
CA VAL B 234 5.80 -49.46 34.93
C VAL B 234 6.87 -49.46 35.98
N ALA B 235 6.43 -49.71 37.19
CA ALA B 235 7.33 -49.70 38.33
C ALA B 235 8.26 -50.89 38.32
N VAL B 236 9.30 -50.81 37.49
CA VAL B 236 10.31 -51.85 37.46
C VAL B 236 11.07 -51.62 38.73
N GLU B 237 12.16 -52.30 38.99
CA GLU B 237 12.79 -51.96 40.25
C GLU B 237 14.23 -51.49 40.05
N ARG B 238 15.02 -52.27 39.30
CA ARG B 238 16.41 -51.97 38.93
C ARG B 238 16.54 -52.23 37.38
N GLU B 239 17.60 -51.72 36.75
CA GLU B 239 17.85 -51.86 35.28
C GLU B 239 17.86 -53.24 34.64
N GLU B 240 18.46 -54.25 35.27
CA GLU B 240 18.54 -55.53 34.57
C GLU B 240 17.14 -56.09 34.44
N TRP B 241 16.23 -55.53 35.23
CA TRP B 241 14.87 -55.99 35.18
C TRP B 241 14.07 -55.28 34.11
N LYS B 242 14.58 -54.18 33.60
CA LYS B 242 13.90 -53.42 32.54
C LYS B 242 13.66 -54.29 31.32
N PHE B 243 14.73 -54.87 30.79
CA PHE B 243 14.65 -55.71 29.60
C PHE B 243 13.45 -56.67 29.65
N ASP B 244 13.43 -57.59 30.61
CA ASP B 244 12.29 -58.50 30.68
C ASP B 244 10.98 -57.73 30.58
N THR B 245 10.84 -56.66 31.38
CA THR B 245 9.61 -55.88 31.37
C THR B 245 9.24 -55.37 30.00
N LEU B 246 10.25 -55.12 29.18
CA LEU B 246 10.02 -54.63 27.82
C LEU B 246 9.45 -55.77 26.99
N CYS B 247 10.19 -56.86 26.95
CA CYS B 247 9.74 -58.01 26.20
C CYS B 247 8.29 -58.32 26.57
N ASP B 248 8.03 -58.59 27.86
CA ASP B 248 6.67 -58.90 28.29
C ASP B 248 5.65 -58.00 27.60
N LEU B 249 5.89 -56.73 27.61
CA LEU B 249 5.02 -55.70 27.03
C LEU B 249 5.07 -55.66 25.50
N TYR B 250 6.27 -55.88 25.03
CA TYR B 250 6.50 -55.97 23.60
C TYR B 250 5.30 -56.63 22.90
N ASP B 251 4.74 -57.65 23.52
CA ASP B 251 3.66 -58.42 22.92
C ASP B 251 2.71 -57.60 22.06
N THR B 252 2.05 -56.80 22.84
CA THR B 252 1.03 -55.88 22.46
C THR B 252 1.69 -54.55 22.08
N LEU B 253 2.97 -54.61 21.64
CA LEU B 253 3.74 -53.42 21.20
C LEU B 253 3.75 -53.28 19.69
N THR B 254 4.40 -54.23 19.00
CA THR B 254 4.49 -54.26 17.53
C THR B 254 3.10 -54.08 16.95
N ILE B 255 2.07 -54.23 17.81
CA ILE B 255 0.65 -54.03 17.42
C ILE B 255 0.72 -52.79 16.52
N THR B 256 1.62 -51.91 16.92
CA THR B 256 1.92 -50.69 16.21
C THR B 256 3.43 -50.64 16.27
N GLN B 257 3.97 -49.62 15.64
CA GLN B 257 5.37 -49.44 15.74
C GLN B 257 5.55 -48.87 17.11
N ALA B 258 6.75 -48.46 17.45
CA ALA B 258 6.95 -47.88 18.73
C ALA B 258 8.32 -47.33 18.69
N VAL B 259 8.50 -46.22 19.40
CA VAL B 259 9.81 -45.60 19.50
C VAL B 259 10.17 -45.74 20.94
N ILE B 260 11.34 -46.29 21.16
CA ILE B 260 11.81 -46.46 22.51
C ILE B 260 12.99 -45.55 22.68
N PHE B 261 12.90 -44.75 23.75
CA PHE B 261 13.95 -43.79 24.03
C PHE B 261 14.89 -44.17 25.11
N CYS B 262 16.13 -43.74 24.92
CA CYS B 262 17.18 -44.03 25.85
C CYS B 262 18.01 -42.79 26.07
N ASN B 263 18.85 -42.81 27.11
CA ASN B 263 19.66 -41.64 27.39
C ASN B 263 21.09 -41.66 26.86
N THR B 264 21.66 -42.83 26.55
CA THR B 264 23.04 -42.93 26.05
C THR B 264 23.31 -43.84 24.84
N LYS B 265 24.38 -43.54 24.10
CA LYS B 265 24.77 -44.36 22.96
C LYS B 265 24.91 -45.80 23.44
N ARG B 266 25.89 -46.06 24.31
CA ARG B 266 26.10 -47.42 24.79
C ARG B 266 24.80 -48.13 25.20
N LYS B 267 23.80 -47.36 25.65
CA LYS B 267 22.54 -47.98 26.08
C LYS B 267 21.57 -48.34 24.98
N VAL B 268 21.69 -47.70 23.83
CA VAL B 268 20.84 -48.03 22.71
C VAL B 268 21.49 -49.26 22.12
N ASP B 269 22.75 -49.08 21.75
CA ASP B 269 23.54 -50.14 21.19
C ASP B 269 23.25 -51.38 22.03
N TRP B 270 23.41 -51.30 23.35
CA TRP B 270 23.14 -52.48 24.15
C TRP B 270 21.74 -53.00 23.90
N LEU B 271 20.72 -52.18 24.17
CA LEU B 271 19.34 -52.61 23.98
C LEU B 271 19.07 -53.23 22.61
N THR B 272 19.62 -52.62 21.56
CA THR B 272 19.45 -53.14 20.22
C THR B 272 20.01 -54.58 20.17
N GLU B 273 21.33 -54.72 20.32
CA GLU B 273 21.97 -56.03 20.30
C GLU B 273 21.20 -57.02 21.16
N LYS B 274 20.89 -56.62 22.40
CA LYS B 274 20.17 -57.48 23.33
C LYS B 274 18.77 -57.86 22.85
N MET B 275 18.18 -57.08 21.96
CA MET B 275 16.84 -57.41 21.45
C MET B 275 16.94 -58.23 20.17
N ARG B 276 18.03 -58.01 19.46
CA ARG B 276 18.23 -58.72 18.21
C ARG B 276 18.80 -60.09 18.49
N GLU B 277 19.52 -60.29 19.58
CA GLU B 277 20.06 -61.65 19.85
C GLU B 277 18.93 -62.55 20.34
N ALA B 278 17.81 -61.88 20.54
CA ALA B 278 16.57 -62.46 21.03
C ALA B 278 15.47 -62.43 19.96
N ASN B 279 15.76 -61.76 18.84
CA ASN B 279 14.83 -61.67 17.71
C ASN B 279 13.65 -60.69 17.82
N PHE B 280 13.83 -59.50 17.22
CA PHE B 280 12.83 -58.42 17.17
C PHE B 280 13.29 -57.58 15.99
N THR B 281 12.38 -56.94 15.27
CA THR B 281 12.80 -56.14 14.11
C THR B 281 12.92 -54.63 14.37
N VAL B 282 14.13 -54.19 14.69
CA VAL B 282 14.38 -52.77 15.00
C VAL B 282 15.37 -52.02 14.14
N SER B 283 15.33 -50.70 14.34
CA SER B 283 16.19 -49.71 13.69
C SER B 283 16.64 -48.82 14.85
N SER B 284 17.95 -48.68 15.04
CA SER B 284 18.43 -47.90 16.14
C SER B 284 19.36 -46.79 15.72
N MET B 285 19.26 -45.67 16.42
CA MET B 285 20.12 -44.56 16.10
C MET B 285 20.45 -43.63 17.26
N HIS B 286 21.59 -42.94 17.12
CA HIS B 286 22.10 -42.00 18.11
C HIS B 286 22.76 -40.82 17.40
N GLY B 287 23.65 -40.12 18.09
CA GLY B 287 24.31 -38.95 17.53
C GLY B 287 25.51 -39.07 16.60
N ASP B 288 26.47 -39.93 16.93
CA ASP B 288 27.68 -40.12 16.11
C ASP B 288 27.40 -40.50 14.66
N MET B 289 26.18 -40.25 14.18
CA MET B 289 25.84 -40.62 12.82
C MET B 289 25.66 -39.45 11.87
N PRO B 290 25.86 -39.69 10.57
CA PRO B 290 25.74 -38.72 9.48
C PRO B 290 24.29 -38.40 9.07
N GLN B 291 24.02 -37.12 8.84
CA GLN B 291 22.70 -36.65 8.43
C GLN B 291 22.02 -37.53 7.37
N LYS B 292 22.77 -38.11 6.44
CA LYS B 292 22.16 -38.94 5.39
C LYS B 292 21.77 -40.34 5.86
N GLU B 293 22.44 -40.83 6.89
CA GLU B 293 22.15 -42.16 7.44
C GLU B 293 20.99 -42.02 8.44
N ARG B 294 21.00 -40.91 9.18
CA ARG B 294 19.98 -40.62 10.17
C ARG B 294 18.59 -40.84 9.61
N GLU B 295 18.24 -40.00 8.64
CA GLU B 295 16.92 -40.07 7.99
C GLU B 295 16.78 -41.30 7.08
N SER B 296 17.91 -41.90 6.70
CA SER B 296 17.87 -43.08 5.87
C SER B 296 17.23 -44.18 6.69
N ILE B 297 17.43 -44.09 8.01
CA ILE B 297 16.88 -45.07 8.93
C ILE B 297 15.40 -44.77 9.10
N MET B 298 15.10 -43.50 9.33
CA MET B 298 13.73 -43.11 9.48
C MET B 298 12.95 -43.70 8.30
N LYS B 299 13.31 -43.31 7.08
CA LYS B 299 12.65 -43.83 5.89
C LYS B 299 12.30 -45.29 6.10
N GLU B 300 13.17 -46.02 6.81
CA GLU B 300 12.89 -47.42 7.08
C GLU B 300 11.74 -47.49 8.06
N PHE B 301 12.01 -47.12 9.31
CA PHE B 301 11.00 -47.17 10.36
C PHE B 301 9.69 -46.54 10.03
N ARG B 302 9.71 -45.32 9.49
CA ARG B 302 8.46 -44.64 9.18
C ARG B 302 7.60 -45.36 8.14
N SER B 303 8.27 -46.02 7.20
CA SER B 303 7.59 -46.80 6.15
C SER B 303 6.86 -47.93 6.84
N GLY B 304 7.67 -48.71 7.53
CA GLY B 304 7.20 -49.86 8.25
C GLY B 304 8.36 -50.84 8.24
N ALA B 305 9.38 -50.60 7.43
CA ALA B 305 10.51 -51.55 7.41
C ALA B 305 10.84 -52.23 8.77
N SER B 306 10.79 -51.48 9.87
CA SER B 306 11.09 -52.04 11.19
C SER B 306 9.97 -51.72 12.18
N ARG B 307 9.72 -52.61 13.13
CA ARG B 307 8.63 -52.38 14.07
C ARG B 307 8.95 -51.54 15.27
N VAL B 308 10.19 -51.59 15.73
CA VAL B 308 10.56 -50.78 16.88
C VAL B 308 11.73 -49.87 16.55
N LEU B 309 11.64 -48.61 16.98
CA LEU B 309 12.73 -47.67 16.75
C LEU B 309 13.28 -47.29 18.10
N ILE B 310 14.52 -47.66 18.36
CA ILE B 310 15.17 -47.32 19.62
C ILE B 310 16.17 -46.23 19.32
N SER B 311 16.18 -45.17 20.13
CA SER B 311 17.08 -44.07 19.88
C SER B 311 17.14 -43.04 21.00
N THR B 312 18.21 -42.24 20.97
CA THR B 312 18.53 -41.15 21.90
C THR B 312 17.86 -39.86 21.47
N ASP B 313 17.45 -39.02 22.41
CA ASP B 313 16.80 -37.78 22.02
C ASP B 313 17.74 -36.98 21.11
N VAL B 314 17.71 -37.28 19.81
CA VAL B 314 18.58 -36.62 18.85
C VAL B 314 17.89 -35.49 18.09
N TRP B 315 16.57 -35.42 18.19
CA TRP B 315 15.91 -34.35 17.47
C TRP B 315 16.15 -33.00 18.12
N ALA B 316 16.83 -32.13 17.37
CA ALA B 316 17.14 -30.79 17.82
C ALA B 316 15.82 -30.09 18.12
N ARG B 317 14.89 -30.10 17.17
CA ARG B 317 13.58 -29.52 17.42
C ARG B 317 12.87 -30.53 18.30
N GLY B 318 11.56 -30.42 18.45
CA GLY B 318 10.87 -31.38 19.27
C GLY B 318 9.80 -32.13 18.51
N LEU B 319 9.13 -31.41 17.63
CA LEU B 319 8.03 -31.96 16.84
C LEU B 319 8.47 -32.96 15.77
N ASP B 320 9.75 -32.89 15.41
CA ASP B 320 10.25 -33.75 14.37
C ASP B 320 10.46 -35.22 14.75
N VAL B 321 9.68 -35.75 15.69
CA VAL B 321 9.83 -37.17 16.09
C VAL B 321 8.73 -38.03 15.46
N PRO B 322 9.09 -39.14 14.80
CA PRO B 322 8.12 -40.04 14.16
C PRO B 322 6.89 -40.23 15.01
N GLN B 323 5.79 -39.57 14.66
CA GLN B 323 4.62 -39.73 15.48
C GLN B 323 3.89 -41.05 15.24
N VAL B 324 4.12 -41.95 16.18
CA VAL B 324 3.55 -43.27 16.21
C VAL B 324 2.59 -43.28 17.41
N SER B 325 1.87 -44.37 17.59
CA SER B 325 0.94 -44.45 18.70
C SER B 325 1.61 -44.85 20.03
N LEU B 326 2.82 -45.39 19.99
CA LEU B 326 3.44 -45.74 21.25
C LEU B 326 4.90 -45.34 21.42
N ILE B 327 5.13 -44.62 22.51
CA ILE B 327 6.44 -44.18 22.90
C ILE B 327 6.69 -44.78 24.27
N ILE B 328 7.88 -45.33 24.44
CA ILE B 328 8.25 -45.90 25.71
C ILE B 328 9.53 -45.21 26.11
N ASN B 329 9.60 -44.73 27.33
CA ASN B 329 10.82 -44.10 27.78
C ASN B 329 11.54 -45.17 28.57
N TYR B 330 12.46 -45.86 27.90
CA TYR B 330 13.20 -46.93 28.53
C TYR B 330 14.02 -46.41 29.69
N ASP B 331 14.35 -45.13 29.60
CA ASP B 331 15.10 -44.41 30.63
C ASP B 331 14.35 -43.12 30.81
N LEU B 332 14.41 -42.53 31.98
CA LEU B 332 13.73 -41.27 32.10
C LEU B 332 14.68 -40.21 31.67
N PRO B 333 14.16 -39.06 31.25
CA PRO B 333 15.04 -37.97 30.83
C PRO B 333 15.44 -37.26 32.13
N ASN B 334 16.68 -36.82 32.26
CA ASN B 334 17.10 -36.18 33.50
C ASN B 334 16.95 -34.68 33.52
N ASN B 335 15.99 -34.18 32.77
CA ASN B 335 15.71 -32.75 32.70
C ASN B 335 14.25 -32.55 32.36
N ARG B 336 13.53 -32.05 33.34
CA ARG B 336 12.12 -31.83 33.22
C ARG B 336 11.65 -31.50 31.79
N GLU B 337 12.36 -30.58 31.14
CA GLU B 337 11.99 -30.09 29.81
C GLU B 337 12.09 -30.99 28.60
N LEU B 338 12.89 -32.04 28.64
CA LEU B 338 12.94 -32.80 27.41
C LEU B 338 12.03 -33.99 27.33
N TYR B 339 11.24 -34.20 28.38
CA TYR B 339 10.29 -35.31 28.41
C TYR B 339 9.13 -35.00 27.46
N ILE B 340 8.67 -33.76 27.46
CA ILE B 340 7.56 -33.42 26.57
C ILE B 340 8.22 -33.38 25.23
N HIS B 341 9.40 -32.82 25.20
CA HIS B 341 10.14 -32.73 23.96
C HIS B 341 10.21 -34.16 23.39
N ARG B 342 9.98 -35.14 24.25
CA ARG B 342 10.08 -36.54 23.85
C ARG B 342 8.82 -37.29 23.61
N ILE B 343 7.71 -36.85 24.17
CA ILE B 343 6.47 -37.56 23.97
C ILE B 343 5.29 -36.66 23.63
N GLY B 344 5.53 -35.37 23.48
CA GLY B 344 4.43 -34.46 23.15
C GLY B 344 3.92 -34.57 21.73
N ARG B 345 2.75 -33.97 21.47
CA ARG B 345 2.11 -33.99 20.15
C ARG B 345 1.73 -32.58 19.68
N SER B 346 1.37 -32.43 18.41
CA SER B 346 1.01 -31.12 17.89
C SER B 346 -0.30 -30.60 18.41
N GLY B 347 -1.08 -31.45 19.07
CA GLY B 347 -2.34 -30.97 19.61
C GLY B 347 -3.32 -30.50 18.55
N ARG B 348 -3.01 -29.41 17.84
CA ARG B 348 -3.94 -28.94 16.83
C ARG B 348 -3.95 -29.89 15.65
N TYR B 349 -2.80 -30.41 15.28
CA TYR B 349 -2.75 -31.30 14.14
C TYR B 349 -2.26 -32.71 14.40
N GLY B 350 -1.82 -33.02 15.62
CA GLY B 350 -1.31 -34.36 15.89
C GLY B 350 -2.23 -35.44 16.41
N ARG B 351 -1.84 -36.70 16.20
CA ARG B 351 -2.63 -37.86 16.65
C ARG B 351 -2.50 -38.16 18.15
N LYS B 352 -3.63 -38.30 18.85
CA LYS B 352 -3.62 -38.63 20.29
C LYS B 352 -2.76 -39.88 20.45
N GLY B 353 -2.17 -40.12 21.62
CA GLY B 353 -1.33 -41.28 21.75
C GLY B 353 -1.22 -41.95 23.10
N VAL B 354 -0.07 -42.56 23.38
CA VAL B 354 0.21 -43.24 24.64
C VAL B 354 1.70 -43.41 24.82
N ALA B 355 2.17 -43.20 26.06
CA ALA B 355 3.59 -43.34 26.36
C ALA B 355 3.79 -44.02 27.70
N ILE B 356 4.75 -44.93 27.76
CA ILE B 356 5.02 -45.64 29.00
C ILE B 356 6.41 -45.31 29.50
N ASN B 357 6.47 -44.94 30.77
CA ASN B 357 7.72 -44.57 31.40
C ASN B 357 8.21 -45.70 32.29
N PHE B 358 9.43 -46.16 32.03
CA PHE B 358 10.05 -47.22 32.81
C PHE B 358 10.83 -46.54 33.91
N VAL B 359 10.18 -46.41 35.07
CA VAL B 359 10.76 -45.75 36.22
C VAL B 359 11.38 -46.67 37.25
N LYS B 360 12.66 -46.48 37.54
CA LYS B 360 13.35 -47.29 38.55
C LYS B 360 13.51 -46.51 39.87
N ASN B 361 13.70 -47.23 40.97
CA ASN B 361 13.85 -46.61 42.29
C ASN B 361 14.53 -45.24 42.22
N ASP B 362 15.83 -45.23 41.94
CA ASP B 362 16.60 -44.00 41.84
C ASP B 362 15.86 -42.85 41.17
N ASP B 363 14.91 -43.19 40.30
CA ASP B 363 14.16 -42.19 39.55
C ASP B 363 12.69 -42.05 39.93
N ILE B 364 12.18 -42.91 40.81
CA ILE B 364 10.78 -42.79 41.19
C ILE B 364 10.53 -41.34 41.56
N ARG B 365 11.61 -40.62 41.85
CA ARG B 365 11.51 -39.22 42.20
C ARG B 365 11.42 -38.32 40.99
N ILE B 366 12.37 -38.45 40.07
CA ILE B 366 12.38 -37.63 38.87
C ILE B 366 11.01 -37.59 38.24
N LEU B 367 10.32 -38.71 38.32
CA LEU B 367 8.99 -38.81 37.75
C LEU B 367 7.99 -37.94 38.49
N ARG B 368 8.09 -37.93 39.81
CA ARG B 368 7.20 -37.12 40.63
C ARG B 368 7.39 -35.63 40.34
N ASP B 369 8.52 -35.30 39.72
CA ASP B 369 8.84 -33.92 39.35
C ASP B 369 8.22 -33.62 37.98
N ILE B 370 8.56 -34.47 37.03
CA ILE B 370 8.03 -34.35 35.67
C ILE B 370 6.54 -34.17 35.76
N GLU B 371 5.92 -34.96 36.63
CA GLU B 371 4.49 -34.94 36.85
C GLU B 371 4.06 -33.55 37.27
N GLN B 372 4.66 -33.05 38.36
CA GLN B 372 4.37 -31.73 38.90
C GLN B 372 4.72 -30.61 37.91
N TYR B 373 5.72 -30.87 37.08
CA TYR B 373 6.21 -29.91 36.10
C TYR B 373 5.19 -29.48 35.04
N TYR B 374 4.79 -30.44 34.22
CA TYR B 374 3.82 -30.16 33.17
C TYR B 374 2.43 -30.20 33.80
N SER B 375 2.39 -30.18 35.13
CA SER B 375 1.12 -30.23 35.83
C SER B 375 0.16 -31.18 35.10
N THR B 376 0.56 -32.45 35.03
CA THR B 376 -0.21 -33.52 34.38
C THR B 376 -0.17 -34.74 35.31
N GLN B 377 -0.92 -35.80 34.98
CA GLN B 377 -0.95 -37.01 35.82
C GLN B 377 -0.30 -38.21 35.15
N ILE B 378 0.36 -39.06 35.94
CA ILE B 378 1.01 -40.27 35.42
C ILE B 378 0.66 -41.50 36.26
N ASP B 379 -0.03 -42.48 35.67
CA ASP B 379 -0.46 -43.68 36.38
C ASP B 379 0.36 -44.94 36.13
N GLU B 380 0.20 -45.89 37.04
CA GLU B 380 0.89 -47.18 36.98
C GLU B 380 0.08 -48.08 36.05
N MET B 381 0.79 -48.88 35.25
CA MET B 381 0.15 -49.76 34.29
C MET B 381 -0.84 -50.82 34.74
N PRO B 382 -2.11 -50.70 34.29
CA PRO B 382 -3.16 -51.66 34.64
C PRO B 382 -3.00 -52.84 33.65
N MET B 383 -3.62 -53.99 33.92
CA MET B 383 -3.49 -55.15 33.03
C MET B 383 -4.12 -54.94 31.65
N ASN B 384 -5.05 -53.99 31.60
CA ASN B 384 -5.79 -53.64 30.38
C ASN B 384 -4.97 -53.16 29.19
N VAL B 385 -4.49 -54.09 28.37
CA VAL B 385 -3.74 -53.72 27.18
C VAL B 385 -4.83 -53.40 26.16
N ALA B 386 -6.07 -53.36 26.65
CA ALA B 386 -7.26 -53.07 25.85
C ALA B 386 -7.57 -51.57 25.84
N ASP B 387 -6.52 -50.76 25.68
CA ASP B 387 -6.65 -49.31 25.64
C ASP B 387 -5.75 -48.69 24.58
N LEU B 388 -4.91 -49.52 23.97
CA LEU B 388 -4.01 -49.10 22.90
C LEU B 388 -4.85 -49.13 21.61
N ILE B 389 -6.12 -49.52 21.77
CA ILE B 389 -7.10 -49.64 20.68
C ILE B 389 -7.17 -48.43 19.75
N LEU B 390 -6.91 -47.26 20.32
CA LEU B 390 -6.95 -46.01 19.55
C LEU B 390 -6.07 -45.97 18.29
N GLU B 391 -6.74 -46.10 17.14
CA GLU B 391 -6.08 -46.03 15.83
C GLU B 391 -4.69 -46.66 15.77
N PRO C 16 18.79 -3.30 -11.35
CA PRO C 16 17.42 -2.82 -11.70
C PRO C 16 16.41 -3.25 -10.64
N THR C 17 15.90 -2.31 -9.86
CA THR C 17 14.93 -2.63 -8.82
C THR C 17 13.73 -1.72 -8.86
N PHE C 18 12.82 -1.94 -7.92
CA PHE C 18 11.61 -1.14 -7.82
C PHE C 18 11.90 0.15 -7.11
N ASP C 19 13.02 0.20 -6.41
CA ASP C 19 13.39 1.39 -5.65
C ASP C 19 13.54 2.62 -6.53
N THR C 20 14.24 2.46 -7.65
CA THR C 20 14.47 3.57 -8.58
C THR C 20 13.30 3.96 -9.48
N MET C 21 12.14 3.37 -9.24
CA MET C 21 11.00 3.67 -10.10
C MET C 21 10.11 4.73 -9.52
N GLY C 22 10.48 5.21 -8.35
CA GLY C 22 9.68 6.24 -7.72
C GLY C 22 8.23 5.86 -7.57
N LEU C 23 8.01 4.66 -7.05
CA LEU C 23 6.67 4.17 -6.81
C LEU C 23 6.36 4.59 -5.36
N ARG C 24 5.09 4.86 -5.06
CA ARG C 24 4.69 5.27 -3.71
C ARG C 24 5.10 4.24 -2.68
N GLU C 25 5.36 4.67 -1.44
CA GLU C 25 5.79 3.78 -0.36
C GLU C 25 4.87 2.61 -0.04
N ASP C 26 3.67 2.91 0.43
CA ASP C 26 2.71 1.88 0.81
C ASP C 26 2.54 0.76 -0.24
N LEU C 27 2.96 1.04 -1.46
CA LEU C 27 2.87 0.04 -2.52
C LEU C 27 4.15 -0.77 -2.55
N LEU C 28 5.27 -0.09 -2.57
CA LEU C 28 6.58 -0.74 -2.59
C LEU C 28 6.66 -1.69 -1.42
N ARG C 29 5.95 -1.37 -0.33
CA ARG C 29 5.96 -2.24 0.83
C ARG C 29 5.23 -3.50 0.42
N GLY C 30 4.03 -3.30 -0.10
CA GLY C 30 3.23 -4.42 -0.54
C GLY C 30 3.99 -5.28 -1.52
N ILE C 31 4.69 -4.65 -2.46
CA ILE C 31 5.47 -5.36 -3.47
C ILE C 31 6.45 -6.29 -2.81
N TYR C 32 7.28 -5.77 -1.92
CA TYR C 32 8.26 -6.59 -1.25
C TYR C 32 7.61 -7.62 -0.33
N ALA C 33 6.50 -7.23 0.29
CA ALA C 33 5.80 -8.14 1.19
C ALA C 33 5.16 -9.27 0.40
N TYR C 34 4.72 -8.94 -0.81
CA TYR C 34 4.11 -9.92 -1.71
C TYR C 34 5.22 -10.88 -2.07
N GLY C 35 6.46 -10.45 -1.88
CA GLY C 35 7.57 -11.33 -2.21
C GLY C 35 8.25 -11.01 -3.52
N PHE C 36 7.65 -10.17 -4.36
CA PHE C 36 8.25 -9.79 -5.63
C PHE C 36 9.43 -8.87 -5.31
N GLU C 37 10.65 -9.40 -5.28
CA GLU C 37 11.82 -8.57 -4.92
C GLU C 37 12.62 -7.89 -6.02
N LYS C 38 12.53 -8.40 -7.25
CA LYS C 38 13.29 -7.77 -8.32
C LYS C 38 12.55 -7.95 -9.65
N PRO C 39 12.27 -6.84 -10.35
CA PRO C 39 11.57 -6.84 -11.63
C PRO C 39 12.48 -7.21 -12.79
N SER C 40 11.89 -7.79 -13.82
CA SER C 40 12.61 -8.20 -15.02
C SER C 40 13.18 -6.97 -15.70
N ALA C 41 13.98 -7.18 -16.73
CA ALA C 41 14.56 -6.05 -17.45
C ALA C 41 13.46 -5.38 -18.28
N ILE C 42 12.73 -6.21 -19.02
CA ILE C 42 11.67 -5.73 -19.87
C ILE C 42 10.51 -5.26 -18.99
N GLN C 43 10.16 -6.04 -17.97
CA GLN C 43 9.06 -5.68 -17.09
C GLN C 43 9.26 -4.29 -16.51
N GLN C 44 10.50 -3.92 -16.22
CA GLN C 44 10.72 -2.60 -15.67
C GLN C 44 10.19 -1.61 -16.69
N ARG C 45 10.51 -1.84 -17.96
CA ARG C 45 10.06 -0.94 -19.01
C ARG C 45 8.54 -0.85 -19.01
N ALA C 46 7.89 -2.01 -19.04
CA ALA C 46 6.43 -2.07 -19.05
C ALA C 46 5.90 -1.18 -17.95
N ILE C 47 6.33 -1.45 -16.73
CA ILE C 47 5.88 -0.67 -15.60
C ILE C 47 6.20 0.79 -15.84
N LYS C 48 7.49 1.11 -15.92
CA LYS C 48 7.93 2.49 -16.11
C LYS C 48 7.04 3.19 -17.13
N GLN C 49 6.86 2.56 -18.28
CA GLN C 49 6.05 3.12 -19.35
C GLN C 49 4.53 3.25 -19.13
N ILE C 50 3.93 2.29 -18.45
CA ILE C 50 2.50 2.36 -18.22
C ILE C 50 2.24 3.51 -17.27
N ILE C 51 3.17 3.71 -16.35
CA ILE C 51 3.06 4.79 -15.39
C ILE C 51 3.11 6.13 -16.11
N LYS C 52 4.03 6.26 -17.06
CA LYS C 52 4.16 7.49 -17.83
C LYS C 52 2.83 7.82 -18.46
N GLY C 53 2.01 6.81 -18.67
CA GLY C 53 0.71 7.01 -19.27
C GLY C 53 0.60 6.45 -20.67
N ARG C 54 1.73 6.12 -21.26
CA ARG C 54 1.73 5.60 -22.62
C ARG C 54 0.86 4.37 -22.81
N ASP C 55 0.30 4.21 -24.00
CA ASP C 55 -0.50 3.03 -24.29
C ASP C 55 0.55 1.93 -24.49
N VAL C 56 0.33 0.78 -23.92
CA VAL C 56 1.33 -0.27 -24.07
C VAL C 56 0.88 -1.60 -24.64
N ILE C 57 1.76 -2.24 -25.40
CA ILE C 57 1.46 -3.55 -25.94
C ILE C 57 2.57 -4.45 -25.45
N ALA C 58 2.35 -5.12 -24.32
CA ALA C 58 3.37 -6.00 -23.76
C ALA C 58 3.07 -7.43 -24.07
N GLN C 59 4.05 -8.11 -24.64
CA GLN C 59 3.89 -9.51 -24.99
C GLN C 59 4.23 -10.34 -23.75
N SER C 60 3.27 -11.12 -23.31
CA SER C 60 3.44 -11.96 -22.15
C SER C 60 4.43 -13.06 -22.46
N GLN C 61 5.19 -13.48 -21.44
CA GLN C 61 6.13 -14.57 -21.60
C GLN C 61 6.10 -15.43 -20.34
N SER C 62 6.00 -16.75 -20.52
CA SER C 62 5.97 -17.67 -19.38
C SER C 62 7.09 -17.30 -18.44
N GLY C 63 6.72 -16.80 -17.27
CA GLY C 63 7.72 -16.40 -16.29
C GLY C 63 7.09 -16.04 -14.96
N THR C 64 7.72 -15.12 -14.25
CA THR C 64 7.25 -14.70 -12.93
C THR C 64 6.29 -13.50 -12.87
N GLY C 65 5.20 -13.69 -12.13
CA GLY C 65 4.18 -12.66 -11.97
C GLY C 65 3.95 -11.76 -13.17
N LYS C 66 3.46 -12.32 -14.28
CA LYS C 66 3.21 -11.48 -15.44
C LYS C 66 1.94 -10.71 -15.09
N THR C 67 1.39 -11.06 -13.94
CA THR C 67 0.20 -10.43 -13.40
C THR C 67 0.67 -9.16 -12.69
N ALA C 68 1.46 -9.36 -11.65
CA ALA C 68 1.98 -8.26 -10.86
C ALA C 68 2.53 -7.12 -11.70
N THR C 69 3.38 -7.42 -12.67
CA THR C 69 3.94 -6.37 -13.49
C THR C 69 2.93 -5.28 -13.86
N PHE C 70 1.78 -5.64 -14.40
CA PHE C 70 0.84 -4.59 -14.75
C PHE C 70 0.02 -4.17 -13.53
N SER C 71 -0.22 -5.10 -12.60
CA SER C 71 -0.98 -4.79 -11.39
C SER C 71 -0.27 -3.67 -10.63
N ILE C 72 1.06 -3.82 -10.49
CA ILE C 72 1.92 -2.83 -9.85
C ILE C 72 1.71 -1.50 -10.56
N SER C 73 1.60 -1.57 -11.88
CA SER C 73 1.36 -0.38 -12.69
C SER C 73 0.03 0.22 -12.28
N VAL C 74 -1.04 -0.54 -12.50
CA VAL C 74 -2.38 -0.09 -12.15
C VAL C 74 -2.42 0.56 -10.79
N LEU C 75 -2.05 -0.20 -9.75
CA LEU C 75 -2.04 0.34 -8.39
C LEU C 75 -1.37 1.71 -8.28
N GLN C 76 -0.12 1.82 -8.69
CA GLN C 76 0.60 3.08 -8.63
C GLN C 76 -0.23 4.27 -9.13
N CYS C 77 -0.80 4.13 -10.32
CA CYS C 77 -1.58 5.20 -10.90
C CYS C 77 -3.02 5.23 -10.40
N LEU C 78 -3.19 5.54 -9.12
CA LEU C 78 -4.51 5.62 -8.49
C LEU C 78 -4.67 6.82 -7.56
N ASP C 79 -5.91 7.17 -7.27
CA ASP C 79 -6.19 8.27 -6.36
C ASP C 79 -7.06 7.69 -5.26
N ILE C 80 -6.42 7.09 -4.27
CA ILE C 80 -7.13 6.47 -3.16
C ILE C 80 -8.32 7.28 -2.66
N GLN C 81 -8.03 8.49 -2.18
CA GLN C 81 -9.02 9.40 -1.62
C GLN C 81 -10.28 9.59 -2.46
N VAL C 82 -10.25 9.12 -3.71
CA VAL C 82 -11.41 9.22 -4.60
C VAL C 82 -11.97 7.83 -4.89
N ARG C 83 -12.83 7.34 -3.99
CA ARG C 83 -13.39 6.02 -4.16
C ARG C 83 -14.37 5.88 -5.30
N GLU C 84 -13.85 5.50 -6.46
CA GLU C 84 -14.64 5.25 -7.65
C GLU C 84 -13.75 4.56 -8.68
N THR C 85 -14.34 3.64 -9.42
CA THR C 85 -13.58 2.88 -10.42
C THR C 85 -12.68 3.71 -11.33
N GLN C 86 -11.36 3.55 -11.15
CA GLN C 86 -10.38 4.28 -11.94
C GLN C 86 -9.63 3.40 -12.96
N ALA C 87 -9.59 2.09 -12.72
CA ALA C 87 -8.90 1.21 -13.64
C ALA C 87 -9.73 -0.04 -13.82
N LEU C 88 -9.89 -0.46 -15.07
CA LEU C 88 -10.71 -1.62 -15.41
C LEU C 88 -9.90 -2.67 -16.14
N ILE C 89 -9.95 -3.90 -15.63
CA ILE C 89 -9.19 -5.01 -16.21
C ILE C 89 -10.09 -6.11 -16.75
N LEU C 90 -9.87 -6.51 -18.00
CA LEU C 90 -10.68 -7.57 -18.55
C LEU C 90 -9.82 -8.82 -18.71
N ALA C 91 -10.38 -9.97 -18.38
CA ALA C 91 -9.67 -11.24 -18.52
C ALA C 91 -10.57 -12.28 -19.18
N PRO C 92 -9.97 -13.30 -19.79
CA PRO C 92 -10.73 -14.35 -20.47
C PRO C 92 -11.52 -15.31 -19.59
N THR C 93 -11.25 -15.33 -18.28
CA THR C 93 -11.97 -16.27 -17.43
C THR C 93 -12.28 -15.77 -16.04
N ARG C 94 -13.42 -16.19 -15.51
CA ARG C 94 -13.84 -15.82 -14.18
C ARG C 94 -12.68 -16.10 -13.23
N GLU C 95 -12.27 -17.36 -13.19
CA GLU C 95 -11.18 -17.77 -12.33
C GLU C 95 -10.06 -16.76 -12.37
N LEU C 96 -9.53 -16.54 -13.57
CA LEU C 96 -8.43 -15.60 -13.75
C LEU C 96 -8.76 -14.18 -13.30
N ALA C 97 -9.99 -13.74 -13.60
CA ALA C 97 -10.42 -12.41 -13.21
C ALA C 97 -10.18 -12.23 -11.74
N VAL C 98 -10.58 -13.25 -11.00
CA VAL C 98 -10.42 -13.29 -9.56
C VAL C 98 -8.96 -13.22 -9.15
N GLN C 99 -8.17 -14.13 -9.68
CA GLN C 99 -6.76 -14.16 -9.38
C GLN C 99 -6.22 -12.74 -9.37
N ILE C 100 -6.47 -12.04 -10.48
CA ILE C 100 -6.06 -10.67 -10.67
C ILE C 100 -6.44 -9.82 -9.49
N GLN C 101 -7.63 -10.06 -8.96
CA GLN C 101 -8.13 -9.33 -7.80
C GLN C 101 -7.33 -9.74 -6.58
N LYS C 102 -7.41 -11.01 -6.21
CA LYS C 102 -6.68 -11.50 -5.04
C LYS C 102 -5.24 -10.99 -5.06
N GLY C 103 -4.68 -10.89 -6.25
CA GLY C 103 -3.32 -10.39 -6.38
C GLY C 103 -3.25 -8.90 -6.15
N LEU C 104 -4.12 -8.14 -6.80
CA LEU C 104 -4.12 -6.70 -6.63
C LEU C 104 -4.24 -6.33 -5.16
N LEU C 105 -5.18 -6.98 -4.47
CA LEU C 105 -5.42 -6.75 -3.06
C LEU C 105 -4.18 -7.09 -2.25
N ALA C 106 -3.56 -8.20 -2.60
CA ALA C 106 -2.36 -8.62 -1.90
C ALA C 106 -1.23 -7.61 -2.11
N LEU C 107 -1.19 -6.98 -3.28
CA LEU C 107 -0.12 -6.02 -3.56
C LEU C 107 -0.34 -4.68 -2.91
N GLY C 108 -1.61 -4.28 -2.76
CA GLY C 108 -1.88 -2.99 -2.15
C GLY C 108 -2.40 -3.11 -0.75
N ASP C 109 -2.22 -4.29 -0.15
CA ASP C 109 -2.72 -4.53 1.20
C ASP C 109 -2.45 -3.30 2.08
N TYR C 110 -1.33 -2.64 1.83
CA TYR C 110 -0.96 -1.47 2.60
C TYR C 110 -1.44 -0.15 2.02
N MET C 111 -2.35 -0.23 1.06
CA MET C 111 -2.88 0.98 0.46
C MET C 111 -4.36 1.07 0.78
N ASN C 112 -4.87 0.11 1.55
CA ASN C 112 -6.29 0.13 1.89
C ASN C 112 -7.06 0.45 0.62
N VAL C 113 -6.85 -0.38 -0.39
CA VAL C 113 -7.49 -0.22 -1.69
C VAL C 113 -8.68 -1.16 -1.81
N GLN C 114 -9.71 -0.72 -2.52
CA GLN C 114 -10.91 -1.53 -2.73
C GLN C 114 -10.86 -2.04 -4.17
N CYS C 115 -10.92 -3.35 -4.35
CA CYS C 115 -10.85 -3.95 -5.68
C CYS C 115 -11.78 -5.14 -5.82
N HIS C 116 -12.55 -5.20 -6.90
CA HIS C 116 -13.52 -6.28 -7.10
C HIS C 116 -13.52 -6.93 -8.46
N ALA C 117 -13.93 -8.19 -8.45
CA ALA C 117 -13.98 -8.94 -9.68
C ALA C 117 -15.45 -9.22 -9.92
N CYS C 118 -15.91 -9.02 -11.13
CA CYS C 118 -17.32 -9.28 -11.42
C CYS C 118 -17.57 -10.62 -12.05
N ILE C 119 -18.68 -11.23 -11.65
CA ILE C 119 -19.19 -12.50 -12.14
C ILE C 119 -19.90 -13.30 -11.06
N GLY C 120 -20.57 -14.36 -11.51
CA GLY C 120 -21.27 -15.28 -10.65
C GLY C 120 -22.64 -15.47 -11.26
N GLY C 121 -23.52 -14.50 -11.01
CA GLY C 121 -24.89 -14.53 -11.48
C GLY C 121 -25.68 -14.75 -10.20
N THR C 122 -25.27 -15.74 -9.41
CA THR C 122 -25.92 -16.03 -8.13
C THR C 122 -25.42 -14.91 -7.25
N ASN C 123 -24.44 -14.18 -7.77
CA ASN C 123 -23.84 -13.11 -7.02
C ASN C 123 -24.13 -11.71 -7.56
N VAL C 124 -24.75 -11.59 -8.73
CA VAL C 124 -25.06 -10.26 -9.31
C VAL C 124 -25.50 -9.18 -8.31
N GLY C 125 -26.17 -9.61 -7.25
CA GLY C 125 -26.63 -8.66 -6.25
C GLY C 125 -25.43 -8.15 -5.46
N GLU C 126 -24.59 -9.07 -5.01
CA GLU C 126 -23.41 -8.72 -4.26
C GLU C 126 -22.52 -7.96 -5.24
N ASP C 127 -22.59 -8.34 -6.52
CA ASP C 127 -21.79 -7.70 -7.56
C ASP C 127 -22.08 -6.22 -7.57
N ILE C 128 -23.35 -5.89 -7.80
CA ILE C 128 -23.76 -4.49 -7.84
C ILE C 128 -23.60 -3.81 -6.47
N ARG C 129 -23.83 -4.57 -5.42
CA ARG C 129 -23.72 -4.04 -4.05
C ARG C 129 -22.36 -3.40 -3.90
N LYS C 130 -21.30 -4.12 -4.26
CA LYS C 130 -19.96 -3.60 -4.09
C LYS C 130 -19.63 -2.50 -5.08
N LEU C 131 -20.00 -2.66 -6.34
CA LEU C 131 -19.70 -1.63 -7.32
C LEU C 131 -20.08 -0.24 -6.82
N ASP C 132 -21.12 -0.17 -5.99
CA ASP C 132 -21.57 1.09 -5.44
C ASP C 132 -20.74 1.56 -4.25
N TYR C 133 -20.26 0.64 -3.43
CA TYR C 133 -19.44 1.02 -2.29
C TYR C 133 -18.24 1.78 -2.87
N GLY C 134 -18.04 1.59 -4.17
CA GLY C 134 -16.94 2.25 -4.86
C GLY C 134 -15.70 1.39 -5.02
N GLN C 135 -15.60 0.67 -6.13
CA GLN C 135 -14.46 -0.18 -6.36
C GLN C 135 -13.37 0.51 -7.17
N HIS C 136 -12.23 0.76 -6.52
CA HIS C 136 -11.10 1.44 -7.16
C HIS C 136 -10.65 0.76 -8.45
N VAL C 137 -10.79 -0.56 -8.51
CA VAL C 137 -10.37 -1.31 -9.69
C VAL C 137 -11.33 -2.46 -9.89
N VAL C 138 -11.71 -2.71 -11.13
CA VAL C 138 -12.64 -3.82 -11.38
C VAL C 138 -12.05 -4.75 -12.42
N ALA C 139 -12.29 -6.03 -12.24
CA ALA C 139 -11.81 -6.99 -13.20
C ALA C 139 -12.97 -7.92 -13.44
N GLY C 140 -13.04 -8.51 -14.63
CA GLY C 140 -14.11 -9.42 -14.95
C GLY C 140 -14.01 -9.77 -16.42
N THR C 141 -14.76 -10.78 -16.85
CA THR C 141 -14.71 -11.13 -18.26
C THR C 141 -15.35 -9.96 -19.00
N PRO C 142 -15.04 -9.80 -20.29
CA PRO C 142 -15.62 -8.70 -21.09
C PRO C 142 -17.16 -8.70 -21.04
N GLY C 143 -17.73 -9.90 -21.08
CA GLY C 143 -19.17 -10.00 -21.04
C GLY C 143 -19.70 -9.35 -19.80
N ARG C 144 -19.45 -9.98 -18.66
CA ARG C 144 -19.93 -9.47 -17.39
C ARG C 144 -19.59 -8.00 -17.18
N VAL C 145 -18.36 -7.59 -17.46
CA VAL C 145 -17.99 -6.20 -17.24
C VAL C 145 -18.88 -5.26 -18.03
N PHE C 146 -19.21 -5.65 -19.25
CA PHE C 146 -20.08 -4.83 -20.11
C PHE C 146 -21.47 -4.73 -19.51
N ASP C 147 -21.97 -5.86 -19.02
CA ASP C 147 -23.28 -5.87 -18.40
C ASP C 147 -23.31 -4.82 -17.32
N MET C 148 -22.45 -4.93 -16.31
CA MET C 148 -22.41 -3.95 -15.22
C MET C 148 -22.33 -2.50 -15.71
N ILE C 149 -21.82 -2.29 -16.91
CA ILE C 149 -21.71 -0.93 -17.45
C ILE C 149 -23.04 -0.55 -18.07
N ARG C 150 -23.65 -1.50 -18.76
CA ARG C 150 -24.94 -1.29 -19.38
C ARG C 150 -26.00 -1.05 -18.30
N ARG C 151 -25.98 -1.87 -17.24
CA ARG C 151 -26.93 -1.72 -16.15
C ARG C 151 -26.65 -0.45 -15.35
N ARG C 152 -25.81 0.42 -15.89
CA ARG C 152 -25.50 1.67 -15.20
C ARG C 152 -24.96 1.44 -13.78
N SER C 153 -24.51 0.21 -13.49
CA SER C 153 -23.98 -0.13 -12.15
C SER C 153 -22.50 0.23 -11.98
N LEU C 154 -21.75 0.08 -13.06
CA LEU C 154 -20.32 0.38 -13.08
C LEU C 154 -20.09 1.79 -13.63
N ARG C 155 -19.46 2.64 -12.82
CA ARG C 155 -19.19 4.02 -13.20
C ARG C 155 -17.90 4.27 -14.00
N THR C 156 -18.03 4.40 -15.32
CA THR C 156 -16.88 4.63 -16.18
C THR C 156 -16.34 6.04 -15.99
N ARG C 157 -17.25 7.00 -15.90
CA ARG C 157 -16.87 8.40 -15.72
C ARG C 157 -15.40 8.66 -15.33
N ALA C 158 -14.98 8.14 -14.19
CA ALA C 158 -13.62 8.38 -13.71
C ALA C 158 -12.57 7.32 -14.01
N ILE C 159 -12.88 6.42 -14.95
CA ILE C 159 -11.92 5.39 -15.36
C ILE C 159 -10.83 6.02 -16.19
N LYS C 160 -9.59 5.71 -15.88
CA LYS C 160 -8.51 6.29 -16.64
C LYS C 160 -7.54 5.25 -17.17
N MET C 161 -7.92 3.98 -17.10
CA MET C 161 -7.03 2.94 -17.58
C MET C 161 -7.76 1.62 -17.84
N LEU C 162 -7.63 1.11 -19.06
CA LEU C 162 -8.23 -0.14 -19.42
C LEU C 162 -7.09 -1.13 -19.69
N VAL C 163 -7.14 -2.27 -19.01
CA VAL C 163 -6.11 -3.29 -19.18
C VAL C 163 -6.74 -4.55 -19.74
N LEU C 164 -6.24 -5.01 -20.88
CA LEU C 164 -6.78 -6.22 -21.51
C LEU C 164 -5.81 -7.37 -21.35
N ASP C 165 -5.88 -8.08 -20.23
CA ASP C 165 -4.99 -9.19 -19.94
C ASP C 165 -5.28 -10.43 -20.81
N GLU C 166 -4.25 -11.20 -21.14
CA GLU C 166 -4.40 -12.40 -21.96
C GLU C 166 -5.39 -12.15 -23.09
N ALA C 167 -5.25 -11.01 -23.75
CA ALA C 167 -6.14 -10.64 -24.87
C ALA C 167 -6.19 -11.69 -25.96
N ASP C 168 -5.04 -12.18 -26.42
CA ASP C 168 -5.07 -13.18 -27.47
C ASP C 168 -6.09 -14.26 -27.10
N GLU C 169 -6.13 -14.63 -25.83
CA GLU C 169 -7.08 -15.64 -25.37
C GLU C 169 -8.52 -15.09 -25.43
N MET C 170 -8.73 -13.89 -24.90
CA MET C 170 -10.05 -13.27 -24.91
C MET C 170 -10.71 -13.49 -26.27
N LEU C 171 -9.91 -13.42 -27.33
CA LEU C 171 -10.44 -13.58 -28.67
C LEU C 171 -10.77 -15.01 -29.01
N ASN C 172 -9.89 -15.94 -28.65
CA ASN C 172 -10.12 -17.35 -28.92
C ASN C 172 -11.44 -17.75 -28.30
N LYS C 173 -11.85 -17.02 -27.26
CA LYS C 173 -13.09 -17.27 -26.57
C LYS C 173 -14.19 -16.36 -27.11
N GLY C 174 -13.88 -15.70 -28.23
CA GLY C 174 -14.83 -14.82 -28.88
C GLY C 174 -15.46 -13.71 -28.06
N PHE C 175 -14.67 -12.78 -27.57
CA PHE C 175 -15.20 -11.68 -26.80
C PHE C 175 -15.00 -10.42 -27.62
N LYS C 176 -14.52 -10.60 -28.84
CA LYS C 176 -14.23 -9.48 -29.73
C LYS C 176 -15.17 -8.29 -29.51
N GLU C 177 -16.44 -8.46 -29.87
CA GLU C 177 -17.42 -7.38 -29.73
C GLU C 177 -17.52 -6.78 -28.33
N GLN C 178 -17.76 -7.60 -27.33
CA GLN C 178 -17.88 -7.08 -25.96
C GLN C 178 -16.76 -6.12 -25.60
N ILE C 179 -15.54 -6.50 -25.92
CA ILE C 179 -14.40 -5.65 -25.65
C ILE C 179 -14.67 -4.29 -26.28
N TYR C 180 -14.85 -4.30 -27.61
CA TYR C 180 -15.11 -3.07 -28.34
C TYR C 180 -16.16 -2.22 -27.67
N ASP C 181 -17.28 -2.86 -27.32
CA ASP C 181 -18.41 -2.17 -26.68
C ASP C 181 -17.92 -1.47 -25.40
N VAL C 182 -17.16 -2.18 -24.59
CA VAL C 182 -16.66 -1.62 -23.34
C VAL C 182 -15.77 -0.40 -23.52
N TYR C 183 -14.97 -0.38 -24.57
CA TYR C 183 -14.11 0.77 -24.92
C TYR C 183 -15.05 1.87 -25.28
N ARG C 184 -16.17 1.38 -25.86
CA ARG C 184 -17.30 2.13 -26.37
C ARG C 184 -18.10 2.90 -25.26
N TYR C 185 -17.67 2.78 -23.97
CA TYR C 185 -18.28 3.46 -22.77
C TYR C 185 -17.22 4.08 -21.84
N LEU C 186 -15.98 3.96 -22.24
CA LEU C 186 -14.97 4.57 -21.41
C LEU C 186 -14.69 5.97 -21.92
N PRO C 187 -14.11 6.84 -21.07
CA PRO C 187 -13.75 8.20 -21.49
C PRO C 187 -12.88 8.20 -22.75
N PRO C 188 -13.14 9.13 -23.68
CA PRO C 188 -12.40 9.21 -24.95
C PRO C 188 -10.89 9.03 -24.82
N ALA C 189 -10.18 9.84 -24.04
CA ALA C 189 -8.72 9.62 -23.95
C ALA C 189 -8.33 8.64 -22.84
N THR C 190 -8.57 7.36 -23.08
CA THR C 190 -8.28 6.39 -22.05
C THR C 190 -7.02 5.59 -22.34
N GLN C 191 -6.20 5.42 -21.29
CA GLN C 191 -4.95 4.69 -21.39
C GLN C 191 -5.32 3.24 -21.50
N VAL C 192 -4.76 2.56 -22.49
CA VAL C 192 -5.05 1.14 -22.69
C VAL C 192 -3.81 0.27 -22.75
N VAL C 193 -3.64 -0.62 -21.79
CA VAL C 193 -2.49 -1.51 -21.75
C VAL C 193 -2.91 -2.88 -22.22
N LEU C 194 -2.43 -3.36 -23.36
CA LEU C 194 -2.87 -4.71 -23.73
C LEU C 194 -1.81 -5.73 -23.45
N ILE C 195 -2.15 -6.78 -22.72
CA ILE C 195 -1.21 -7.84 -22.40
C ILE C 195 -1.54 -9.06 -23.20
N SER C 196 -0.55 -9.69 -23.79
CA SER C 196 -0.85 -10.88 -24.55
C SER C 196 0.31 -11.74 -25.02
N ALA C 197 0.17 -13.04 -24.79
CA ALA C 197 1.19 -13.99 -25.19
C ALA C 197 1.46 -13.98 -26.70
N THR C 198 0.42 -13.88 -27.52
CA THR C 198 0.59 -13.87 -28.98
C THR C 198 0.05 -12.60 -29.60
N LEU C 199 0.44 -12.29 -30.82
CA LEU C 199 -0.08 -11.07 -31.43
C LEU C 199 -0.50 -11.30 -32.86
N PRO C 200 -1.76 -11.73 -33.04
CA PRO C 200 -2.41 -12.02 -34.30
C PRO C 200 -2.68 -10.79 -35.15
N HIS C 201 -2.92 -11.03 -36.43
CA HIS C 201 -3.21 -9.95 -37.39
C HIS C 201 -4.52 -9.25 -37.07
N GLU C 202 -5.13 -9.64 -35.96
CA GLU C 202 -6.40 -9.07 -35.54
C GLU C 202 -6.36 -8.40 -34.17
N ILE C 203 -5.32 -8.69 -33.39
CA ILE C 203 -5.13 -8.07 -32.08
C ILE C 203 -4.55 -6.72 -32.43
N LEU C 204 -3.90 -6.67 -33.59
CA LEU C 204 -3.30 -5.46 -34.06
C LEU C 204 -4.45 -4.62 -34.51
N GLU C 205 -5.39 -5.26 -35.20
CA GLU C 205 -6.57 -4.56 -35.71
C GLU C 205 -7.29 -3.85 -34.58
N MET C 206 -7.09 -4.39 -33.38
CA MET C 206 -7.69 -3.83 -32.18
C MET C 206 -6.76 -2.79 -31.54
N THR C 207 -5.48 -3.10 -31.44
CA THR C 207 -4.53 -2.16 -30.82
C THR C 207 -4.55 -0.82 -31.47
N ASN C 208 -4.24 -0.79 -32.76
CA ASN C 208 -4.24 0.49 -33.44
C ASN C 208 -5.65 1.09 -33.53
N LYS C 209 -6.69 0.29 -33.26
CA LYS C 209 -8.06 0.83 -33.31
C LYS C 209 -8.42 1.70 -32.11
N PHE C 210 -7.70 1.57 -30.99
CA PHE C 210 -7.93 2.42 -29.82
C PHE C 210 -6.71 2.60 -28.91
N MET C 211 -5.60 2.96 -29.53
CA MET C 211 -4.33 3.12 -28.85
C MET C 211 -3.54 4.04 -29.75
N THR C 212 -3.25 5.24 -29.28
CA THR C 212 -2.48 6.15 -30.10
C THR C 212 -1.00 6.03 -29.75
N ASP C 213 -0.15 5.95 -30.77
CA ASP C 213 1.31 5.84 -30.57
C ASP C 213 1.58 5.05 -29.30
N PRO C 214 1.43 3.73 -29.39
CA PRO C 214 1.63 2.79 -28.29
C PRO C 214 3.06 2.43 -28.19
N ILE C 215 3.46 1.96 -27.02
CA ILE C 215 4.81 1.49 -26.79
C ILE C 215 4.69 0.01 -27.05
N ARG C 216 5.53 -0.56 -27.90
CA ARG C 216 5.42 -1.99 -28.07
C ARG C 216 6.60 -2.64 -27.33
N ILE C 217 6.30 -3.64 -26.51
CA ILE C 217 7.34 -4.37 -25.79
C ILE C 217 7.22 -5.82 -26.21
N LEU C 218 8.03 -6.23 -27.19
CA LEU C 218 7.92 -7.58 -27.69
C LEU C 218 8.97 -8.53 -27.25
N VAL C 219 8.84 -9.73 -27.76
CA VAL C 219 9.76 -10.78 -27.45
C VAL C 219 10.81 -10.93 -28.51
N LYS C 220 10.40 -10.85 -29.79
CA LYS C 220 11.32 -10.98 -30.93
C LYS C 220 11.75 -9.63 -31.48
N ARG C 221 12.96 -9.57 -31.96
CA ARG C 221 13.39 -8.35 -32.63
C ARG C 221 12.50 -8.03 -33.83
N ASP C 222 11.87 -6.87 -33.80
CA ASP C 222 11.03 -6.33 -34.88
C ASP C 222 11.80 -5.21 -35.54
N GLU C 223 11.87 -5.15 -36.86
CA GLU C 223 12.71 -4.09 -37.41
C GLU C 223 12.13 -3.21 -38.48
N LEU C 224 12.59 -1.97 -38.46
CA LEU C 224 12.20 -0.94 -39.39
C LEU C 224 12.41 -1.37 -40.80
N THR C 225 11.50 -1.03 -41.66
CA THR C 225 11.61 -1.30 -43.09
C THR C 225 10.62 -0.34 -43.67
N LEU C 226 10.95 0.40 -44.71
CA LEU C 226 9.96 1.37 -45.24
C LEU C 226 8.92 0.89 -46.25
N GLU C 227 8.60 -0.40 -46.28
CA GLU C 227 7.54 -0.97 -47.11
C GLU C 227 6.20 -0.39 -46.66
N GLY C 228 5.33 0.01 -47.59
CA GLY C 228 4.06 0.62 -47.24
C GLY C 228 4.19 2.14 -47.27
N ILE C 229 5.43 2.66 -47.31
CA ILE C 229 5.54 4.10 -47.28
C ILE C 229 5.74 4.74 -48.62
N LYS C 230 4.86 5.71 -48.80
CA LYS C 230 4.93 6.53 -49.96
C LYS C 230 5.99 7.59 -49.70
N GLN C 231 7.03 7.60 -50.53
CA GLN C 231 8.09 8.56 -50.38
C GLN C 231 8.10 9.54 -51.54
N PHE C 232 8.22 10.81 -51.23
CA PHE C 232 8.25 11.80 -52.28
C PHE C 232 9.29 12.85 -51.96
N PHE C 233 9.53 13.68 -52.95
CA PHE C 233 10.46 14.76 -52.78
C PHE C 233 9.86 15.91 -53.58
N VAL C 234 10.02 17.09 -53.03
CA VAL C 234 9.54 18.28 -53.68
C VAL C 234 10.79 18.99 -54.08
N ALA C 235 10.95 19.09 -55.38
CA ALA C 235 12.14 19.70 -55.95
C ALA C 235 12.16 21.19 -55.75
N VAL C 236 12.50 21.61 -54.54
CA VAL C 236 12.63 23.01 -54.24
C VAL C 236 13.91 23.39 -54.93
N GLU C 237 14.44 24.60 -54.79
CA GLU C 237 15.68 24.79 -55.51
C GLU C 237 16.82 25.18 -54.56
N ARG C 238 16.59 26.17 -53.70
CA ARG C 238 17.51 26.65 -52.68
C ARG C 238 16.72 26.77 -51.34
N GLU C 239 17.39 26.85 -50.20
CA GLU C 239 16.77 26.96 -48.83
C GLU C 239 15.73 28.03 -48.55
N GLU C 240 15.93 29.27 -49.02
CA GLU C 240 14.97 30.28 -48.63
C GLU C 240 13.65 29.96 -49.28
N TRP C 241 13.70 29.09 -50.26
CA TRP C 241 12.49 28.72 -50.96
C TRP C 241 11.76 27.57 -50.27
N LYS C 242 12.45 26.87 -49.37
CA LYS C 242 11.86 25.76 -48.63
C LYS C 242 10.63 26.22 -47.86
N PHE C 243 10.81 27.23 -47.00
CA PHE C 243 9.72 27.75 -46.20
C PHE C 243 8.41 27.87 -46.99
N ASP C 244 8.39 28.74 -48.00
CA ASP C 244 7.16 28.88 -48.77
C ASP C 244 6.60 27.50 -49.15
N THR C 245 7.46 26.63 -49.68
CA THR C 245 7.02 25.30 -50.09
C THR C 245 6.35 24.53 -48.99
N LEU C 246 6.79 24.79 -47.76
CA LEU C 246 6.21 24.11 -46.61
C LEU C 246 4.81 24.64 -46.38
N CYS C 247 4.72 25.96 -46.21
CA CYS C 247 3.43 26.58 -46.00
C CYS C 247 2.45 26.06 -47.06
N ASP C 248 2.76 26.28 -48.34
CA ASP C 248 1.88 25.88 -49.42
C ASP C 248 1.26 24.53 -49.18
N LEU C 249 2.03 23.58 -48.75
CA LEU C 249 1.47 22.26 -48.53
C LEU C 249 0.76 22.13 -47.15
N TYR C 250 1.04 23.06 -46.27
CA TYR C 250 0.54 23.07 -44.89
C TYR C 250 -0.94 22.82 -44.66
N ASP C 251 -1.86 23.17 -45.57
CA ASP C 251 -3.26 22.88 -45.26
C ASP C 251 -3.57 21.42 -45.27
N THR C 252 -3.09 20.75 -46.31
CA THR C 252 -3.42 19.33 -46.31
C THR C 252 -2.51 18.57 -45.31
N LEU C 253 -1.68 19.35 -44.59
CA LEU C 253 -0.75 18.85 -43.57
C LEU C 253 -1.43 18.61 -42.23
N THR C 254 -1.82 19.70 -41.55
CA THR C 254 -2.50 19.61 -40.25
C THR C 254 -3.65 18.65 -40.36
N ILE C 255 -4.03 18.29 -41.60
CA ILE C 255 -5.09 17.30 -41.89
C ILE C 255 -4.83 16.22 -40.84
N THR C 256 -3.55 16.04 -40.59
CA THR C 256 -3.06 15.11 -39.60
C THR C 256 -1.95 15.89 -38.94
N GLN C 257 -1.36 15.30 -37.94
CA GLN C 257 -0.25 15.93 -37.33
C GLN C 257 0.85 15.70 -38.32
N ALA C 258 2.07 16.06 -37.98
CA ALA C 258 3.15 15.83 -38.87
C ALA C 258 4.37 16.13 -38.09
N VAL C 259 5.42 15.40 -38.40
CA VAL C 259 6.70 15.61 -37.75
C VAL C 259 7.60 16.08 -38.86
N ILE C 260 8.21 17.20 -38.60
CA ILE C 260 9.12 17.74 -39.57
C ILE C 260 10.50 17.68 -39.01
N PHE C 261 11.39 17.04 -39.71
CA PHE C 261 12.72 16.93 -39.18
C PHE C 261 13.58 18.13 -39.56
N CYS C 262 14.83 18.05 -39.19
CA CYS C 262 15.77 19.08 -39.48
C CYS C 262 17.11 18.53 -39.04
N ASN C 263 18.20 19.15 -39.52
CA ASN C 263 19.50 18.63 -39.18
C ASN C 263 20.23 19.38 -38.05
N THR C 264 19.85 20.62 -37.76
CA THR C 264 20.50 21.42 -36.70
C THR C 264 19.61 22.19 -35.72
N LYS C 265 20.15 22.45 -34.51
CA LYS C 265 19.41 23.21 -33.51
C LYS C 265 18.99 24.54 -34.15
N ARG C 266 19.95 25.39 -34.49
CA ARG C 266 19.62 26.68 -35.07
C ARG C 266 18.56 26.59 -36.16
N LYS C 267 18.48 25.46 -36.87
CA LYS C 267 17.51 25.32 -37.95
C LYS C 267 16.10 24.96 -37.54
N VAL C 268 15.96 24.38 -36.35
CA VAL C 268 14.64 24.05 -35.86
C VAL C 268 14.15 25.36 -35.28
N ASP C 269 14.93 25.88 -34.33
CA ASP C 269 14.63 27.13 -33.69
C ASP C 269 14.20 28.09 -34.80
N TRP C 270 15.01 28.24 -35.85
CA TRP C 270 14.61 29.16 -36.89
C TRP C 270 13.22 28.78 -37.43
N LEU C 271 13.09 27.58 -37.98
CA LEU C 271 11.82 27.15 -38.55
C LEU C 271 10.63 27.37 -37.61
N THR C 272 10.82 27.06 -36.34
CA THR C 272 9.75 27.24 -35.36
C THR C 272 9.36 28.72 -35.33
N GLU C 273 10.27 29.59 -34.88
CA GLU C 273 10.01 31.03 -34.82
C GLU C 273 9.39 31.51 -36.12
N LYS C 274 10.00 31.15 -37.25
CA LYS C 274 9.50 31.57 -38.56
C LYS C 274 8.09 31.05 -38.88
N MET C 275 7.66 29.98 -38.23
CA MET C 275 6.34 29.47 -38.48
C MET C 275 5.37 30.04 -37.51
N ARG C 276 5.91 30.41 -36.37
CA ARG C 276 5.07 30.97 -35.34
C ARG C 276 4.76 32.45 -35.53
N GLU C 277 5.71 33.20 -36.15
CA GLU C 277 5.49 34.64 -36.41
C GLU C 277 4.50 34.75 -37.55
N ALA C 278 4.15 33.60 -38.09
CA ALA C 278 3.25 33.45 -39.23
C ALA C 278 1.98 32.70 -38.82
N ASN C 279 1.75 32.61 -37.51
CA ASN C 279 0.56 31.97 -36.99
C ASN C 279 0.43 30.55 -37.54
N PHE C 280 1.07 29.63 -36.83
CA PHE C 280 1.07 28.23 -37.18
C PHE C 280 1.28 27.46 -35.87
N THR C 281 0.38 26.53 -35.58
CA THR C 281 0.42 25.72 -34.36
C THR C 281 1.55 24.68 -34.34
N VAL C 282 2.66 25.00 -33.69
CA VAL C 282 3.79 24.07 -33.65
C VAL C 282 4.48 23.82 -32.31
N SER C 283 5.08 22.64 -32.19
CA SER C 283 5.81 22.24 -30.99
C SER C 283 7.25 22.10 -31.52
N SER C 284 8.25 22.09 -30.65
CA SER C 284 9.62 21.97 -31.13
C SER C 284 10.60 21.50 -30.07
N MET C 285 11.55 20.64 -30.46
CA MET C 285 12.56 20.14 -29.53
C MET C 285 13.90 19.75 -30.16
N HIS C 286 14.93 19.65 -29.33
CA HIS C 286 16.29 19.30 -29.79
C HIS C 286 17.16 18.67 -28.69
N GLY C 287 18.38 18.29 -29.05
CA GLY C 287 19.30 17.63 -28.13
C GLY C 287 19.80 18.28 -26.85
N ASP C 288 19.76 19.62 -26.76
CA ASP C 288 20.23 20.30 -25.57
C ASP C 288 19.22 20.26 -24.43
N MET C 289 18.07 19.66 -24.67
CA MET C 289 17.02 19.62 -23.66
C MET C 289 17.09 18.51 -22.60
N PRO C 290 16.31 18.70 -21.52
CA PRO C 290 16.18 17.81 -20.36
C PRO C 290 15.20 16.67 -20.57
N GLN C 291 15.67 15.46 -20.24
CA GLN C 291 14.87 14.25 -20.37
C GLN C 291 13.39 14.41 -20.02
N LYS C 292 13.10 15.28 -19.06
CA LYS C 292 11.71 15.47 -18.65
C LYS C 292 10.91 16.37 -19.59
N GLU C 293 11.43 17.56 -19.88
CA GLU C 293 10.72 18.48 -20.77
C GLU C 293 10.55 17.78 -22.10
N ARG C 294 11.52 16.95 -22.45
CA ARG C 294 11.47 16.21 -23.68
C ARG C 294 10.08 15.59 -23.78
N GLU C 295 9.91 14.46 -23.09
CA GLU C 295 8.65 13.74 -23.09
C GLU C 295 7.49 14.63 -22.71
N SER C 296 7.77 15.76 -22.09
CA SER C 296 6.69 16.67 -21.71
C SER C 296 6.15 17.31 -22.97
N ILE C 297 7.00 17.47 -23.98
CA ILE C 297 6.59 18.05 -25.25
C ILE C 297 5.84 16.95 -25.99
N MET C 298 6.38 15.74 -25.90
CA MET C 298 5.79 14.59 -26.55
C MET C 298 4.33 14.52 -26.14
N LYS C 299 4.11 14.24 -24.85
CA LYS C 299 2.77 14.15 -24.29
C LYS C 299 1.90 15.11 -25.07
N GLU C 300 2.34 16.36 -25.16
CA GLU C 300 1.61 17.36 -25.91
C GLU C 300 1.29 16.85 -27.30
N PHE C 301 2.30 16.79 -28.16
CA PHE C 301 2.11 16.33 -29.53
C PHE C 301 1.38 15.01 -29.64
N ARG C 302 1.88 14.00 -28.91
CA ARG C 302 1.31 12.65 -28.93
C ARG C 302 -0.19 12.70 -28.77
N SER C 303 -0.62 13.64 -27.94
CA SER C 303 -2.04 13.85 -27.69
C SER C 303 -2.73 14.33 -28.95
N GLY C 304 -2.51 15.60 -29.26
CA GLY C 304 -3.09 16.21 -30.43
C GLY C 304 -2.95 17.70 -30.21
N ALA C 305 -2.52 18.03 -28.99
CA ALA C 305 -2.33 19.42 -28.59
C ALA C 305 -1.74 20.26 -29.72
N SER C 306 -0.71 19.74 -30.39
CA SER C 306 -0.09 20.45 -31.51
C SER C 306 -0.10 19.58 -32.76
N ARG C 307 -0.72 20.10 -33.80
CA ARG C 307 -0.84 19.41 -35.08
C ARG C 307 0.47 19.24 -35.83
N VAL C 308 1.54 19.88 -35.34
CA VAL C 308 2.84 19.82 -35.98
C VAL C 308 4.04 19.84 -35.04
N LEU C 309 5.02 19.00 -35.34
CA LEU C 309 6.23 18.94 -34.51
C LEU C 309 7.49 19.03 -35.33
N ILE C 310 8.38 19.91 -34.91
CA ILE C 310 9.66 20.13 -35.58
C ILE C 310 10.78 19.61 -34.69
N SER C 311 11.65 18.74 -35.21
CA SER C 311 12.73 18.21 -34.36
C SER C 311 14.01 17.78 -35.04
N THR C 312 15.09 17.68 -34.26
CA THR C 312 16.37 17.21 -34.78
C THR C 312 16.35 15.71 -34.58
N ASP C 313 17.08 14.96 -35.41
CA ASP C 313 17.04 13.53 -35.19
C ASP C 313 17.59 13.30 -33.80
N VAL C 314 16.68 13.10 -32.86
CA VAL C 314 17.05 12.91 -31.47
C VAL C 314 16.93 11.47 -30.96
N TRP C 315 15.77 10.86 -31.15
CA TRP C 315 15.50 9.50 -30.72
C TRP C 315 16.66 8.52 -30.84
N ALA C 316 16.91 7.76 -29.77
CA ALA C 316 17.99 6.77 -29.74
C ALA C 316 17.59 5.57 -30.60
N ARG C 317 16.67 4.75 -30.12
CA ARG C 317 16.22 3.61 -30.91
C ARG C 317 15.60 4.21 -32.17
N GLY C 318 15.36 3.39 -33.18
CA GLY C 318 14.77 3.92 -34.39
C GLY C 318 13.26 4.03 -34.30
N LEU C 319 12.61 2.89 -34.02
CA LEU C 319 11.16 2.76 -33.92
C LEU C 319 10.53 3.72 -32.93
N ASP C 320 11.29 4.13 -31.93
CA ASP C 320 10.77 5.08 -30.96
C ASP C 320 10.71 6.39 -31.74
N VAL C 321 9.52 6.77 -32.16
CA VAL C 321 9.32 8.00 -32.91
C VAL C 321 7.83 8.25 -32.81
N PRO C 322 7.38 9.46 -33.15
CA PRO C 322 5.95 9.73 -33.06
C PRO C 322 5.01 8.86 -33.88
N GLN C 323 5.56 7.99 -34.73
CA GLN C 323 4.72 7.10 -35.53
C GLN C 323 3.42 7.72 -36.04
N VAL C 324 3.52 8.88 -36.68
CA VAL C 324 2.33 9.52 -37.24
C VAL C 324 2.32 9.29 -38.75
N SER C 325 1.18 9.49 -39.39
CA SER C 325 1.01 9.27 -40.82
C SER C 325 1.65 10.28 -41.78
N LEU C 326 2.47 11.19 -41.29
CA LEU C 326 3.09 12.16 -42.17
C LEU C 326 4.38 12.79 -41.62
N ILE C 327 5.51 12.35 -42.18
CA ILE C 327 6.83 12.85 -41.79
C ILE C 327 7.34 13.72 -42.93
N ILE C 328 8.13 14.72 -42.59
CA ILE C 328 8.68 15.60 -43.60
C ILE C 328 10.13 15.93 -43.30
N ASN C 329 10.99 15.54 -44.23
CA ASN C 329 12.41 15.81 -44.09
C ASN C 329 12.63 17.20 -44.64
N TYR C 330 12.52 18.20 -43.79
CA TYR C 330 12.71 19.56 -44.27
C TYR C 330 14.07 19.53 -44.91
N ASP C 331 14.95 18.73 -44.32
CA ASP C 331 16.31 18.57 -44.82
C ASP C 331 16.57 17.09 -44.87
N LEU C 332 17.38 16.65 -45.82
CA LEU C 332 17.69 15.25 -45.89
C LEU C 332 18.91 15.06 -45.04
N PRO C 333 19.02 13.92 -44.36
CA PRO C 333 20.20 13.73 -43.53
C PRO C 333 21.43 13.60 -44.43
N ASN C 334 22.57 13.23 -43.85
CA ASN C 334 23.76 13.03 -44.65
C ASN C 334 24.47 11.77 -44.22
N ASN C 335 23.71 10.71 -44.30
CA ASN C 335 24.16 9.37 -43.97
C ASN C 335 22.95 8.54 -44.31
N ARG C 336 22.99 7.93 -45.47
CA ARG C 336 21.87 7.12 -45.90
C ARG C 336 21.56 6.06 -44.89
N GLU C 337 22.25 6.03 -43.77
CA GLU C 337 21.95 4.98 -42.82
C GLU C 337 20.90 5.39 -41.81
N LEU C 338 20.40 6.62 -41.92
CA LEU C 338 19.41 7.06 -40.96
C LEU C 338 18.08 7.42 -41.58
N TYR C 339 18.12 7.87 -42.82
CA TYR C 339 16.90 8.22 -43.52
C TYR C 339 15.78 7.23 -43.16
N ILE C 340 16.16 5.97 -42.97
CA ILE C 340 15.20 4.92 -42.65
C ILE C 340 14.92 5.02 -41.18
N HIS C 341 15.98 5.16 -40.40
CA HIS C 341 15.83 5.31 -38.96
C HIS C 341 14.91 6.52 -38.74
N ARG C 342 14.79 7.38 -39.74
CA ARG C 342 13.96 8.57 -39.64
C ARG C 342 12.51 8.45 -40.11
N ILE C 343 12.22 7.51 -41.01
CA ILE C 343 10.85 7.41 -41.49
C ILE C 343 10.34 5.98 -41.59
N GLY C 344 11.18 5.03 -41.25
CA GLY C 344 10.81 3.63 -41.34
C GLY C 344 9.70 3.24 -40.40
N ARG C 345 9.07 2.10 -40.67
CA ARG C 345 7.96 1.58 -39.86
C ARG C 345 8.19 0.15 -39.36
N SER C 346 7.33 -0.29 -38.45
CA SER C 346 7.43 -1.62 -37.85
C SER C 346 7.29 -2.76 -38.82
N GLY C 347 6.66 -2.49 -39.95
CA GLY C 347 6.49 -3.55 -40.93
C GLY C 347 5.50 -4.62 -40.52
N ARG C 348 5.63 -5.15 -39.31
CA ARG C 348 4.70 -6.17 -38.85
C ARG C 348 3.63 -5.50 -38.00
N TYR C 349 4.02 -4.53 -37.19
CA TYR C 349 3.06 -3.87 -36.33
C TYR C 349 2.87 -2.38 -36.55
N GLY C 350 3.45 -1.82 -37.61
CA GLY C 350 3.34 -0.39 -37.84
C GLY C 350 2.30 0.07 -38.85
N ARG C 351 1.75 1.25 -38.63
CA ARG C 351 0.75 1.80 -39.53
C ARG C 351 1.45 2.25 -40.82
N LYS C 352 0.76 2.18 -41.96
CA LYS C 352 1.36 2.60 -43.24
C LYS C 352 1.38 4.13 -43.27
N GLY C 353 2.33 4.73 -43.97
CA GLY C 353 2.38 6.19 -43.98
C GLY C 353 2.94 6.86 -45.22
N VAL C 354 3.29 8.15 -45.07
CA VAL C 354 3.85 8.96 -46.15
C VAL C 354 4.93 9.91 -45.64
N ALA C 355 5.97 10.10 -46.46
CA ALA C 355 7.06 11.00 -46.09
C ALA C 355 7.41 11.89 -47.28
N ILE C 356 7.79 13.13 -47.00
CA ILE C 356 8.14 14.03 -48.07
C ILE C 356 9.51 14.62 -47.85
N ASN C 357 10.30 14.52 -48.91
CA ASN C 357 11.68 14.98 -48.90
C ASN C 357 11.89 16.31 -49.63
N PHE C 358 12.35 17.31 -48.88
CA PHE C 358 12.64 18.63 -49.44
C PHE C 358 14.05 18.66 -50.05
N VAL C 359 14.23 18.16 -51.25
CA VAL C 359 15.57 18.20 -51.83
C VAL C 359 15.80 19.38 -52.71
N LYS C 360 16.90 20.07 -52.45
CA LYS C 360 17.28 21.21 -53.27
C LYS C 360 18.37 20.65 -54.17
N ASN C 361 18.74 21.41 -55.19
CA ASN C 361 19.74 20.95 -56.12
C ASN C 361 20.99 20.39 -55.45
N ASP C 362 21.51 21.03 -54.39
CA ASP C 362 22.70 20.48 -53.76
C ASP C 362 22.40 19.08 -53.19
N ASP C 363 21.19 18.89 -52.71
CA ASP C 363 20.83 17.60 -52.11
C ASP C 363 20.12 16.65 -53.05
N ILE C 364 20.03 16.99 -54.32
CA ILE C 364 19.36 16.10 -55.27
C ILE C 364 20.25 14.91 -55.54
N ARG C 365 21.53 15.03 -55.19
CA ARG C 365 22.45 13.93 -55.40
C ARG C 365 22.33 12.86 -54.34
N ILE C 366 22.27 13.29 -53.08
CA ILE C 366 22.15 12.37 -51.94
C ILE C 366 20.93 11.49 -52.19
N LEU C 367 19.87 12.13 -52.65
CA LEU C 367 18.64 11.44 -52.92
C LEU C 367 18.91 10.11 -53.63
N ARG C 368 19.80 10.12 -54.63
CA ARG C 368 20.13 8.89 -55.34
C ARG C 368 20.60 7.86 -54.35
N ASP C 369 21.75 8.14 -53.75
CA ASP C 369 22.36 7.26 -52.77
C ASP C 369 21.36 6.67 -51.79
N ILE C 370 20.36 7.46 -51.42
CA ILE C 370 19.33 6.99 -50.50
C ILE C 370 18.42 5.99 -51.23
N GLU C 371 17.97 6.35 -52.42
CA GLU C 371 17.13 5.46 -53.19
C GLU C 371 18.00 4.22 -53.35
N GLN C 372 19.15 4.38 -53.99
CA GLN C 372 20.09 3.29 -54.23
C GLN C 372 20.29 2.44 -52.98
N TYR C 373 20.53 3.11 -51.86
CA TYR C 373 20.75 2.46 -50.56
C TYR C 373 19.67 1.49 -50.15
N TYR C 374 18.49 2.00 -49.84
CA TYR C 374 17.45 1.11 -49.41
C TYR C 374 16.77 0.36 -50.53
N SER C 375 17.20 0.62 -51.77
CA SER C 375 16.64 -0.03 -52.96
C SER C 375 15.14 0.17 -53.09
N THR C 376 14.69 1.41 -52.97
CA THR C 376 13.28 1.75 -53.10
C THR C 376 13.22 2.96 -54.01
N GLN C 377 12.00 3.39 -54.35
CA GLN C 377 11.84 4.54 -55.23
C GLN C 377 11.21 5.73 -54.55
N ILE C 378 11.54 6.91 -55.05
CA ILE C 378 11.00 8.15 -54.54
C ILE C 378 10.61 8.97 -55.78
N ASP C 379 9.39 9.48 -55.81
CA ASP C 379 8.90 10.25 -56.94
C ASP C 379 8.70 11.70 -56.56
N GLU C 380 8.46 12.53 -57.57
CA GLU C 380 8.21 13.97 -57.34
C GLU C 380 6.75 14.09 -56.91
N MET C 381 6.37 15.23 -56.34
CA MET C 381 5.00 15.41 -55.85
C MET C 381 3.84 15.69 -56.80
N PRO C 382 2.96 14.69 -57.00
CA PRO C 382 1.82 14.97 -57.88
C PRO C 382 0.87 15.85 -57.06
N MET C 383 0.24 16.82 -57.71
CA MET C 383 -0.68 17.76 -57.06
C MET C 383 -1.72 17.09 -56.16
N ASN C 384 -1.92 15.79 -56.38
CA ASN C 384 -2.88 14.99 -55.64
C ASN C 384 -2.53 14.86 -54.15
N VAL C 385 -3.01 15.82 -53.34
CA VAL C 385 -2.76 15.81 -51.90
C VAL C 385 -3.72 14.75 -51.34
N ALA C 386 -4.52 14.19 -52.24
CA ALA C 386 -5.53 13.18 -51.96
C ALA C 386 -5.01 11.76 -51.78
N ASP C 387 -3.71 11.57 -51.90
CA ASP C 387 -3.13 10.25 -51.70
C ASP C 387 -2.86 10.12 -50.20
N LEU C 388 -2.98 11.26 -49.53
CA LEU C 388 -2.79 11.36 -48.08
C LEU C 388 -4.02 10.73 -47.42
N ILE C 389 -5.04 10.49 -48.24
CA ILE C 389 -6.30 9.88 -47.81
C ILE C 389 -6.11 8.73 -46.82
N LEU C 390 -4.91 8.15 -46.78
CA LEU C 390 -4.64 7.03 -45.90
C LEU C 390 -4.51 7.29 -44.38
N GLU C 391 -5.35 6.57 -43.65
CA GLU C 391 -5.44 6.54 -42.19
C GLU C 391 -4.89 7.72 -41.38
N PRO D 16 -45.50 33.99 -25.24
CA PRO D 16 -44.38 33.01 -25.36
C PRO D 16 -43.42 33.43 -26.47
N THR D 17 -42.22 33.86 -26.10
CA THR D 17 -41.23 34.28 -27.09
C THR D 17 -39.87 33.66 -26.85
N PHE D 18 -38.91 34.03 -27.69
CA PHE D 18 -37.56 33.52 -27.58
C PHE D 18 -36.79 34.28 -26.53
N ASP D 19 -37.31 35.44 -26.17
CA ASP D 19 -36.66 36.29 -25.19
C ASP D 19 -36.50 35.60 -23.84
N THR D 20 -37.57 34.98 -23.36
CA THR D 20 -37.56 34.32 -22.07
C THR D 20 -36.86 32.96 -22.03
N MET D 21 -36.21 32.58 -23.13
CA MET D 21 -35.55 31.28 -23.15
C MET D 21 -34.09 31.34 -22.79
N GLY D 22 -33.61 32.55 -22.52
CA GLY D 22 -32.23 32.72 -22.14
C GLY D 22 -31.29 32.14 -23.17
N LEU D 23 -31.55 32.46 -24.43
CA LEU D 23 -30.70 32.00 -25.52
C LEU D 23 -29.65 33.10 -25.69
N ARG D 24 -28.43 32.73 -26.08
CA ARG D 24 -27.37 33.72 -26.28
C ARG D 24 -27.79 34.80 -27.25
N GLU D 25 -27.22 36.00 -27.09
CA GLU D 25 -27.55 37.14 -27.95
C GLU D 25 -27.34 36.96 -29.45
N ASP D 26 -26.08 36.79 -29.85
CA ASP D 26 -25.75 36.63 -31.26
C ASP D 26 -26.64 35.65 -32.01
N LEU D 27 -27.33 34.78 -31.27
CA LEU D 27 -28.21 33.82 -31.90
C LEU D 27 -29.61 34.41 -32.01
N LEU D 28 -30.09 34.95 -30.90
CA LEU D 28 -31.41 35.55 -30.86
C LEU D 28 -31.48 36.60 -31.98
N ARG D 29 -30.34 37.21 -32.28
CA ARG D 29 -30.31 38.22 -33.33
C ARG D 29 -30.61 37.49 -34.64
N GLY D 30 -29.84 36.43 -34.87
CA GLY D 30 -30.01 35.63 -36.07
C GLY D 30 -31.43 35.14 -36.20
N ILE D 31 -32.00 34.68 -35.09
CA ILE D 31 -33.37 34.18 -35.08
C ILE D 31 -34.31 35.24 -35.62
N TYR D 32 -34.30 36.42 -35.01
CA TYR D 32 -35.16 37.49 -35.47
C TYR D 32 -34.82 37.97 -36.89
N ALA D 33 -33.53 37.97 -37.22
CA ALA D 33 -33.09 38.41 -38.54
C ALA D 33 -33.53 37.38 -39.60
N TYR D 34 -33.55 36.12 -39.20
CA TYR D 34 -33.98 35.04 -40.07
C TYR D 34 -35.47 35.27 -40.30
N GLY D 35 -36.10 36.04 -39.41
CA GLY D 35 -37.51 36.31 -39.57
C GLY D 35 -38.41 35.52 -38.63
N PHE D 36 -37.87 34.49 -37.98
CA PHE D 36 -38.66 33.68 -37.04
C PHE D 36 -38.91 34.55 -35.81
N GLU D 37 -40.08 35.18 -35.71
CA GLU D 37 -40.36 36.08 -34.58
C GLU D 37 -41.07 35.53 -33.35
N LYS D 38 -41.78 34.42 -33.49
CA LYS D 38 -42.46 33.86 -32.35
C LYS D 38 -42.56 32.34 -32.49
N PRO D 39 -42.08 31.61 -31.47
CA PRO D 39 -42.09 30.15 -31.44
C PRO D 39 -43.44 29.58 -31.02
N SER D 40 -43.75 28.40 -31.54
CA SER D 40 -45.00 27.73 -31.23
C SER D 40 -45.07 27.42 -29.74
N ALA D 41 -46.20 26.92 -29.29
CA ALA D 41 -46.36 26.59 -27.87
C ALA D 41 -45.53 25.34 -27.60
N ILE D 42 -45.73 24.33 -28.44
CA ILE D 42 -45.03 23.06 -28.30
C ILE D 42 -43.55 23.25 -28.66
N GLN D 43 -43.27 23.96 -29.74
CA GLN D 43 -41.90 24.18 -30.15
C GLN D 43 -41.09 24.78 -29.03
N GLN D 44 -41.71 25.65 -28.23
CA GLN D 44 -40.96 26.24 -27.15
C GLN D 44 -40.48 25.10 -26.25
N ARG D 45 -41.35 24.15 -25.97
CA ARG D 45 -41.00 23.01 -25.14
C ARG D 45 -39.83 22.25 -25.76
N ALA D 46 -39.98 21.88 -27.03
CA ALA D 46 -38.92 21.18 -27.72
C ALA D 46 -37.59 21.88 -27.49
N ILE D 47 -37.53 23.15 -27.86
CA ILE D 47 -36.33 23.93 -27.68
C ILE D 47 -35.90 23.89 -26.22
N LYS D 48 -36.70 24.48 -25.35
CA LYS D 48 -36.39 24.54 -23.93
C LYS D 48 -35.79 23.21 -23.47
N GLN D 49 -36.47 22.11 -23.81
CA GLN D 49 -36.03 20.76 -23.41
C GLN D 49 -34.76 20.21 -24.02
N ILE D 50 -34.54 20.47 -25.30
CA ILE D 50 -33.33 20.00 -25.94
C ILE D 50 -32.15 20.72 -25.32
N ILE D 51 -32.35 21.99 -24.97
CA ILE D 51 -31.29 22.76 -24.35
C ILE D 51 -30.94 22.16 -23.00
N LYS D 52 -31.97 21.80 -22.22
CA LYS D 52 -31.75 21.20 -20.90
C LYS D 52 -30.82 20.00 -21.03
N GLY D 53 -30.83 19.39 -22.21
CA GLY D 53 -29.99 18.25 -22.46
C GLY D 53 -30.79 16.97 -22.62
N ARG D 54 -32.05 17.00 -22.23
CA ARG D 54 -32.91 15.81 -22.33
C ARG D 54 -33.00 15.21 -23.71
N ASP D 55 -33.16 13.89 -23.79
CA ASP D 55 -33.31 13.25 -25.09
C ASP D 55 -34.74 13.56 -25.51
N VAL D 56 -34.94 13.94 -26.75
CA VAL D 56 -36.28 14.32 -27.15
C VAL D 56 -36.85 13.58 -28.34
N ILE D 57 -38.17 13.38 -28.32
CA ILE D 57 -38.87 12.72 -29.40
C ILE D 57 -39.94 13.69 -29.81
N ALA D 58 -39.65 14.57 -30.77
CA ALA D 58 -40.62 15.56 -31.21
C ALA D 58 -41.26 15.12 -32.48
N GLN D 59 -42.60 15.11 -32.48
CA GLN D 59 -43.36 14.72 -33.64
C GLN D 59 -43.54 15.95 -34.53
N SER D 60 -43.05 15.85 -35.75
CA SER D 60 -43.12 16.95 -36.68
C SER D 60 -44.55 17.16 -37.11
N GLN D 61 -44.91 18.40 -37.38
CA GLN D 61 -46.25 18.71 -37.86
C GLN D 61 -46.13 19.79 -38.94
N SER D 62 -46.83 19.57 -40.07
CA SER D 62 -46.80 20.53 -41.17
C SER D 62 -47.04 21.91 -40.62
N GLY D 63 -46.00 22.72 -40.60
CA GLY D 63 -46.14 24.06 -40.09
C GLY D 63 -44.93 24.92 -40.40
N THR D 64 -44.64 25.88 -39.54
CA THR D 64 -43.53 26.81 -39.72
C THR D 64 -42.17 26.39 -39.15
N GLY D 65 -41.15 26.47 -40.02
CA GLY D 65 -39.79 26.11 -39.65
C GLY D 65 -39.65 24.97 -38.65
N LYS D 66 -40.04 23.77 -39.05
CA LYS D 66 -39.90 22.65 -38.14
C LYS D 66 -38.42 22.32 -38.14
N THR D 67 -37.70 23.06 -38.98
CA THR D 67 -36.26 22.95 -39.12
C THR D 67 -35.65 23.80 -38.03
N ALA D 68 -35.93 25.10 -38.10
CA ALA D 68 -35.42 26.06 -37.14
C ALA D 68 -35.56 25.61 -35.70
N THR D 69 -36.74 25.17 -35.32
CA THR D 69 -36.95 24.74 -33.94
C THR D 69 -35.79 23.94 -33.36
N PHE D 70 -35.36 22.88 -34.04
CA PHE D 70 -34.25 22.14 -33.48
C PHE D 70 -32.91 22.80 -33.80
N SER D 71 -32.82 23.48 -34.95
CA SER D 71 -31.60 24.17 -35.35
C SER D 71 -31.25 25.18 -34.28
N ILE D 72 -32.26 25.95 -33.88
CA ILE D 72 -32.09 26.94 -32.83
C ILE D 72 -31.52 26.23 -31.62
N SER D 73 -32.03 25.03 -31.35
CA SER D 73 -31.57 24.22 -30.22
C SER D 73 -30.10 23.90 -30.41
N VAL D 74 -29.80 23.20 -31.50
CA VAL D 74 -28.43 22.83 -31.80
C VAL D 74 -27.50 24.01 -31.62
N LEU D 75 -27.73 25.07 -32.36
CA LEU D 75 -26.89 26.26 -32.27
C LEU D 75 -26.63 26.71 -30.83
N GLN D 76 -27.68 26.95 -30.07
CA GLN D 76 -27.53 27.40 -28.69
C GLN D 76 -26.50 26.58 -27.92
N CYS D 77 -26.64 25.25 -27.99
CA CYS D 77 -25.75 24.35 -27.27
C CYS D 77 -24.44 24.06 -28.02
N LEU D 78 -23.62 25.10 -28.17
CA LEU D 78 -22.33 24.99 -28.85
C LEU D 78 -21.23 25.73 -28.12
N ASP D 79 -19.99 25.41 -28.46
CA ASP D 79 -18.82 26.06 -27.89
C ASP D 79 -18.00 26.57 -29.07
N ILE D 80 -18.36 27.75 -29.56
CA ILE D 80 -17.70 28.37 -30.70
C ILE D 80 -16.18 28.20 -30.67
N GLN D 81 -15.57 28.78 -29.63
CA GLN D 81 -14.12 28.77 -29.45
C GLN D 81 -13.44 27.41 -29.63
N VAL D 82 -14.23 26.34 -29.71
CA VAL D 82 -13.67 25.00 -29.90
C VAL D 82 -14.11 24.46 -31.24
N ARG D 83 -13.35 24.80 -32.28
CA ARG D 83 -13.69 24.37 -33.63
C ARG D 83 -13.52 22.88 -33.90
N GLU D 84 -14.60 22.14 -33.68
CA GLU D 84 -14.64 20.72 -33.92
C GLU D 84 -16.10 20.26 -33.84
N THR D 85 -16.47 19.32 -34.70
CA THR D 85 -17.83 18.82 -34.75
C THR D 85 -18.45 18.49 -33.40
N GLN D 86 -19.42 19.30 -33.00
CA GLN D 86 -20.10 19.11 -31.71
C GLN D 86 -21.54 18.59 -31.84
N ALA D 87 -22.13 18.78 -33.00
CA ALA D 87 -23.50 18.31 -33.23
C ALA D 87 -23.59 17.70 -34.61
N LEU D 88 -24.25 16.55 -34.71
CA LEU D 88 -24.38 15.85 -35.98
C LEU D 88 -25.84 15.61 -36.34
N ILE D 89 -26.23 16.03 -37.53
CA ILE D 89 -27.60 15.89 -37.97
C ILE D 89 -27.76 14.94 -39.17
N LEU D 90 -28.66 13.98 -39.09
CA LEU D 90 -28.85 13.08 -40.23
C LEU D 90 -30.20 13.33 -40.86
N ALA D 91 -30.24 13.35 -42.19
CA ALA D 91 -31.50 13.58 -42.90
C ALA D 91 -31.62 12.56 -44.00
N PRO D 92 -32.84 12.32 -44.48
CA PRO D 92 -33.12 11.35 -45.55
C PRO D 92 -32.68 11.69 -46.96
N THR D 93 -32.33 12.96 -47.21
CA THR D 93 -31.92 13.35 -48.55
C THR D 93 -30.84 14.43 -48.61
N ARG D 94 -30.00 14.32 -49.62
CA ARG D 94 -28.92 15.26 -49.84
C ARG D 94 -29.52 16.66 -49.81
N GLU D 95 -30.49 16.88 -50.70
CA GLU D 95 -31.16 18.16 -50.80
C GLU D 95 -31.49 18.70 -49.42
N LEU D 96 -32.26 17.92 -48.68
CA LEU D 96 -32.68 18.31 -47.34
C LEU D 96 -31.50 18.52 -46.39
N ALA D 97 -30.49 17.68 -46.51
CA ALA D 97 -29.31 17.80 -45.67
C ALA D 97 -28.78 19.21 -45.79
N VAL D 98 -28.72 19.66 -47.04
CA VAL D 98 -28.23 20.98 -47.39
C VAL D 98 -29.09 22.06 -46.77
N GLN D 99 -30.39 21.99 -47.05
CA GLN D 99 -31.32 22.97 -46.52
C GLN D 99 -30.99 23.24 -45.06
N ILE D 100 -30.89 22.16 -44.29
CA ILE D 100 -30.57 22.20 -42.87
C ILE D 100 -29.33 23.07 -42.63
N GLN D 101 -28.36 22.92 -43.51
CA GLN D 101 -27.14 23.69 -43.42
C GLN D 101 -27.43 25.15 -43.70
N LYS D 102 -27.88 25.42 -44.93
CA LYS D 102 -28.19 26.78 -45.33
C LYS D 102 -29.00 27.49 -44.26
N GLY D 103 -29.87 26.73 -43.60
CA GLY D 103 -30.68 27.29 -42.54
C GLY D 103 -29.86 27.55 -41.29
N LEU D 104 -29.08 26.54 -40.87
CA LEU D 104 -28.26 26.71 -39.68
C LEU D 104 -27.35 27.93 -39.81
N LEU D 105 -26.72 28.04 -40.97
CA LEU D 105 -25.83 29.15 -41.26
C LEU D 105 -26.57 30.46 -41.20
N ALA D 106 -27.76 30.48 -41.79
CA ALA D 106 -28.57 31.67 -41.79
C ALA D 106 -28.99 32.06 -40.36
N LEU D 107 -29.17 31.06 -39.50
CA LEU D 107 -29.59 31.35 -38.14
C LEU D 107 -28.46 31.83 -37.26
N GLY D 108 -27.25 31.37 -37.54
CA GLY D 108 -26.14 31.76 -36.72
C GLY D 108 -25.20 32.70 -37.44
N ASP D 109 -25.69 33.29 -38.52
CA ASP D 109 -24.87 34.22 -39.30
C ASP D 109 -24.07 35.14 -38.36
N TYR D 110 -24.66 35.48 -37.21
CA TYR D 110 -24.01 36.36 -36.24
C TYR D 110 -23.19 35.64 -35.18
N MET D 111 -22.97 34.34 -35.39
CA MET D 111 -22.20 33.55 -34.45
C MET D 111 -20.91 33.09 -35.12
N ASN D 112 -20.71 33.51 -36.35
CA ASN D 112 -19.51 33.11 -37.08
C ASN D 112 -19.31 31.62 -36.81
N VAL D 113 -20.33 30.83 -37.18
CA VAL D 113 -20.30 29.40 -36.99
C VAL D 113 -19.98 28.68 -38.28
N GLN D 114 -19.27 27.56 -38.18
CA GLN D 114 -18.90 26.77 -39.35
C GLN D 114 -19.80 25.56 -39.37
N CYS D 115 -20.50 25.35 -40.47
CA CYS D 115 -21.42 24.23 -40.60
C CYS D 115 -21.41 23.62 -42.00
N HIS D 116 -21.28 22.31 -42.10
CA HIS D 116 -21.20 21.66 -43.41
C HIS D 116 -22.13 20.49 -43.61
N ALA D 117 -22.50 20.26 -44.86
CA ALA D 117 -23.36 19.15 -45.24
C ALA D 117 -22.54 18.21 -46.10
N CYS D 118 -22.59 16.94 -45.77
CA CYS D 118 -21.83 15.99 -46.54
C CYS D 118 -22.58 15.28 -47.62
N ILE D 119 -21.88 15.04 -48.73
CA ILE D 119 -22.37 14.36 -49.89
C ILE D 119 -21.83 14.94 -51.18
N GLY D 120 -22.05 14.17 -52.26
CA GLY D 120 -21.69 14.57 -53.63
C GLY D 120 -20.95 13.49 -54.41
N GLY D 121 -19.80 13.12 -53.81
CA GLY D 121 -18.93 12.13 -54.39
C GLY D 121 -17.92 12.82 -55.26
N THR D 122 -18.45 13.72 -56.08
CA THR D 122 -17.58 14.50 -56.98
C THR D 122 -16.95 15.55 -56.08
N ASN D 123 -17.50 15.60 -54.88
CA ASN D 123 -17.08 16.56 -53.89
C ASN D 123 -16.36 15.96 -52.69
N VAL D 124 -16.32 14.64 -52.55
CA VAL D 124 -15.66 13.98 -51.41
C VAL D 124 -14.35 14.64 -50.96
N GLY D 125 -13.63 15.23 -51.90
CA GLY D 125 -12.37 15.89 -51.57
C GLY D 125 -12.64 17.17 -50.80
N GLU D 126 -13.57 17.96 -51.32
CA GLU D 126 -13.97 19.21 -50.69
C GLU D 126 -14.64 18.82 -49.38
N ASP D 127 -15.35 17.68 -49.39
CA ASP D 127 -16.03 17.17 -48.21
C ASP D 127 -15.03 17.03 -47.08
N ILE D 128 -14.01 16.20 -47.31
CA ILE D 128 -12.99 15.97 -46.30
C ILE D 128 -12.18 17.22 -46.01
N ARG D 129 -11.97 18.03 -47.04
CA ARG D 129 -11.22 19.27 -46.91
C ARG D 129 -11.81 20.10 -45.77
N LYS D 130 -13.12 20.33 -45.82
CA LYS D 130 -13.78 21.13 -44.79
C LYS D 130 -13.87 20.45 -43.43
N LEU D 131 -14.22 19.17 -43.41
CA LEU D 131 -14.33 18.45 -42.13
C LEU D 131 -13.11 18.72 -41.26
N ASP D 132 -11.96 18.92 -41.89
CA ASP D 132 -10.72 19.17 -41.17
C ASP D 132 -10.59 20.62 -40.71
N TYR D 133 -11.10 21.55 -41.50
CA TYR D 133 -11.03 22.96 -41.11
C TYR D 133 -11.78 23.06 -39.78
N GLY D 134 -12.57 22.03 -39.51
CA GLY D 134 -13.32 21.99 -38.26
C GLY D 134 -14.75 22.46 -38.41
N GLN D 135 -15.66 21.53 -38.67
CA GLN D 135 -17.07 21.88 -38.83
C GLN D 135 -17.86 21.72 -37.53
N HIS D 136 -18.29 22.86 -36.97
CA HIS D 136 -19.06 22.87 -35.73
C HIS D 136 -20.28 21.95 -35.76
N VAL D 137 -20.87 21.83 -36.93
CA VAL D 137 -22.06 21.01 -37.08
C VAL D 137 -22.04 20.35 -38.44
N VAL D 138 -22.40 19.08 -38.50
CA VAL D 138 -22.41 18.39 -39.78
C VAL D 138 -23.76 17.78 -40.01
N ALA D 139 -24.18 17.79 -41.27
CA ALA D 139 -25.45 17.20 -41.66
C ALA D 139 -25.19 16.39 -42.92
N GLY D 140 -25.96 15.33 -43.12
CA GLY D 140 -25.79 14.52 -44.30
C GLY D 140 -26.63 13.28 -44.16
N THR D 141 -26.79 12.53 -45.24
CA THR D 141 -27.56 11.32 -45.15
C THR D 141 -26.78 10.37 -44.25
N PRO D 142 -27.46 9.39 -43.63
CA PRO D 142 -26.80 8.44 -42.73
C PRO D 142 -25.64 7.72 -43.43
N GLY D 143 -25.85 7.37 -44.70
CA GLY D 143 -24.82 6.69 -45.44
C GLY D 143 -23.55 7.53 -45.47
N ARG D 144 -23.60 8.63 -46.20
CA ARG D 144 -22.44 9.51 -46.30
C ARG D 144 -21.84 9.88 -44.95
N VAL D 145 -22.67 10.24 -43.98
CA VAL D 145 -22.12 10.63 -42.69
C VAL D 145 -21.29 9.51 -42.08
N PHE D 146 -21.76 8.28 -42.24
CA PHE D 146 -21.05 7.12 -41.69
C PHE D 146 -19.71 6.93 -42.37
N ASP D 147 -19.71 7.12 -43.69
CA ASP D 147 -18.50 6.99 -44.47
C ASP D 147 -17.45 7.93 -43.86
N MET D 148 -17.74 9.23 -43.82
CA MET D 148 -16.80 10.21 -43.25
C MET D 148 -16.32 9.87 -41.85
N ILE D 149 -17.10 9.06 -41.13
CA ILE D 149 -16.70 8.67 -39.78
C ILE D 149 -15.77 7.46 -39.90
N ARG D 150 -16.10 6.56 -40.81
CA ARG D 150 -15.30 5.37 -41.06
C ARG D 150 -13.94 5.79 -41.61
N ARG D 151 -13.93 6.70 -42.57
CA ARG D 151 -12.69 7.19 -43.17
C ARG D 151 -11.90 8.03 -42.17
N ARG D 152 -12.29 7.99 -40.89
CA ARG D 152 -11.59 8.75 -39.88
C ARG D 152 -11.51 10.25 -40.19
N SER D 153 -12.34 10.72 -41.12
CA SER D 153 -12.35 12.14 -41.52
C SER D 153 -13.20 13.01 -40.59
N LEU D 154 -14.30 12.44 -40.11
CA LEU D 154 -15.23 13.11 -39.21
C LEU D 154 -14.89 12.77 -37.75
N ARG D 155 -14.59 13.79 -36.95
CA ARG D 155 -14.23 13.61 -35.54
C ARG D 155 -15.38 13.57 -34.54
N THR D 156 -15.79 12.36 -34.16
CA THR D 156 -16.87 12.20 -33.21
C THR D 156 -16.47 12.64 -31.81
N ARG D 157 -15.25 12.28 -31.41
CA ARG D 157 -14.73 12.62 -30.09
C ARG D 157 -15.50 13.67 -29.31
N ALA D 158 -15.62 14.88 -29.87
CA ALA D 158 -16.31 15.98 -29.19
C ALA D 158 -17.79 16.21 -29.55
N ILE D 159 -18.41 15.25 -30.22
CA ILE D 159 -19.81 15.38 -30.57
C ILE D 159 -20.62 15.20 -29.29
N LYS D 160 -21.60 16.07 -29.09
CA LYS D 160 -22.43 15.95 -27.90
C LYS D 160 -23.93 15.98 -28.21
N MET D 161 -24.29 15.81 -29.48
CA MET D 161 -25.69 15.83 -29.86
C MET D 161 -25.95 15.23 -31.25
N LEU D 162 -26.79 14.23 -31.29
CA LEU D 162 -27.15 13.60 -32.55
C LEU D 162 -28.60 13.93 -32.82
N VAL D 163 -28.87 14.50 -33.99
CA VAL D 163 -30.24 14.84 -34.36
C VAL D 163 -30.67 14.02 -35.58
N LEU D 164 -31.77 13.30 -35.44
CA LEU D 164 -32.26 12.46 -36.54
C LEU D 164 -33.52 13.07 -37.13
N ASP D 165 -33.36 14.00 -38.06
CA ASP D 165 -34.49 14.68 -38.70
C ASP D 165 -35.26 13.77 -39.64
N GLU D 166 -36.57 14.00 -39.75
CA GLU D 166 -37.43 13.19 -40.62
C GLU D 166 -37.06 11.73 -40.55
N ALA D 167 -36.85 11.25 -39.33
CA ALA D 167 -36.48 9.86 -39.12
C ALA D 167 -37.44 8.88 -39.78
N ASP D 168 -38.74 9.03 -39.54
CA ASP D 168 -39.67 8.09 -40.15
C ASP D 168 -39.30 7.91 -41.62
N GLU D 169 -38.92 8.98 -42.28
CA GLU D 169 -38.56 8.89 -43.68
C GLU D 169 -37.26 8.12 -43.82
N MET D 170 -36.24 8.50 -43.05
CA MET D 170 -34.95 7.83 -43.13
C MET D 170 -35.13 6.33 -43.23
N LEU D 171 -36.15 5.81 -42.56
CA LEU D 171 -36.42 4.38 -42.57
C LEU D 171 -37.07 3.88 -43.85
N ASN D 172 -38.03 4.66 -44.34
CA ASN D 172 -38.70 4.29 -45.58
C ASN D 172 -37.67 4.17 -46.69
N LYS D 173 -36.55 4.88 -46.51
CA LYS D 173 -35.45 4.86 -47.47
C LYS D 173 -34.38 3.85 -47.04
N GLY D 174 -34.74 3.02 -46.06
CA GLY D 174 -33.84 1.99 -45.56
C GLY D 174 -32.45 2.40 -45.12
N PHE D 175 -32.35 3.25 -44.11
CA PHE D 175 -31.05 3.66 -43.59
C PHE D 175 -30.90 3.05 -42.20
N LYS D 176 -31.88 2.23 -41.83
CA LYS D 176 -31.87 1.60 -40.52
C LYS D 176 -30.46 1.34 -39.99
N GLU D 177 -29.76 0.40 -40.60
CA GLU D 177 -28.41 0.04 -40.15
C GLU D 177 -27.44 1.21 -40.05
N GLN D 178 -27.29 1.96 -41.14
CA GLN D 178 -26.36 3.09 -41.12
C GLN D 178 -26.53 3.97 -39.88
N ILE D 179 -27.78 4.29 -39.57
CA ILE D 179 -28.07 5.10 -38.40
C ILE D 179 -27.42 4.42 -37.20
N TYR D 180 -27.85 3.19 -36.94
CA TYR D 180 -27.33 2.42 -35.81
C TYR D 180 -25.82 2.49 -35.75
N ASP D 181 -25.17 2.23 -36.88
CA ASP D 181 -23.72 2.25 -36.97
C ASP D 181 -23.16 3.60 -36.50
N VAL D 182 -23.77 4.68 -36.97
CA VAL D 182 -23.32 6.01 -36.58
C VAL D 182 -23.42 6.31 -35.10
N TYR D 183 -24.46 5.75 -34.46
CA TYR D 183 -24.63 5.97 -33.04
C TYR D 183 -23.40 5.38 -32.34
N ARG D 184 -23.06 4.16 -32.76
CA ARG D 184 -21.92 3.46 -32.19
C ARG D 184 -20.66 4.34 -32.16
N TYR D 185 -20.32 4.99 -33.27
CA TYR D 185 -19.10 5.80 -33.24
C TYR D 185 -19.18 7.04 -32.37
N LEU D 186 -20.43 7.35 -32.01
CA LEU D 186 -20.58 8.46 -31.13
C LEU D 186 -20.24 8.00 -29.70
N PRO D 187 -19.73 8.92 -28.81
CA PRO D 187 -19.42 8.64 -27.40
C PRO D 187 -20.63 8.33 -26.57
N PRO D 188 -20.43 7.42 -25.64
CA PRO D 188 -21.48 7.12 -24.69
C PRO D 188 -21.81 8.40 -23.90
N ALA D 189 -23.14 8.57 -23.85
CA ALA D 189 -23.88 9.62 -23.18
C ALA D 189 -24.40 10.66 -24.14
N THR D 190 -24.27 10.48 -25.44
CA THR D 190 -24.77 11.44 -26.42
C THR D 190 -26.26 11.73 -26.35
N GLN D 191 -26.55 13.02 -26.41
CA GLN D 191 -27.91 13.55 -26.45
C GLN D 191 -28.45 13.26 -27.83
N VAL D 192 -29.62 12.67 -27.90
CA VAL D 192 -30.22 12.35 -29.18
C VAL D 192 -31.64 12.90 -29.36
N VAL D 193 -31.82 13.82 -30.29
CA VAL D 193 -33.12 14.41 -30.54
C VAL D 193 -33.73 13.79 -31.77
N LEU D 194 -34.81 13.02 -31.67
CA LEU D 194 -35.34 12.48 -32.91
C LEU D 194 -36.54 13.25 -33.38
N ILE D 195 -36.53 13.71 -34.63
CA ILE D 195 -37.65 14.45 -35.19
C ILE D 195 -38.37 13.58 -36.17
N SER D 196 -39.69 13.55 -36.11
CA SER D 196 -40.41 12.74 -37.06
C SER D 196 -41.90 12.90 -37.15
N ALA D 197 -42.38 13.01 -38.38
CA ALA D 197 -43.81 13.16 -38.63
C ALA D 197 -44.64 12.00 -38.09
N THR D 198 -44.16 10.76 -38.26
CA THR D 198 -44.89 9.57 -37.79
C THR D 198 -44.08 8.79 -36.80
N LEU D 199 -44.72 7.91 -36.03
CA LEU D 199 -43.96 7.14 -35.05
C LEU D 199 -44.36 5.68 -35.08
N PRO D 200 -43.73 4.91 -35.96
CA PRO D 200 -43.93 3.47 -36.18
C PRO D 200 -43.45 2.62 -35.02
N HIS D 201 -43.93 1.38 -34.99
CA HIS D 201 -43.55 0.42 -33.94
C HIS D 201 -42.08 0.05 -34.02
N GLU D 202 -41.36 0.71 -34.92
CA GLU D 202 -39.94 0.44 -35.12
C GLU D 202 -39.05 1.66 -34.89
N ILE D 203 -39.66 2.86 -34.88
CA ILE D 203 -38.91 4.09 -34.60
C ILE D 203 -38.79 4.08 -33.10
N LEU D 204 -39.73 3.40 -32.47
CA LEU D 204 -39.74 3.30 -31.03
C LEU D 204 -38.64 2.34 -30.72
N GLU D 205 -38.57 1.26 -31.50
CA GLU D 205 -37.54 0.25 -31.30
C GLU D 205 -36.16 0.88 -31.32
N MET D 206 -36.08 2.02 -31.99
CA MET D 206 -34.84 2.77 -32.11
C MET D 206 -34.72 3.79 -30.98
N THR D 207 -35.79 4.51 -30.69
CA THR D 207 -35.75 5.52 -29.63
C THR D 207 -35.31 4.96 -28.31
N ASN D 208 -36.07 3.99 -27.82
CA ASN D 208 -35.69 3.41 -26.54
C ASN D 208 -34.37 2.63 -26.64
N LYS D 209 -33.90 2.34 -27.86
CA LYS D 209 -32.62 1.63 -28.00
C LYS D 209 -31.39 2.50 -27.75
N PHE D 210 -31.53 3.82 -27.82
CA PHE D 210 -30.42 4.74 -27.51
C PHE D 210 -30.85 6.14 -27.05
N MET D 211 -31.74 6.15 -26.07
CA MET D 211 -32.32 7.37 -25.54
C MET D 211 -32.81 6.99 -24.17
N THR D 212 -32.19 7.55 -23.14
CA THR D 212 -32.64 7.22 -21.80
C THR D 212 -33.66 8.25 -21.33
N ASP D 213 -34.77 7.80 -20.75
CA ASP D 213 -35.82 8.69 -20.23
C ASP D 213 -35.90 9.92 -21.13
N PRO D 214 -36.51 9.75 -22.29
CA PRO D 214 -36.68 10.80 -23.30
C PRO D 214 -37.90 11.60 -22.99
N ILE D 215 -37.94 12.81 -23.52
CA ILE D 215 -39.10 13.66 -23.37
C ILE D 215 -39.89 13.39 -24.62
N ARG D 216 -41.16 13.05 -24.50
CA ARG D 216 -41.90 12.85 -25.73
C ARG D 216 -42.80 14.06 -25.95
N ILE D 217 -42.76 14.63 -27.14
CA ILE D 217 -43.61 15.75 -27.50
C ILE D 217 -44.46 15.32 -28.67
N LEU D 218 -45.67 14.87 -28.40
CA LEU D 218 -46.51 14.37 -29.47
C LEU D 218 -47.59 15.27 -29.92
N VAL D 219 -48.35 14.75 -30.87
CA VAL D 219 -49.45 15.47 -31.44
C VAL D 219 -50.76 15.06 -30.82
N LYS D 220 -50.96 13.76 -30.64
CA LYS D 220 -52.18 13.25 -30.01
C LYS D 220 -52.00 13.05 -28.50
N ARG D 221 -53.03 13.35 -27.73
CA ARG D 221 -52.94 13.16 -26.30
C ARG D 221 -52.54 11.72 -26.00
N ASP D 222 -51.70 11.45 -25.02
CA ASP D 222 -51.32 10.08 -24.69
C ASP D 222 -51.57 9.92 -23.21
N GLU D 223 -52.19 8.84 -22.74
CA GLU D 223 -52.45 8.83 -21.30
C GLU D 223 -52.02 7.59 -20.53
N LEU D 224 -51.66 7.87 -19.29
CA LEU D 224 -51.24 6.88 -18.33
C LEU D 224 -52.25 5.79 -18.17
N THR D 225 -51.80 4.58 -18.07
CA THR D 225 -52.68 3.43 -17.83
C THR D 225 -51.71 2.41 -17.31
N LEU D 226 -52.00 1.70 -16.23
CA LEU D 226 -51.00 0.72 -15.72
C LEU D 226 -50.99 -0.69 -16.31
N GLU D 227 -51.48 -0.87 -17.53
CA GLU D 227 -51.42 -2.14 -18.27
C GLU D 227 -49.97 -2.48 -18.53
N GLY D 228 -49.54 -3.74 -18.34
CA GLY D 228 -48.16 -4.12 -18.51
C GLY D 228 -47.43 -4.08 -17.17
N ILE D 229 -48.03 -3.44 -16.16
CA ILE D 229 -47.31 -3.37 -14.90
C ILE D 229 -47.68 -4.39 -13.89
N LYS D 230 -46.62 -5.01 -13.43
CA LYS D 230 -46.73 -5.95 -12.38
C LYS D 230 -46.78 -5.17 -11.07
N GLN D 231 -47.88 -5.32 -10.34
CA GLN D 231 -48.03 -4.63 -9.08
C GLN D 231 -48.02 -5.59 -7.92
N PHE D 232 -47.26 -5.27 -6.90
CA PHE D 232 -47.22 -6.15 -5.75
C PHE D 232 -47.23 -5.32 -4.49
N PHE D 233 -47.38 -6.03 -3.39
CA PHE D 233 -47.36 -5.39 -2.10
C PHE D 233 -46.66 -6.39 -1.18
N VAL D 234 -45.88 -5.84 -0.29
CA VAL D 234 -45.18 -6.65 0.67
C VAL D 234 -45.86 -6.32 1.96
N ALA D 235 -46.49 -7.34 2.51
CA ALA D 235 -47.25 -7.18 3.74
C ALA D 235 -46.35 -7.00 4.93
N VAL D 236 -45.82 -5.79 5.08
CA VAL D 236 -45.01 -5.47 6.24
C VAL D 236 -46.01 -5.38 7.35
N GLU D 237 -45.66 -4.97 8.55
CA GLU D 237 -46.75 -4.92 9.51
C GLU D 237 -46.91 -3.51 10.08
N ARG D 238 -45.82 -2.91 10.55
CA ARG D 238 -45.75 -1.55 11.08
C ARG D 238 -44.53 -0.84 10.41
N GLU D 239 -44.43 0.49 10.46
CA GLU D 239 -43.33 1.30 9.87
C GLU D 239 -41.89 0.98 10.19
N GLU D 240 -41.56 0.70 11.45
CA GLU D 240 -40.14 0.51 11.74
C GLU D 240 -39.67 -0.75 11.05
N TRP D 241 -40.63 -1.55 10.63
CA TRP D 241 -40.29 -2.79 9.96
C TRP D 241 -40.12 -2.59 8.46
N LYS D 242 -40.58 -1.46 7.94
CA LYS D 242 -40.44 -1.16 6.51
C LYS D 242 -38.98 -1.16 6.10
N PHE D 243 -38.17 -0.35 6.78
CA PHE D 243 -36.75 -0.24 6.47
C PHE D 243 -36.11 -1.61 6.20
N ASP D 244 -36.07 -2.48 7.20
CA ASP D 244 -35.48 -3.80 6.97
C ASP D 244 -36.02 -4.40 5.68
N THR D 245 -37.33 -4.40 5.50
CA THR D 245 -37.94 -4.99 4.31
C THR D 245 -37.39 -4.40 3.03
N LEU D 246 -37.01 -3.14 3.09
CA LEU D 246 -36.46 -2.47 1.91
C LEU D 246 -35.08 -3.03 1.64
N CYS D 247 -34.21 -2.93 2.65
CA CYS D 247 -32.87 -3.45 2.51
C CYS D 247 -32.94 -4.87 1.93
N ASP D 248 -33.61 -5.78 2.63
CA ASP D 248 -33.72 -7.17 2.17
C ASP D 248 -33.93 -7.22 0.66
N LEU D 249 -34.83 -6.42 0.17
CA LEU D 249 -35.22 -6.43 -1.22
C LEU D 249 -34.31 -5.74 -2.20
N TYR D 250 -33.78 -4.65 -1.77
CA TYR D 250 -32.89 -3.80 -2.54
C TYR D 250 -31.71 -4.48 -3.18
N ASP D 251 -31.46 -5.70 -2.67
CA ASP D 251 -30.35 -6.56 -3.10
C ASP D 251 -30.56 -7.01 -4.54
N THR D 252 -31.84 -7.05 -4.93
CA THR D 252 -32.20 -7.38 -6.28
C THR D 252 -32.86 -6.10 -6.82
N LEU D 253 -32.49 -4.98 -6.21
CA LEU D 253 -33.04 -3.64 -6.55
C LEU D 253 -32.14 -2.87 -7.50
N THR D 254 -30.95 -2.49 -6.99
CA THR D 254 -29.94 -1.76 -7.75
C THR D 254 -29.71 -2.45 -9.07
N ILE D 255 -30.20 -3.71 -9.18
CA ILE D 255 -30.13 -4.52 -10.42
C ILE D 255 -30.44 -3.49 -11.51
N THR D 256 -31.34 -2.60 -11.14
CA THR D 256 -31.74 -1.51 -11.97
C THR D 256 -31.79 -0.35 -11.00
N GLN D 257 -32.10 0.82 -11.51
CA GLN D 257 -32.26 1.92 -10.64
C GLN D 257 -33.61 1.68 -10.04
N ALA D 258 -34.11 2.62 -9.27
CA ALA D 258 -35.40 2.44 -8.69
C ALA D 258 -35.75 3.76 -8.11
N VAL D 259 -37.03 4.05 -8.14
CA VAL D 259 -37.52 5.29 -7.55
C VAL D 259 -38.39 4.83 -6.42
N ILE D 260 -38.10 5.38 -5.27
CA ILE D 260 -38.86 5.05 -4.13
C ILE D 260 -39.62 6.26 -3.69
N PHE D 261 -40.90 6.08 -3.58
CA PHE D 261 -41.70 7.23 -3.20
C PHE D 261 -41.82 7.40 -1.71
N CYS D 262 -42.46 8.44 -1.31
CA CYS D 262 -42.77 8.70 0.09
C CYS D 262 -43.83 9.76 0.11
N ASN D 263 -44.48 9.91 1.25
CA ASN D 263 -45.52 10.93 1.35
C ASN D 263 -45.11 12.27 1.97
N THR D 264 -44.03 12.31 2.75
CA THR D 264 -43.58 13.55 3.40
C THR D 264 -42.09 13.91 3.35
N LYS D 265 -41.78 15.21 3.46
CA LYS D 265 -40.39 15.67 3.46
C LYS D 265 -39.65 14.90 4.56
N ARG D 266 -40.02 15.12 5.82
CA ARG D 266 -39.33 14.45 6.92
C ARG D 266 -39.12 12.95 6.67
N LYS D 267 -40.01 12.33 5.90
CA LYS D 267 -39.88 10.89 5.64
C LYS D 267 -38.90 10.49 4.56
N VAL D 268 -38.59 11.42 3.66
CA VAL D 268 -37.61 11.13 2.63
C VAL D 268 -36.30 11.35 3.33
N ASP D 269 -36.15 12.57 3.84
CA ASP D 269 -34.96 12.94 4.57
C ASP D 269 -34.62 11.78 5.49
N TRP D 270 -35.58 11.33 6.30
CA TRP D 270 -35.25 10.22 7.18
C TRP D 270 -34.73 9.04 6.40
N LEU D 271 -35.54 8.50 5.48
CA LEU D 271 -35.13 7.34 4.71
C LEU D 271 -33.76 7.49 4.06
N THR D 272 -33.49 8.67 3.51
CA THR D 272 -32.20 8.93 2.88
C THR D 272 -31.10 8.74 3.93
N GLU D 273 -31.06 9.61 4.94
CA GLU D 273 -30.06 9.51 6.01
C GLU D 273 -29.93 8.08 6.49
N LYS D 274 -31.07 7.46 6.81
CA LYS D 274 -31.07 6.08 7.31
C LYS D 274 -30.51 5.06 6.32
N MET D 275 -30.49 5.38 5.03
CA MET D 275 -29.94 4.45 4.06
C MET D 275 -28.47 4.75 3.78
N ARG D 276 -28.16 6.01 3.98
CA ARG D 276 -26.82 6.46 3.74
C ARG D 276 -25.90 6.14 4.91
N GLU D 277 -26.44 6.05 6.13
CA GLU D 277 -25.63 5.74 7.33
C GLU D 277 -25.38 4.24 7.38
N ALA D 278 -25.98 3.60 6.37
CA ALA D 278 -25.93 2.16 6.17
C ALA D 278 -25.27 1.84 4.83
N ASN D 279 -24.89 2.89 4.10
CA ASN D 279 -24.18 2.73 2.84
C ASN D 279 -24.95 2.18 1.64
N PHE D 280 -25.59 3.09 0.91
CA PHE D 280 -26.37 2.80 -0.29
C PHE D 280 -26.26 4.09 -1.12
N THR D 281 -26.12 3.95 -2.43
CA THR D 281 -25.99 5.13 -3.33
C THR D 281 -27.30 5.82 -3.70
N VAL D 282 -27.59 6.96 -3.05
CA VAL D 282 -28.85 7.67 -3.31
C VAL D 282 -28.80 9.09 -3.81
N SER D 283 -29.99 9.59 -4.15
CA SER D 283 -30.23 10.95 -4.64
C SER D 283 -31.67 11.26 -4.20
N SER D 284 -31.86 12.21 -3.29
CA SER D 284 -33.21 12.50 -2.76
C SER D 284 -33.78 13.88 -3.02
N MET D 285 -35.09 13.96 -3.23
CA MET D 285 -35.72 15.27 -3.46
C MET D 285 -37.16 15.46 -2.97
N HIS D 286 -37.58 16.74 -2.95
CA HIS D 286 -38.91 17.12 -2.53
C HIS D 286 -39.34 18.53 -3.00
N GLY D 287 -40.51 18.98 -2.55
CA GLY D 287 -41.06 20.27 -2.96
C GLY D 287 -40.36 21.57 -2.60
N ASP D 288 -39.60 21.58 -1.51
CA ASP D 288 -38.88 22.79 -1.07
C ASP D 288 -37.64 23.06 -1.91
N MET D 289 -37.55 22.43 -3.09
CA MET D 289 -36.36 22.63 -3.90
C MET D 289 -36.51 23.58 -5.09
N PRO D 290 -35.50 24.45 -5.26
CA PRO D 290 -35.50 25.41 -6.35
C PRO D 290 -35.55 24.68 -7.68
N GLN D 291 -36.36 25.19 -8.59
CA GLN D 291 -36.52 24.59 -9.90
C GLN D 291 -35.23 24.02 -10.51
N LYS D 292 -34.13 24.76 -10.42
CA LYS D 292 -32.86 24.30 -10.99
C LYS D 292 -32.32 23.04 -10.30
N GLU D 293 -32.20 23.07 -8.97
CA GLU D 293 -31.68 21.92 -8.25
C GLU D 293 -32.50 20.68 -8.52
N ARG D 294 -33.82 20.85 -8.51
CA ARG D 294 -34.72 19.75 -8.77
C ARG D 294 -34.19 18.90 -9.92
N GLU D 295 -34.15 19.50 -11.10
CA GLU D 295 -33.67 18.81 -12.30
C GLU D 295 -32.19 18.43 -12.27
N SER D 296 -31.39 19.15 -11.49
CA SER D 296 -29.98 18.83 -11.38
C SER D 296 -29.86 17.41 -10.85
N ILE D 297 -30.82 17.05 -10.00
CA ILE D 297 -30.86 15.74 -9.37
C ILE D 297 -31.21 14.67 -10.39
N MET D 298 -32.32 14.87 -11.09
CA MET D 298 -32.74 13.94 -12.12
C MET D 298 -31.52 13.59 -12.96
N LYS D 299 -30.89 14.63 -13.50
CA LYS D 299 -29.69 14.47 -14.34
C LYS D 299 -28.74 13.48 -13.70
N GLU D 300 -28.56 13.59 -12.39
CA GLU D 300 -27.68 12.66 -11.69
C GLU D 300 -28.29 11.29 -11.92
N PHE D 301 -29.38 11.02 -11.22
CA PHE D 301 -30.06 9.74 -11.34
C PHE D 301 -30.22 9.31 -12.80
N ARG D 302 -30.98 10.08 -13.57
CA ARG D 302 -31.25 9.76 -14.97
C ARG D 302 -30.02 9.14 -15.61
N SER D 303 -28.91 9.88 -15.55
CA SER D 303 -27.63 9.45 -16.11
C SER D 303 -27.30 8.05 -15.62
N GLY D 304 -27.29 7.90 -14.31
CA GLY D 304 -26.98 6.61 -13.72
C GLY D 304 -26.10 6.86 -12.54
N ALA D 305 -25.93 8.13 -12.19
CA ALA D 305 -25.07 8.55 -11.08
C ALA D 305 -25.58 8.22 -9.67
N SER D 306 -26.52 7.27 -9.58
CA SER D 306 -27.07 6.84 -8.29
C SER D 306 -28.02 5.65 -8.51
N ARG D 307 -27.78 4.58 -7.77
CA ARG D 307 -28.56 3.37 -7.92
C ARG D 307 -29.98 3.45 -7.39
N VAL D 308 -30.29 4.55 -6.73
CA VAL D 308 -31.62 4.74 -6.16
C VAL D 308 -32.00 6.18 -5.95
N LEU D 309 -33.24 6.51 -6.29
CA LEU D 309 -33.78 7.86 -6.17
C LEU D 309 -35.00 7.87 -5.27
N ILE D 310 -34.92 8.60 -4.17
CA ILE D 310 -36.01 8.66 -3.23
C ILE D 310 -36.73 10.00 -3.29
N SER D 311 -38.06 9.95 -3.28
CA SER D 311 -38.81 11.21 -3.37
C SER D 311 -40.27 11.20 -2.96
N THR D 312 -40.83 12.41 -2.92
CA THR D 312 -42.24 12.63 -2.60
C THR D 312 -42.95 12.64 -3.94
N ASP D 313 -44.28 12.66 -3.96
CA ASP D 313 -44.96 12.68 -5.24
C ASP D 313 -44.68 14.04 -5.90
N VAL D 314 -43.45 14.21 -6.36
CA VAL D 314 -42.97 15.46 -6.94
C VAL D 314 -42.97 15.61 -8.44
N TRP D 315 -44.12 15.76 -9.05
CA TRP D 315 -44.18 15.96 -10.47
C TRP D 315 -45.56 16.49 -10.73
N ALA D 316 -45.62 17.66 -11.36
CA ALA D 316 -46.90 18.31 -11.66
C ALA D 316 -47.79 17.39 -12.47
N ARG D 317 -47.40 17.12 -13.71
CA ARG D 317 -48.20 16.24 -14.56
C ARG D 317 -48.03 14.81 -14.04
N GLY D 318 -48.37 13.82 -14.86
CA GLY D 318 -48.23 12.43 -14.44
C GLY D 318 -47.10 11.72 -15.14
N LEU D 319 -47.07 11.84 -16.48
CA LEU D 319 -46.06 11.20 -17.33
C LEU D 319 -44.62 11.61 -16.98
N ASP D 320 -44.47 12.85 -16.50
CA ASP D 320 -43.15 13.38 -16.12
C ASP D 320 -42.50 12.62 -14.96
N VAL D 321 -42.04 11.40 -15.21
CA VAL D 321 -41.37 10.61 -14.16
C VAL D 321 -40.09 10.07 -14.77
N PRO D 322 -39.19 9.55 -13.93
CA PRO D 322 -37.95 9.02 -14.51
C PRO D 322 -38.13 7.56 -14.91
N GLN D 323 -39.14 7.32 -15.75
CA GLN D 323 -39.49 6.00 -16.26
C GLN D 323 -38.38 4.96 -16.22
N VAL D 324 -38.35 4.22 -15.11
CA VAL D 324 -37.37 3.16 -14.89
C VAL D 324 -38.09 1.81 -14.88
N SER D 325 -37.47 0.80 -14.27
CA SER D 325 -38.10 -0.51 -14.22
C SER D 325 -38.59 -0.89 -12.84
N LEU D 326 -38.23 -0.12 -11.81
CA LEU D 326 -38.71 -0.44 -10.46
C LEU D 326 -39.08 0.73 -9.57
N ILE D 327 -40.37 0.87 -9.31
CA ILE D 327 -40.89 1.93 -8.44
C ILE D 327 -41.26 1.24 -7.16
N ILE D 328 -40.93 1.85 -6.05
CA ILE D 328 -41.28 1.23 -4.80
C ILE D 328 -42.05 2.18 -3.95
N ASN D 329 -43.34 1.94 -3.79
CA ASN D 329 -44.15 2.81 -2.95
C ASN D 329 -43.80 2.45 -1.51
N TYR D 330 -42.77 3.13 -0.99
CA TYR D 330 -42.30 2.87 0.36
C TYR D 330 -43.45 3.20 1.26
N ASP D 331 -44.27 4.09 0.73
CA ASP D 331 -45.48 4.58 1.36
C ASP D 331 -46.57 4.55 0.30
N LEU D 332 -47.79 4.25 0.73
CA LEU D 332 -48.88 4.27 -0.20
C LEU D 332 -49.38 5.69 -0.12
N PRO D 333 -49.89 6.22 -1.23
CA PRO D 333 -50.40 7.57 -1.17
C PRO D 333 -51.78 7.47 -0.52
N ASN D 334 -52.39 8.61 -0.21
CA ASN D 334 -53.71 8.61 0.39
C ASN D 334 -54.87 8.94 -0.51
N ASN D 335 -54.60 9.63 -1.60
CA ASN D 335 -55.69 9.85 -2.56
C ASN D 335 -55.38 8.95 -3.75
N ARG D 336 -56.25 7.96 -3.94
CA ARG D 336 -56.09 7.00 -5.01
C ARG D 336 -55.65 7.65 -6.30
N GLU D 337 -56.30 8.75 -6.64
CA GLU D 337 -56.01 9.42 -7.89
C GLU D 337 -54.54 9.63 -8.21
N LEU D 338 -53.68 9.67 -7.21
CA LEU D 338 -52.29 9.93 -7.54
C LEU D 338 -51.43 8.69 -7.60
N TYR D 339 -51.96 7.57 -7.16
CA TYR D 339 -51.21 6.31 -7.22
C TYR D 339 -50.74 6.09 -8.66
N ILE D 340 -51.67 6.16 -9.61
CA ILE D 340 -51.38 5.93 -11.03
C ILE D 340 -50.43 7.00 -11.49
N HIS D 341 -50.68 8.19 -10.98
CA HIS D 341 -49.88 9.35 -11.28
C HIS D 341 -48.43 9.04 -10.84
N ARG D 342 -48.29 8.11 -9.92
CA ARG D 342 -47.00 7.69 -9.38
C ARG D 342 -46.28 6.68 -10.26
N ILE D 343 -46.86 5.49 -10.33
CA ILE D 343 -46.32 4.34 -11.08
C ILE D 343 -46.85 4.04 -12.48
N GLY D 344 -47.78 4.84 -12.98
CA GLY D 344 -48.31 4.57 -14.30
C GLY D 344 -47.31 4.74 -15.44
N ARG D 345 -47.54 4.03 -16.55
CA ARG D 345 -46.67 4.11 -17.71
C ARG D 345 -47.38 4.80 -18.87
N SER D 346 -46.79 4.75 -20.06
CA SER D 346 -47.39 5.41 -21.21
C SER D 346 -48.18 4.52 -22.14
N GLY D 347 -48.12 3.22 -21.94
CA GLY D 347 -48.88 2.34 -22.80
C GLY D 347 -48.45 2.33 -24.26
N ARG D 348 -48.66 3.44 -24.97
CA ARG D 348 -48.28 3.44 -26.36
C ARG D 348 -46.79 3.61 -26.60
N TYR D 349 -46.10 4.38 -25.76
CA TYR D 349 -44.66 4.59 -25.94
C TYR D 349 -43.80 4.34 -24.70
N GLY D 350 -44.39 3.78 -23.65
CA GLY D 350 -43.62 3.54 -22.43
C GLY D 350 -43.26 2.09 -22.20
N ARG D 351 -42.09 1.87 -21.60
CA ARG D 351 -41.63 0.51 -21.31
C ARG D 351 -42.52 -0.16 -20.29
N LYS D 352 -42.51 -1.50 -20.29
CA LYS D 352 -43.30 -2.25 -19.34
C LYS D 352 -42.47 -2.21 -18.04
N GLY D 353 -43.11 -2.30 -16.88
CA GLY D 353 -42.35 -2.23 -15.63
C GLY D 353 -42.95 -2.93 -14.41
N VAL D 354 -42.45 -2.59 -13.24
CA VAL D 354 -42.91 -3.19 -11.99
C VAL D 354 -42.94 -2.21 -10.85
N ALA D 355 -43.92 -2.35 -9.96
CA ALA D 355 -44.06 -1.47 -8.82
C ALA D 355 -44.39 -2.29 -7.58
N ILE D 356 -43.70 -2.01 -6.49
CA ILE D 356 -43.91 -2.73 -5.27
C ILE D 356 -44.46 -1.80 -4.24
N ASN D 357 -45.54 -2.23 -3.59
CA ASN D 357 -46.22 -1.43 -2.58
C ASN D 357 -46.00 -1.93 -1.16
N PHE D 358 -45.46 -1.07 -0.29
CA PHE D 358 -45.28 -1.47 1.12
C PHE D 358 -46.57 -1.08 1.86
N VAL D 359 -47.35 -2.08 2.29
CA VAL D 359 -48.59 -1.79 3.01
C VAL D 359 -48.68 -2.37 4.42
N LYS D 360 -48.68 -1.47 5.40
CA LYS D 360 -48.80 -1.89 6.77
C LYS D 360 -50.28 -1.95 7.08
N ASN D 361 -50.67 -2.87 7.96
CA ASN D 361 -52.07 -3.05 8.34
C ASN D 361 -52.93 -1.80 8.17
N ASP D 362 -52.50 -0.69 8.75
CA ASP D 362 -53.28 0.54 8.65
C ASP D 362 -53.68 0.93 7.22
N ASP D 363 -52.94 0.48 6.22
CA ASP D 363 -53.26 0.82 4.82
C ASP D 363 -53.88 -0.35 4.12
N ILE D 364 -53.97 -1.48 4.80
CA ILE D 364 -54.49 -2.65 4.13
C ILE D 364 -55.82 -2.32 3.47
N ARG D 365 -56.49 -1.30 3.99
CA ARG D 365 -57.77 -0.87 3.44
C ARG D 365 -57.61 -0.12 2.12
N ILE D 366 -56.94 1.03 2.17
CA ILE D 366 -56.69 1.86 0.98
C ILE D 366 -56.36 1.02 -0.23
N LEU D 367 -55.44 0.08 -0.03
CA LEU D 367 -55.01 -0.79 -1.10
C LEU D 367 -56.26 -1.46 -1.69
N ARG D 368 -57.27 -1.67 -0.88
CA ARG D 368 -58.49 -2.27 -1.39
C ARG D 368 -59.25 -1.18 -2.15
N ASP D 369 -59.00 0.07 -1.82
CA ASP D 369 -59.65 1.19 -2.48
C ASP D 369 -58.95 1.57 -3.80
N ILE D 370 -57.68 1.21 -3.91
CA ILE D 370 -56.88 1.50 -5.10
C ILE D 370 -57.10 0.38 -6.10
N GLU D 371 -57.17 -0.83 -5.56
CA GLU D 371 -57.38 -1.99 -6.39
C GLU D 371 -58.74 -1.72 -7.01
N GLN D 372 -59.74 -1.50 -6.16
CA GLN D 372 -61.08 -1.23 -6.64
C GLN D 372 -61.07 -0.02 -7.57
N TYR D 373 -60.39 1.04 -7.14
CA TYR D 373 -60.33 2.28 -7.92
C TYR D 373 -59.97 2.10 -9.39
N TYR D 374 -58.90 1.37 -9.69
CA TYR D 374 -58.51 1.18 -11.09
C TYR D 374 -59.07 -0.09 -11.71
N SER D 375 -59.58 -0.98 -10.88
CA SER D 375 -60.11 -2.22 -11.40
C SER D 375 -58.88 -2.96 -11.95
N THR D 376 -57.88 -3.11 -11.10
CA THR D 376 -56.64 -3.80 -11.43
C THR D 376 -56.33 -4.73 -10.24
N GLN D 377 -55.29 -5.55 -10.36
CA GLN D 377 -54.99 -6.47 -9.27
C GLN D 377 -53.58 -6.24 -8.75
N ILE D 378 -53.43 -6.39 -7.43
CA ILE D 378 -52.15 -6.23 -6.77
C ILE D 378 -51.89 -7.38 -5.79
N ASP D 379 -50.96 -8.24 -6.17
CA ASP D 379 -50.60 -9.42 -5.40
C ASP D 379 -49.49 -9.22 -4.37
N GLU D 380 -49.39 -10.17 -3.45
CA GLU D 380 -48.36 -10.15 -2.41
C GLU D 380 -47.08 -10.57 -3.15
N MET D 381 -45.92 -10.46 -2.53
CA MET D 381 -44.67 -10.83 -3.20
C MET D 381 -44.18 -12.30 -3.11
N PRO D 382 -44.03 -12.96 -4.27
CA PRO D 382 -43.56 -14.35 -4.35
C PRO D 382 -42.02 -14.42 -4.43
N MET D 383 -41.44 -15.41 -3.76
CA MET D 383 -39.99 -15.62 -3.69
C MET D 383 -39.23 -15.39 -5.00
N ASN D 384 -39.97 -15.32 -6.10
CA ASN D 384 -39.40 -15.12 -7.42
C ASN D 384 -39.11 -13.65 -7.76
N VAL D 385 -37.84 -13.25 -7.68
CA VAL D 385 -37.42 -11.89 -8.05
C VAL D 385 -36.91 -12.05 -9.48
N ALA D 386 -37.19 -13.23 -10.03
CA ALA D 386 -36.80 -13.61 -11.39
C ALA D 386 -37.92 -13.14 -12.31
N ASP D 387 -38.64 -12.11 -11.86
CA ASP D 387 -39.74 -11.54 -12.61
C ASP D 387 -39.44 -10.08 -12.93
N LEU D 388 -38.25 -9.64 -12.50
CA LEU D 388 -37.78 -8.28 -12.74
C LEU D 388 -36.76 -8.31 -13.89
N ILE D 389 -36.48 -9.50 -14.39
CA ILE D 389 -35.54 -9.73 -15.49
C ILE D 389 -35.78 -8.84 -16.71
N LEU D 390 -37.00 -8.32 -16.82
CA LEU D 390 -37.43 -7.46 -17.93
C LEU D 390 -36.66 -6.16 -18.21
N GLU D 391 -35.94 -6.13 -19.33
CA GLU D 391 -35.14 -4.98 -19.78
C GLU D 391 -34.50 -4.15 -18.68
#